data_2GO9
#
_entry.id   2GO9
#
_cell.length_a   1.000
_cell.length_b   1.000
_cell.length_c   1.000
_cell.angle_alpha   90.00
_cell.angle_beta   90.00
_cell.angle_gamma   90.00
#
_symmetry.space_group_name_H-M   'P 1'
#
_entity_poly.entity_id   1
_entity_poly.type   'polypeptide(L)'
_entity_poly.pdbx_seq_one_letter_code
;MRELTTVLVKNLPKSYNQNKVYKYFKHCGPIIHVDVADSLKKNFRFARIEFARYDGALAAITKTHKVVGQNEIIVSHLTE
CTLWMTNFPPSYTQRNIRDLLQDINVVALSIRLPSLRFNTSRRFAYIDVTSKEDARYCVEKLNGLKIEGYTLVTKVSNPL
E
;
_entity_poly.pdbx_strand_id   A
#
# COMPACT_ATOMS: atom_id res chain seq x y z
N MET A 1 -19.22 4.09 7.06
CA MET A 1 -18.06 3.21 7.21
C MET A 1 -18.26 2.08 6.19
N ARG A 2 -17.47 2.08 5.11
CA ARG A 2 -17.54 1.28 3.88
C ARG A 2 -17.33 2.22 2.68
N GLU A 3 -16.09 2.43 2.26
CA GLU A 3 -15.79 3.03 0.97
C GLU A 3 -14.51 2.37 0.46
N LEU A 4 -14.35 2.23 -0.85
CA LEU A 4 -13.17 1.69 -1.50
C LEU A 4 -12.52 2.85 -2.25
N THR A 5 -11.72 3.66 -1.55
CA THR A 5 -11.08 4.85 -2.12
C THR A 5 -9.70 4.56 -2.71
N THR A 6 -9.28 3.30 -2.66
CA THR A 6 -7.92 2.87 -2.85
C THR A 6 -7.97 1.62 -3.72
N VAL A 7 -7.15 1.59 -4.76
CA VAL A 7 -7.16 0.55 -5.76
C VAL A 7 -5.76 -0.06 -5.86
N LEU A 8 -5.71 -1.29 -6.34
CA LEU A 8 -4.52 -2.07 -6.53
C LEU A 8 -4.52 -2.58 -7.96
N VAL A 9 -3.35 -2.58 -8.59
CA VAL A 9 -3.16 -3.13 -9.93
C VAL A 9 -2.30 -4.39 -9.79
N LYS A 10 -2.52 -5.39 -10.65
CA LYS A 10 -1.73 -6.62 -10.72
C LYS A 10 -1.25 -6.80 -12.15
N ASN A 11 -0.29 -7.71 -12.32
CA ASN A 11 0.27 -8.29 -13.55
C ASN A 11 1.50 -7.48 -13.92
N LEU A 12 1.29 -6.19 -14.20
CA LEU A 12 2.28 -5.15 -14.52
C LEU A 12 3.47 -5.67 -15.34
N PRO A 13 3.35 -5.70 -16.68
CA PRO A 13 4.46 -6.02 -17.56
C PRO A 13 5.51 -4.90 -17.53
N LYS A 14 6.65 -5.17 -18.17
CA LYS A 14 7.60 -4.14 -18.59
C LYS A 14 6.88 -3.00 -19.30
N SER A 15 5.87 -3.32 -20.11
CA SER A 15 5.11 -2.42 -20.94
C SER A 15 4.23 -1.45 -20.12
N TYR A 16 4.09 -1.68 -18.80
CA TYR A 16 3.34 -0.82 -17.89
C TYR A 16 4.26 -0.49 -16.70
N ASN A 17 5.47 0.00 -17.00
CA ASN A 17 6.43 0.52 -16.03
C ASN A 17 5.86 1.81 -15.43
N GLN A 18 6.43 2.34 -14.34
CA GLN A 18 5.91 3.49 -13.59
C GLN A 18 5.56 4.65 -14.52
N ASN A 19 6.44 5.01 -15.45
CA ASN A 19 6.25 6.11 -16.39
C ASN A 19 4.93 5.94 -17.15
N LYS A 20 4.74 4.76 -17.74
CA LYS A 20 3.53 4.35 -18.43
C LYS A 20 2.32 4.35 -17.50
N VAL A 21 2.41 3.79 -16.28
CA VAL A 21 1.28 3.80 -15.37
C VAL A 21 0.82 5.21 -15.02
N TYR A 22 1.79 6.07 -14.78
CA TYR A 22 1.62 7.49 -14.48
C TYR A 22 0.72 8.12 -15.55
N LYS A 23 1.02 7.93 -16.84
CA LYS A 23 0.16 8.42 -17.94
C LYS A 23 -1.29 8.00 -17.68
N TYR A 24 -1.51 6.73 -17.35
CA TYR A 24 -2.87 6.21 -17.19
C TYR A 24 -3.56 6.77 -15.94
N PHE A 25 -2.94 6.78 -14.74
CA PHE A 25 -3.70 7.15 -13.52
C PHE A 25 -4.13 8.62 -13.59
N LYS A 26 -3.27 9.52 -14.09
CA LYS A 26 -3.63 10.94 -14.21
C LYS A 26 -4.73 11.16 -15.24
N HIS A 27 -4.87 10.29 -16.24
CA HIS A 27 -5.99 10.31 -17.18
C HIS A 27 -7.22 9.61 -16.61
N CYS A 28 -7.12 8.86 -15.51
CA CYS A 28 -8.29 8.30 -14.84
C CYS A 28 -9.00 9.40 -14.05
N GLY A 29 -8.37 9.97 -13.02
CA GLY A 29 -9.04 10.84 -12.06
C GLY A 29 -8.06 11.78 -11.37
N PRO A 30 -8.52 12.52 -10.34
CA PRO A 30 -7.64 13.11 -9.33
C PRO A 30 -7.17 12.01 -8.35
N ILE A 31 -5.96 12.14 -7.81
CA ILE A 31 -5.33 11.16 -6.93
C ILE A 31 -4.49 11.88 -5.86
N ILE A 32 -4.45 11.33 -4.65
CA ILE A 32 -3.53 11.75 -3.59
C ILE A 32 -2.17 11.08 -3.81
N HIS A 33 -2.09 9.74 -3.81
CA HIS A 33 -0.81 9.02 -3.88
C HIS A 33 -0.87 7.85 -4.87
N VAL A 34 0.29 7.43 -5.37
CA VAL A 34 0.45 6.38 -6.37
C VAL A 34 1.86 5.78 -6.17
N ASP A 35 2.00 4.46 -6.34
CA ASP A 35 3.26 3.72 -6.25
C ASP A 35 3.17 2.45 -7.09
N VAL A 36 4.29 1.78 -7.40
CA VAL A 36 4.30 0.42 -7.95
C VAL A 36 5.03 -0.50 -6.97
N ALA A 37 4.82 -1.80 -7.12
CA ALA A 37 5.51 -2.82 -6.38
C ALA A 37 6.17 -3.78 -7.36
N ASP A 38 7.47 -3.62 -7.44
CA ASP A 38 8.45 -4.55 -7.94
C ASP A 38 8.61 -5.65 -6.89
N SER A 39 8.03 -6.81 -7.19
CA SER A 39 8.05 -8.01 -6.36
C SER A 39 8.97 -9.02 -7.04
N LEU A 40 10.29 -8.84 -6.92
CA LEU A 40 11.25 -9.60 -7.72
C LEU A 40 11.14 -11.10 -7.46
N LYS A 41 10.69 -11.49 -6.26
CA LYS A 41 10.44 -12.88 -5.87
C LYS A 41 9.34 -13.57 -6.71
N LYS A 42 8.50 -12.84 -7.45
CA LYS A 42 7.43 -13.39 -8.27
C LYS A 42 7.57 -12.88 -9.69
N ASN A 43 6.94 -13.56 -10.65
CA ASN A 43 6.86 -13.06 -12.02
C ASN A 43 6.08 -11.74 -12.03
N PHE A 44 4.79 -11.80 -11.68
CA PHE A 44 3.88 -10.66 -11.82
C PHE A 44 4.24 -9.56 -10.83
N ARG A 45 4.10 -8.31 -11.25
CA ARG A 45 4.24 -7.13 -10.40
C ARG A 45 2.85 -6.70 -9.89
N PHE A 46 2.84 -5.76 -8.95
CA PHE A 46 1.63 -5.08 -8.46
C PHE A 46 1.84 -3.57 -8.46
N ALA A 47 0.82 -2.79 -8.13
CA ALA A 47 0.91 -1.36 -7.84
C ALA A 47 -0.25 -0.95 -6.94
N ARG A 48 -0.20 0.26 -6.36
CA ARG A 48 -1.23 0.73 -5.43
C ARG A 48 -1.49 2.22 -5.65
N ILE A 49 -2.75 2.68 -5.59
CA ILE A 49 -3.12 4.07 -5.86
C ILE A 49 -4.20 4.51 -4.86
N GLU A 50 -3.91 5.57 -4.09
CA GLU A 50 -4.86 6.27 -3.25
C GLU A 50 -5.44 7.43 -4.03
N PHE A 51 -6.51 7.13 -4.79
CA PHE A 51 -7.38 8.13 -5.41
C PHE A 51 -8.08 8.99 -4.36
N ALA A 52 -8.37 8.42 -3.18
CA ALA A 52 -9.12 9.03 -2.09
C ALA A 52 -10.60 9.30 -2.44
N ARG A 53 -11.12 8.74 -3.54
CA ARG A 53 -12.51 8.90 -3.98
C ARG A 53 -13.07 7.57 -4.50
N TYR A 54 -14.39 7.46 -4.44
CA TYR A 54 -15.11 6.30 -4.97
C TYR A 54 -15.18 6.37 -6.50
N ASP A 55 -15.52 7.52 -7.08
CA ASP A 55 -15.48 7.76 -8.52
C ASP A 55 -14.05 7.58 -9.07
N GLY A 56 -13.05 7.89 -8.24
CA GLY A 56 -11.65 7.63 -8.54
C GLY A 56 -11.41 6.14 -8.76
N ALA A 57 -11.86 5.30 -7.81
CA ALA A 57 -11.73 3.86 -7.92
C ALA A 57 -12.39 3.36 -9.21
N LEU A 58 -13.63 3.76 -9.52
CA LEU A 58 -14.31 3.29 -10.72
C LEU A 58 -13.53 3.66 -11.98
N ALA A 59 -13.02 4.89 -12.07
CA ALA A 59 -12.21 5.30 -13.21
C ALA A 59 -10.96 4.44 -13.39
N ALA A 60 -10.41 3.90 -12.30
CA ALA A 60 -9.27 3.00 -12.36
C ALA A 60 -9.70 1.59 -12.80
N ILE A 61 -10.68 1.01 -12.10
CA ILE A 61 -11.19 -0.35 -12.29
C ILE A 61 -11.62 -0.52 -13.75
N THR A 62 -12.39 0.43 -14.29
CA THR A 62 -12.85 0.42 -15.67
C THR A 62 -11.68 0.41 -16.66
N LYS A 63 -10.59 1.11 -16.34
CA LYS A 63 -9.41 1.21 -17.20
C LYS A 63 -8.66 -0.12 -17.35
N THR A 64 -9.05 -1.18 -16.64
CA THR A 64 -8.33 -2.46 -16.70
C THR A 64 -8.41 -3.08 -18.09
N HIS A 65 -9.52 -2.90 -18.83
CA HIS A 65 -9.78 -3.61 -20.08
C HIS A 65 -9.07 -2.91 -21.23
N LYS A 66 -7.73 -2.93 -21.19
CA LYS A 66 -6.77 -2.57 -22.21
C LYS A 66 -5.53 -3.41 -21.94
N VAL A 67 -5.25 -4.41 -22.77
CA VAL A 67 -4.04 -5.22 -22.69
C VAL A 67 -2.84 -4.33 -22.97
N VAL A 68 -1.66 -4.73 -22.51
CA VAL A 68 -0.44 -3.95 -22.70
C VAL A 68 0.77 -4.86 -22.88
N GLY A 69 1.06 -5.24 -24.13
CA GLY A 69 2.22 -6.06 -24.47
C GLY A 69 2.12 -7.43 -23.82
N GLN A 70 1.12 -8.22 -24.21
CA GLN A 70 0.98 -9.64 -23.88
C GLN A 70 0.77 -9.89 -22.39
N ASN A 71 0.45 -8.87 -21.58
CA ASN A 71 0.20 -9.05 -20.16
C ASN A 71 -0.91 -8.11 -19.71
N GLU A 72 -2.14 -8.57 -19.90
CA GLU A 72 -3.36 -7.87 -19.51
C GLU A 72 -3.36 -7.56 -18.00
N ILE A 73 -3.21 -6.29 -17.64
CA ILE A 73 -3.15 -5.81 -16.26
C ILE A 73 -4.54 -5.83 -15.61
N ILE A 74 -4.59 -6.03 -14.29
CA ILE A 74 -5.82 -6.22 -13.53
C ILE A 74 -5.94 -5.11 -12.49
N VAL A 75 -6.94 -4.25 -12.60
CA VAL A 75 -7.21 -3.15 -11.67
C VAL A 75 -8.46 -3.51 -10.87
N SER A 76 -8.38 -3.35 -9.56
CA SER A 76 -9.48 -3.61 -8.65
C SER A 76 -9.33 -2.71 -7.42
N HIS A 77 -10.27 -2.78 -6.48
CA HIS A 77 -10.09 -2.20 -5.15
C HIS A 77 -8.87 -2.83 -4.44
N LEU A 78 -8.43 -2.20 -3.36
CA LEU A 78 -7.33 -2.64 -2.52
C LEU A 78 -7.86 -3.74 -1.58
N THR A 79 -7.02 -4.69 -1.18
CA THR A 79 -7.37 -5.76 -0.23
C THR A 79 -6.69 -5.42 1.11
N GLU A 80 -7.14 -6.08 2.18
CA GLU A 80 -6.81 -5.87 3.58
C GLU A 80 -5.33 -6.11 3.94
N CYS A 81 -4.45 -6.34 2.96
CA CYS A 81 -3.04 -6.64 3.09
C CYS A 81 -2.14 -5.42 3.43
N THR A 82 -2.77 -4.31 3.80
CA THR A 82 -2.11 -3.11 4.28
C THR A 82 -1.99 -3.22 5.79
N LEU A 83 -0.76 -3.32 6.31
CA LEU A 83 -0.53 -2.98 7.70
C LEU A 83 -0.58 -1.46 7.85
N TRP A 84 -1.01 -0.98 9.02
CA TRP A 84 -0.85 0.41 9.38
C TRP A 84 -0.61 0.51 10.87
N MET A 85 0.33 1.38 11.26
CA MET A 85 0.68 1.67 12.65
C MET A 85 -0.03 2.95 13.07
N THR A 86 -0.44 3.03 14.35
CA THR A 86 -1.16 4.19 14.86
C THR A 86 -0.47 4.81 16.07
N ASN A 87 -0.32 4.02 17.11
CA ASN A 87 0.23 4.39 18.42
C ASN A 87 1.76 4.52 18.40
N PHE A 88 2.38 4.77 17.24
CA PHE A 88 3.82 4.65 17.01
C PHE A 88 4.52 6.03 16.97
N PRO A 89 5.80 6.13 17.35
CA PRO A 89 6.52 7.41 17.34
C PRO A 89 6.97 7.80 15.92
N PRO A 90 7.22 9.09 15.66
CA PRO A 90 7.61 9.58 14.33
C PRO A 90 8.99 9.11 13.88
N SER A 91 9.82 8.59 14.79
CA SER A 91 11.16 8.09 14.49
C SER A 91 11.15 6.81 13.64
N TYR A 92 9.98 6.22 13.37
CA TYR A 92 9.81 5.23 12.31
C TYR A 92 9.96 5.95 10.96
N THR A 93 11.19 6.02 10.48
CA THR A 93 11.57 6.53 9.17
C THR A 93 11.25 5.47 8.11
N GLN A 94 10.97 5.89 6.86
CA GLN A 94 10.56 5.01 5.79
C GLN A 94 11.57 3.87 5.53
N ARG A 95 12.87 4.20 5.53
CA ARG A 95 13.98 3.24 5.52
C ARG A 95 13.81 2.16 6.60
N ASN A 96 13.58 2.54 7.85
CA ASN A 96 13.40 1.66 8.99
C ASN A 96 12.34 0.62 8.73
N ILE A 97 11.27 1.00 8.03
CA ILE A 97 10.19 0.07 7.75
C ILE A 97 10.67 -0.96 6.74
N ARG A 98 11.43 -0.55 5.70
CA ARG A 98 11.94 -1.49 4.70
C ARG A 98 12.89 -2.51 5.34
N ASP A 99 13.64 -2.11 6.36
CA ASP A 99 14.43 -3.04 7.17
C ASP A 99 13.50 -3.97 7.94
N LEU A 100 12.54 -3.43 8.69
CA LEU A 100 11.69 -4.20 9.60
C LEU A 100 10.83 -5.22 8.86
N LEU A 101 10.31 -4.89 7.68
CA LEU A 101 9.55 -5.81 6.87
C LEU A 101 10.44 -6.88 6.25
N GLN A 102 11.72 -6.60 6.02
CA GLN A 102 12.64 -7.64 5.56
C GLN A 102 12.98 -8.57 6.73
N ASP A 103 13.02 -8.02 7.94
CA ASP A 103 13.35 -8.74 9.16
C ASP A 103 12.26 -9.72 9.57
N ILE A 104 10.98 -9.41 9.35
CA ILE A 104 9.86 -10.28 9.72
C ILE A 104 9.31 -11.05 8.52
N ASN A 105 9.21 -10.41 7.35
CA ASN A 105 8.69 -11.05 6.16
C ASN A 105 9.87 -11.49 5.30
N VAL A 106 10.39 -10.54 4.53
CA VAL A 106 11.39 -10.60 3.45
C VAL A 106 11.05 -9.53 2.40
N VAL A 107 9.80 -9.52 1.96
CA VAL A 107 9.28 -8.78 0.81
C VAL A 107 8.10 -7.90 1.23
N ALA A 108 8.04 -6.68 0.69
CA ALA A 108 6.91 -5.77 0.80
C ALA A 108 6.45 -5.34 -0.57
N LEU A 109 5.26 -4.73 -0.58
CA LEU A 109 4.63 -4.21 -1.76
C LEU A 109 4.98 -2.72 -1.78
N SER A 110 4.58 -1.95 -0.76
CA SER A 110 4.79 -0.48 -0.73
C SER A 110 4.81 0.08 0.70
N ILE A 111 5.24 1.35 0.91
CA ILE A 111 5.51 1.93 2.24
C ILE A 111 5.17 3.44 2.21
N ARG A 112 4.12 3.89 2.91
CA ARG A 112 3.67 5.28 3.02
C ARG A 112 3.87 5.77 4.45
N LEU A 113 4.56 6.91 4.61
CA LEU A 113 4.61 7.69 5.85
C LEU A 113 3.56 8.81 5.77
N PRO A 114 3.12 9.35 6.91
CA PRO A 114 2.36 10.59 6.93
C PRO A 114 3.27 11.81 6.69
N SER A 115 2.65 12.90 6.24
CA SER A 115 3.21 14.21 6.03
C SER A 115 2.05 15.19 6.27
N LEU A 116 1.89 15.63 7.52
CA LEU A 116 0.83 16.54 7.91
C LEU A 116 1.32 17.98 7.79
N ARG A 117 2.18 18.31 8.74
CA ARG A 117 2.81 19.61 8.88
C ARG A 117 4.31 19.44 8.61
N PHE A 118 5.08 19.01 9.60
CA PHE A 118 6.54 18.94 9.52
C PHE A 118 7.01 17.51 9.77
N ASN A 119 6.80 17.02 11.00
CA ASN A 119 7.00 15.65 11.45
C ASN A 119 6.22 15.39 12.72
N THR A 120 6.06 16.40 13.58
CA THR A 120 5.56 16.24 14.94
C THR A 120 4.02 16.16 14.97
N SER A 121 3.41 15.40 14.05
CA SER A 121 1.98 15.43 13.76
C SER A 121 1.18 14.29 14.41
N ARG A 122 1.87 13.28 14.98
CA ARG A 122 1.31 12.05 15.57
C ARG A 122 0.15 11.47 14.74
N ARG A 123 0.28 11.46 13.42
CA ARG A 123 -0.65 10.78 12.50
C ARG A 123 -0.24 9.31 12.42
N PHE A 124 -0.82 8.55 11.48
CA PHE A 124 -0.66 7.11 11.38
C PHE A 124 0.09 6.80 10.07
N ALA A 125 0.60 5.57 9.87
CA ALA A 125 1.44 5.20 8.72
C ALA A 125 0.96 3.87 8.14
N TYR A 126 1.19 3.62 6.85
CA TYR A 126 0.44 2.63 6.06
C TYR A 126 1.39 1.93 5.09
N ILE A 127 1.46 0.60 5.10
CA ILE A 127 2.47 -0.20 4.44
C ILE A 127 1.75 -1.42 3.86
N ASP A 128 2.04 -1.82 2.64
CA ASP A 128 1.35 -2.90 1.95
C ASP A 128 2.34 -4.05 1.81
N VAL A 129 1.89 -5.29 2.04
CA VAL A 129 2.76 -6.45 1.77
C VAL A 129 1.97 -7.58 1.10
N THR A 130 2.58 -8.27 0.14
CA THR A 130 2.12 -9.53 -0.43
C THR A 130 2.05 -10.63 0.66
N SER A 131 2.90 -10.53 1.67
CA SER A 131 3.30 -11.44 2.73
C SER A 131 2.20 -11.74 3.78
N LYS A 132 0.95 -11.39 3.48
CA LYS A 132 -0.19 -11.31 4.39
C LYS A 132 -0.43 -12.52 5.28
N GLU A 133 -0.06 -13.72 4.84
CA GLU A 133 -0.21 -14.91 5.66
C GLU A 133 0.59 -14.79 6.95
N ASP A 134 1.87 -14.43 6.84
CA ASP A 134 2.74 -14.20 8.00
C ASP A 134 2.37 -12.87 8.67
N ALA A 135 1.80 -11.92 7.92
CA ALA A 135 1.39 -10.63 8.48
C ALA A 135 0.32 -10.81 9.56
N ARG A 136 -0.55 -11.83 9.43
CA ARG A 136 -1.57 -12.17 10.43
C ARG A 136 -0.94 -12.56 11.77
N TYR A 137 0.25 -13.16 11.77
CA TYR A 137 1.02 -13.46 12.96
C TYR A 137 1.69 -12.17 13.48
N CYS A 138 2.36 -11.41 12.61
CA CYS A 138 3.09 -10.20 12.97
C CYS A 138 2.18 -9.19 13.67
N VAL A 139 0.95 -9.03 13.16
CA VAL A 139 -0.03 -8.09 13.77
C VAL A 139 -0.19 -8.37 15.23
N GLU A 140 -0.51 -9.61 15.52
CA GLU A 140 -0.80 -10.14 16.82
C GLU A 140 0.32 -9.80 17.81
N LYS A 141 1.57 -10.04 17.41
CA LYS A 141 2.78 -9.65 18.15
C LYS A 141 2.80 -8.14 18.39
N LEU A 142 2.78 -7.36 17.31
CA LEU A 142 2.97 -5.91 17.36
C LEU A 142 1.80 -5.17 18.01
N ASN A 143 0.59 -5.74 18.05
CA ASN A 143 -0.60 -5.12 18.62
C ASN A 143 -0.49 -4.96 20.14
N GLY A 144 0.54 -5.58 20.74
CA GLY A 144 0.89 -5.56 22.14
C GLY A 144 2.39 -5.76 22.28
N LEU A 145 3.18 -5.08 21.43
CA LEU A 145 4.60 -4.79 21.67
C LEU A 145 4.67 -3.62 22.66
N LYS A 146 5.75 -3.50 23.43
CA LYS A 146 6.01 -2.41 24.37
C LYS A 146 7.24 -1.68 23.87
N ILE A 147 7.17 -0.35 23.79
CA ILE A 147 8.27 0.56 23.50
C ILE A 147 8.06 1.75 24.43
N GLU A 148 9.02 2.01 25.33
CA GLU A 148 9.03 3.18 26.22
C GLU A 148 7.73 3.29 27.04
N GLY A 149 7.12 2.14 27.31
CA GLY A 149 5.91 1.97 28.12
C GLY A 149 4.63 2.11 27.29
N TYR A 150 4.71 2.63 26.07
CA TYR A 150 3.63 2.61 25.12
C TYR A 150 3.46 1.19 24.61
N THR A 151 2.22 0.71 24.62
CA THR A 151 1.82 -0.43 23.81
C THR A 151 1.73 0.08 22.37
N LEU A 152 2.51 -0.49 21.46
CA LEU A 152 2.30 -0.26 20.04
C LEU A 152 0.97 -0.87 19.62
N VAL A 153 0.44 -0.32 18.54
CA VAL A 153 -0.76 -0.78 17.90
C VAL A 153 -0.49 -0.65 16.42
N THR A 154 -0.73 -1.75 15.75
CA THR A 154 -0.75 -1.89 14.30
C THR A 154 -2.07 -2.59 13.98
N LYS A 155 -2.45 -2.66 12.71
CA LYS A 155 -3.50 -3.53 12.18
C LYS A 155 -3.01 -4.03 10.82
N VAL A 156 -3.61 -5.07 10.24
CA VAL A 156 -3.45 -5.47 8.83
C VAL A 156 -4.86 -5.58 8.28
N SER A 157 -5.48 -4.42 7.98
CA SER A 157 -6.70 -4.24 7.23
C SER A 157 -6.80 -2.81 6.73
N ASN A 158 -7.83 -2.47 5.97
CA ASN A 158 -7.96 -1.18 5.27
C ASN A 158 -8.81 -0.17 6.06
N PRO A 159 -8.19 0.85 6.68
CA PRO A 159 -8.80 1.77 7.66
C PRO A 159 -9.79 2.81 7.08
N LEU A 160 -10.64 2.43 6.12
CA LEU A 160 -11.71 3.29 5.62
C LEU A 160 -12.93 2.47 5.16
N GLU A 161 -12.67 1.24 4.74
CA GLU A 161 -13.67 0.28 4.25
C GLU A 161 -14.20 -0.62 5.36
N MET A 1 -19.39 1.39 7.46
CA MET A 1 -19.26 1.59 6.01
C MET A 1 -18.30 0.52 5.52
N ARG A 2 -18.53 -0.06 4.33
CA ARG A 2 -17.72 -1.17 3.80
C ARG A 2 -17.40 -1.02 2.32
N GLU A 3 -17.39 0.20 1.80
CA GLU A 3 -16.66 0.48 0.57
C GLU A 3 -15.19 0.73 0.91
N LEU A 4 -14.31 0.36 -0.01
CA LEU A 4 -12.88 0.62 0.00
C LEU A 4 -12.59 1.32 -1.31
N THR A 5 -12.48 2.64 -1.30
CA THR A 5 -12.34 3.48 -2.49
C THR A 5 -10.91 3.51 -3.02
N THR A 6 -10.17 2.42 -2.81
CA THR A 6 -8.78 2.24 -3.19
C THR A 6 -8.66 0.95 -4.02
N VAL A 7 -7.73 0.91 -4.97
CA VAL A 7 -7.60 -0.16 -5.95
C VAL A 7 -6.12 -0.51 -6.16
N LEU A 8 -5.87 -1.69 -6.75
CA LEU A 8 -4.57 -2.32 -6.93
C LEU A 8 -4.48 -2.91 -8.33
N VAL A 9 -3.31 -2.81 -8.94
CA VAL A 9 -2.96 -3.47 -10.19
C VAL A 9 -1.95 -4.56 -9.88
N LYS A 10 -1.99 -5.67 -10.61
CA LYS A 10 -0.94 -6.70 -10.63
C LYS A 10 -0.50 -6.92 -12.08
N ASN A 11 0.70 -7.48 -12.25
CA ASN A 11 1.41 -7.82 -13.47
C ASN A 11 2.07 -6.59 -14.07
N LEU A 12 1.26 -5.59 -14.45
CA LEU A 12 1.59 -4.33 -15.16
C LEU A 12 2.19 -4.59 -16.55
N PRO A 13 2.16 -3.61 -17.47
CA PRO A 13 2.88 -3.73 -18.73
C PRO A 13 4.38 -3.60 -18.53
N LYS A 14 5.16 -4.49 -19.15
CA LYS A 14 6.61 -4.39 -19.20
C LYS A 14 7.05 -3.18 -20.00
N SER A 15 6.27 -2.76 -21.00
CA SER A 15 6.57 -1.58 -21.79
C SER A 15 6.58 -0.30 -20.96
N TYR A 16 5.75 -0.21 -19.91
CA TYR A 16 5.26 1.06 -19.41
C TYR A 16 5.55 1.11 -17.90
N ASN A 17 6.64 1.80 -17.54
CA ASN A 17 7.07 2.01 -16.16
C ASN A 17 6.29 3.16 -15.53
N GLN A 18 6.54 3.48 -14.26
CA GLN A 18 5.72 4.40 -13.48
C GLN A 18 5.48 5.70 -14.25
N ASN A 19 6.54 6.29 -14.80
CA ASN A 19 6.47 7.63 -15.36
C ASN A 19 5.49 7.71 -16.54
N LYS A 20 5.58 6.70 -17.40
CA LYS A 20 4.67 6.50 -18.51
C LYS A 20 3.25 6.24 -18.01
N VAL A 21 2.98 5.24 -17.16
CA VAL A 21 1.64 4.95 -16.75
C VAL A 21 1.00 6.10 -15.97
N TYR A 22 1.72 6.80 -15.10
CA TYR A 22 1.22 7.91 -14.30
C TYR A 22 0.50 8.94 -15.18
N LYS A 23 1.11 9.28 -16.32
CA LYS A 23 0.51 10.17 -17.30
C LYS A 23 -0.79 9.62 -17.88
N TYR A 24 -0.95 8.31 -17.98
CA TYR A 24 -2.15 7.62 -18.40
C TYR A 24 -3.17 7.51 -17.24
N PHE A 25 -2.79 7.09 -16.03
CA PHE A 25 -3.72 6.96 -14.91
C PHE A 25 -4.50 8.24 -14.65
N LYS A 26 -3.83 9.38 -14.52
CA LYS A 26 -4.51 10.65 -14.24
C LYS A 26 -5.48 11.07 -15.35
N HIS A 27 -5.31 10.54 -16.57
CA HIS A 27 -6.19 10.79 -17.71
C HIS A 27 -7.46 9.94 -17.64
N CYS A 28 -7.46 8.88 -16.83
CA CYS A 28 -8.63 8.03 -16.67
C CYS A 28 -9.67 8.75 -15.81
N GLY A 29 -9.26 9.46 -14.75
CA GLY A 29 -10.19 10.12 -13.85
C GLY A 29 -9.49 10.69 -12.63
N PRO A 30 -10.26 11.28 -11.70
CA PRO A 30 -9.74 12.01 -10.56
C PRO A 30 -9.08 11.08 -9.55
N ILE A 31 -7.86 11.40 -9.14
CA ILE A 31 -7.02 10.60 -8.25
C ILE A 31 -6.62 11.47 -7.05
N ILE A 32 -6.70 10.94 -5.83
CA ILE A 32 -6.08 11.55 -4.66
C ILE A 32 -4.63 11.09 -4.57
N HIS A 33 -4.35 9.78 -4.56
CA HIS A 33 -2.98 9.28 -4.35
C HIS A 33 -2.67 8.11 -5.28
N VAL A 34 -1.39 7.88 -5.61
CA VAL A 34 -0.95 6.88 -6.56
C VAL A 34 0.50 6.48 -6.24
N ASP A 35 0.82 5.19 -6.41
CA ASP A 35 2.18 4.64 -6.34
C ASP A 35 2.25 3.38 -7.21
N VAL A 36 3.46 2.87 -7.45
CA VAL A 36 3.75 1.57 -8.07
C VAL A 36 4.48 0.74 -7.03
N ALA A 37 4.69 -0.54 -7.31
CA ALA A 37 5.45 -1.44 -6.46
C ALA A 37 5.99 -2.63 -7.26
N ASP A 38 7.28 -2.65 -7.55
CA ASP A 38 7.93 -3.81 -8.12
C ASP A 38 8.24 -4.86 -7.04
N SER A 39 8.56 -6.08 -7.49
CA SER A 39 8.57 -7.28 -6.65
C SER A 39 9.61 -8.25 -7.21
N LEU A 40 10.88 -7.83 -7.30
CA LEU A 40 11.92 -8.43 -8.13
C LEU A 40 12.08 -9.96 -8.03
N LYS A 41 11.72 -10.60 -6.91
CA LYS A 41 11.64 -12.07 -6.81
C LYS A 41 10.57 -12.71 -7.70
N LYS A 42 9.79 -11.95 -8.48
CA LYS A 42 8.76 -12.41 -9.42
C LYS A 42 8.79 -11.54 -10.67
N ASN A 43 8.25 -12.05 -11.77
CA ASN A 43 8.03 -11.29 -13.01
C ASN A 43 7.01 -10.17 -12.82
N PHE A 44 5.98 -10.42 -12.00
CA PHE A 44 4.85 -9.51 -11.83
C PHE A 44 5.29 -8.28 -11.06
N ARG A 45 4.94 -7.08 -11.55
CA ARG A 45 4.89 -5.89 -10.72
C ARG A 45 3.51 -5.80 -10.05
N PHE A 46 3.32 -4.84 -9.16
CA PHE A 46 2.05 -4.38 -8.63
C PHE A 46 2.02 -2.84 -8.70
N ALA A 47 0.86 -2.23 -8.44
CA ALA A 47 0.71 -0.79 -8.19
C ALA A 47 -0.57 -0.54 -7.37
N ARG A 48 -0.75 0.67 -6.83
CA ARG A 48 -1.88 1.01 -5.94
C ARG A 48 -2.35 2.43 -6.27
N ILE A 49 -3.67 2.68 -6.33
CA ILE A 49 -4.24 4.02 -6.55
C ILE A 49 -5.38 4.22 -5.58
N GLU A 50 -5.53 5.44 -5.12
CA GLU A 50 -6.58 5.96 -4.29
C GLU A 50 -7.29 7.02 -5.14
N PHE A 51 -8.27 6.58 -5.96
CA PHE A 51 -9.20 7.49 -6.64
C PHE A 51 -10.20 8.10 -5.64
N ALA A 52 -10.27 7.57 -4.41
CA ALA A 52 -11.16 8.00 -3.33
C ALA A 52 -12.64 8.04 -3.78
N ARG A 53 -13.00 7.20 -4.75
CA ARG A 53 -14.37 7.05 -5.21
C ARG A 53 -14.57 5.66 -5.77
N TYR A 54 -15.84 5.29 -5.89
CA TYR A 54 -16.29 4.10 -6.59
C TYR A 54 -16.05 4.27 -8.10
N ASP A 55 -16.35 5.44 -8.64
CA ASP A 55 -16.38 5.73 -10.08
C ASP A 55 -15.03 5.41 -10.74
N GLY A 56 -13.94 5.72 -10.03
CA GLY A 56 -12.58 5.44 -10.45
C GLY A 56 -12.21 3.97 -10.23
N ALA A 57 -12.75 3.33 -9.19
CA ALA A 57 -12.58 1.90 -8.98
C ALA A 57 -13.22 1.13 -10.15
N LEU A 58 -14.47 1.47 -10.49
CA LEU A 58 -15.21 0.84 -11.60
C LEU A 58 -14.54 1.12 -12.95
N ALA A 59 -13.89 2.28 -13.10
CA ALA A 59 -13.10 2.58 -14.30
C ALA A 59 -11.83 1.74 -14.34
N ALA A 60 -11.20 1.52 -13.18
CA ALA A 60 -9.99 0.74 -13.06
C ALA A 60 -10.30 -0.72 -13.38
N ILE A 61 -11.28 -1.32 -12.71
CA ILE A 61 -11.63 -2.72 -12.85
C ILE A 61 -11.93 -3.02 -14.32
N THR A 62 -12.83 -2.27 -14.97
CA THR A 62 -13.13 -2.56 -16.38
C THR A 62 -11.92 -2.36 -17.30
N LYS A 63 -10.89 -1.59 -16.90
CA LYS A 63 -9.71 -1.39 -17.72
C LYS A 63 -8.90 -2.70 -17.87
N THR A 64 -9.10 -3.70 -17.01
CA THR A 64 -8.34 -4.94 -16.99
C THR A 64 -8.40 -5.70 -18.33
N HIS A 65 -9.54 -5.64 -19.02
CA HIS A 65 -9.80 -6.46 -20.20
C HIS A 65 -8.83 -6.18 -21.35
N LYS A 66 -8.46 -4.92 -21.58
CA LYS A 66 -7.58 -4.56 -22.67
C LYS A 66 -6.16 -4.99 -22.31
N VAL A 67 -5.61 -5.92 -23.08
CA VAL A 67 -4.18 -6.23 -23.00
C VAL A 67 -3.41 -4.94 -23.34
N VAL A 68 -2.25 -4.74 -22.71
CA VAL A 68 -1.44 -3.54 -22.85
C VAL A 68 -0.10 -3.93 -23.47
N GLY A 69 -0.06 -3.98 -24.80
CA GLY A 69 1.13 -4.30 -25.58
C GLY A 69 1.69 -5.67 -25.21
N GLN A 70 0.89 -6.73 -25.36
CA GLN A 70 1.20 -8.12 -25.03
C GLN A 70 1.56 -8.30 -23.56
N ASN A 71 0.79 -7.67 -22.67
CA ASN A 71 0.84 -7.85 -21.23
C ASN A 71 -0.59 -7.91 -20.74
N GLU A 72 -1.02 -9.05 -20.20
CA GLU A 72 -2.35 -9.21 -19.62
C GLU A 72 -2.29 -8.79 -18.16
N ILE A 73 -2.87 -7.65 -17.84
CA ILE A 73 -2.77 -7.01 -16.53
C ILE A 73 -4.01 -7.31 -15.69
N ILE A 74 -3.93 -7.07 -14.38
CA ILE A 74 -5.01 -7.34 -13.43
C ILE A 74 -5.34 -6.02 -12.77
N VAL A 75 -6.61 -5.63 -12.70
CA VAL A 75 -7.04 -4.41 -12.04
C VAL A 75 -8.23 -4.74 -11.16
N SER A 76 -8.09 -4.48 -9.88
CA SER A 76 -9.08 -4.93 -8.90
C SER A 76 -9.21 -3.96 -7.72
N HIS A 77 -10.29 -4.17 -6.96
CA HIS A 77 -10.54 -3.51 -5.69
C HIS A 77 -9.45 -3.95 -4.70
N LEU A 78 -9.00 -3.04 -3.84
CA LEU A 78 -7.98 -3.30 -2.84
C LEU A 78 -8.62 -4.00 -1.62
N THR A 79 -7.84 -4.81 -0.90
CA THR A 79 -8.21 -5.48 0.34
C THR A 79 -7.69 -4.63 1.50
N GLU A 80 -7.83 -5.10 2.74
CA GLU A 80 -7.14 -4.58 3.90
C GLU A 80 -5.76 -5.23 3.95
N CYS A 81 -4.84 -4.67 3.17
CA CYS A 81 -3.44 -4.97 3.10
C CYS A 81 -2.47 -3.78 3.32
N THR A 82 -3.03 -2.61 3.58
CA THR A 82 -2.32 -1.44 4.09
C THR A 82 -2.29 -1.63 5.62
N LEU A 83 -1.11 -1.55 6.21
CA LEU A 83 -0.94 -1.45 7.65
C LEU A 83 -0.85 0.02 7.99
N TRP A 84 -1.27 0.37 9.21
CA TRP A 84 -0.94 1.64 9.82
C TRP A 84 -0.45 1.33 11.23
N MET A 85 0.65 1.96 11.61
CA MET A 85 1.23 1.92 12.94
C MET A 85 0.99 3.26 13.62
N THR A 86 0.93 3.26 14.94
CA THR A 86 0.87 4.47 15.73
C THR A 86 1.45 4.21 17.13
N ASN A 87 1.82 5.30 17.82
CA ASN A 87 2.35 5.33 19.19
C ASN A 87 3.80 4.81 19.23
N PHE A 88 4.74 5.60 18.70
CA PHE A 88 6.17 5.26 18.68
C PHE A 88 7.05 6.51 18.72
N PRO A 89 8.31 6.43 19.22
CA PRO A 89 9.29 7.51 19.17
C PRO A 89 9.83 7.70 17.74
N PRO A 90 10.56 8.79 17.45
CA PRO A 90 11.12 9.05 16.10
C PRO A 90 12.20 8.05 15.64
N SER A 91 12.61 7.10 16.48
CA SER A 91 13.66 6.14 16.19
C SER A 91 13.31 5.32 14.95
N TYR A 92 12.07 4.84 14.85
CA TYR A 92 11.63 4.00 13.76
C TYR A 92 11.42 4.89 12.53
N THR A 93 12.19 4.65 11.48
CA THR A 93 12.16 5.34 10.19
C THR A 93 12.15 4.30 9.04
N GLN A 94 12.15 4.73 7.78
CA GLN A 94 11.93 3.86 6.63
C GLN A 94 12.91 2.69 6.55
N ARG A 95 14.17 2.86 7.01
CA ARG A 95 15.17 1.80 7.06
C ARG A 95 14.68 0.68 7.99
N ASN A 96 14.19 1.06 9.18
CA ASN A 96 13.64 0.17 10.18
C ASN A 96 12.47 -0.60 9.59
N ILE A 97 11.50 0.09 8.98
CA ILE A 97 10.32 -0.58 8.40
C ILE A 97 10.78 -1.60 7.36
N ARG A 98 11.67 -1.21 6.45
CA ARG A 98 12.09 -2.05 5.34
C ARG A 98 12.80 -3.31 5.84
N ASP A 99 13.60 -3.21 6.89
CA ASP A 99 14.23 -4.40 7.48
C ASP A 99 13.21 -5.23 8.23
N LEU A 100 12.30 -4.59 8.97
CA LEU A 100 11.29 -5.23 9.80
C LEU A 100 10.41 -6.14 8.96
N LEU A 101 9.87 -5.64 7.85
CA LEU A 101 9.05 -6.44 6.93
C LEU A 101 9.86 -7.58 6.29
N GLN A 102 11.19 -7.44 6.19
CA GLN A 102 12.06 -8.50 5.73
C GLN A 102 12.23 -9.58 6.79
N ASP A 103 12.36 -9.18 8.07
CA ASP A 103 12.51 -10.10 9.19
C ASP A 103 11.26 -10.97 9.34
N ILE A 104 10.09 -10.37 9.49
CA ILE A 104 8.87 -11.13 9.75
C ILE A 104 8.42 -11.83 8.49
N ASN A 105 8.75 -11.25 7.33
CA ASN A 105 8.33 -11.78 6.06
C ASN A 105 9.50 -11.78 5.09
N VAL A 106 9.54 -10.84 4.14
CA VAL A 106 10.34 -10.90 2.90
C VAL A 106 9.87 -9.87 1.84
N VAL A 107 8.58 -9.84 1.49
CA VAL A 107 8.09 -9.04 0.38
C VAL A 107 6.98 -8.08 0.82
N ALA A 108 7.31 -6.79 0.76
CA ALA A 108 6.37 -5.70 0.95
C ALA A 108 6.15 -4.98 -0.36
N LEU A 109 5.05 -4.24 -0.36
CA LEU A 109 4.45 -3.63 -1.51
C LEU A 109 4.86 -2.17 -1.50
N SER A 110 4.68 -1.44 -0.39
CA SER A 110 5.15 -0.05 -0.28
C SER A 110 5.39 0.34 1.17
N ILE A 111 6.00 1.49 1.40
CA ILE A 111 6.19 2.09 2.71
C ILE A 111 5.81 3.57 2.54
N ARG A 112 4.95 4.12 3.39
CA ARG A 112 4.42 5.47 3.28
C ARG A 112 4.72 6.17 4.60
N LEU A 113 5.75 7.02 4.60
CA LEU A 113 6.18 7.72 5.81
C LEU A 113 5.21 8.88 6.08
N PRO A 114 5.07 9.30 7.35
CA PRO A 114 4.41 10.55 7.69
C PRO A 114 5.26 11.76 7.25
N SER A 115 4.59 12.82 6.82
CA SER A 115 5.19 14.10 6.48
C SER A 115 5.32 15.03 7.69
N LEU A 116 5.48 14.45 8.88
CA LEU A 116 5.60 15.14 10.17
C LEU A 116 6.92 15.92 10.35
N ARG A 117 7.65 16.14 9.27
CA ARG A 117 8.91 16.86 9.22
C ARG A 117 8.80 18.23 9.86
N PHE A 118 7.66 18.90 9.70
CA PHE A 118 7.43 20.25 10.19
C PHE A 118 7.15 20.29 11.70
N ASN A 119 6.41 19.30 12.22
CA ASN A 119 6.17 19.07 13.64
C ASN A 119 5.59 17.67 13.76
N THR A 120 5.86 16.98 14.87
CA THR A 120 5.42 15.60 15.09
C THR A 120 3.90 15.59 15.29
N SER A 121 3.14 15.09 14.31
CA SER A 121 1.70 15.25 14.31
C SER A 121 1.01 14.37 15.36
N ARG A 122 1.15 13.05 15.29
CA ARG A 122 0.39 12.09 16.10
C ARG A 122 1.07 10.71 16.15
N ARG A 123 2.41 10.66 16.04
CA ARG A 123 3.21 9.43 16.01
C ARG A 123 2.50 8.34 15.17
N PHE A 124 2.27 8.53 13.87
CA PHE A 124 1.67 7.52 12.98
C PHE A 124 2.52 7.28 11.74
N ALA A 125 2.38 6.12 11.08
CA ALA A 125 3.00 5.80 9.78
C ALA A 125 2.19 4.72 9.06
N TYR A 126 2.40 4.55 7.74
CA TYR A 126 1.65 3.62 6.89
C TYR A 126 2.60 2.73 6.08
N ILE A 127 2.15 1.53 5.72
CA ILE A 127 2.92 0.51 5.00
C ILE A 127 1.91 -0.26 4.15
N ASP A 128 2.32 -0.88 3.04
CA ASP A 128 1.50 -1.76 2.21
C ASP A 128 2.26 -3.08 2.08
N VAL A 129 1.56 -4.22 2.12
CA VAL A 129 2.18 -5.54 1.91
C VAL A 129 1.34 -6.38 0.96
N THR A 130 1.91 -7.47 0.43
CA THR A 130 1.20 -8.48 -0.33
C THR A 130 0.87 -9.68 0.56
N SER A 131 1.69 -9.91 1.60
CA SER A 131 1.61 -10.88 2.69
C SER A 131 0.45 -10.73 3.69
N LYS A 132 -0.60 -9.98 3.36
CA LYS A 132 -1.69 -9.51 4.25
C LYS A 132 -2.35 -10.58 5.14
N GLU A 133 -2.21 -11.85 4.78
CA GLU A 133 -2.74 -13.00 5.50
C GLU A 133 -2.01 -13.17 6.85
N ASP A 134 -0.69 -12.99 6.83
CA ASP A 134 0.20 -12.95 7.99
C ASP A 134 0.08 -11.62 8.72
N ALA A 135 -0.13 -10.52 7.98
CA ALA A 135 -0.09 -9.18 8.55
C ALA A 135 -0.98 -9.04 9.78
N ARG A 136 -2.17 -9.65 9.77
CA ARG A 136 -3.11 -9.67 10.86
C ARG A 136 -2.52 -10.37 12.10
N TYR A 137 -1.81 -11.50 11.93
CA TYR A 137 -1.08 -12.15 13.01
C TYR A 137 0.03 -11.23 13.54
N CYS A 138 0.81 -10.59 12.65
CA CYS A 138 1.88 -9.68 13.04
C CYS A 138 1.30 -8.60 13.97
N VAL A 139 0.13 -8.05 13.63
CA VAL A 139 -0.55 -7.07 14.46
C VAL A 139 -0.96 -7.65 15.81
N GLU A 140 -1.43 -8.89 15.85
CA GLU A 140 -1.73 -9.61 17.08
C GLU A 140 -0.54 -9.51 18.03
N LYS A 141 0.66 -9.72 17.51
CA LYS A 141 1.93 -9.47 18.19
C LYS A 141 2.13 -7.98 18.52
N LEU A 142 2.24 -7.12 17.50
CA LEU A 142 2.67 -5.73 17.60
C LEU A 142 1.79 -4.94 18.57
N ASN A 143 0.47 -5.11 18.48
CA ASN A 143 -0.50 -4.29 19.20
C ASN A 143 -0.45 -4.45 20.73
N GLY A 144 0.35 -5.39 21.24
CA GLY A 144 0.54 -5.67 22.66
C GLY A 144 1.99 -5.51 23.11
N LEU A 145 2.87 -4.91 22.29
CA LEU A 145 4.28 -4.73 22.65
C LEU A 145 4.43 -3.78 23.85
N LYS A 146 5.65 -3.67 24.38
CA LYS A 146 6.03 -2.66 25.36
C LYS A 146 7.29 -1.98 24.86
N ILE A 147 7.26 -0.66 24.78
CA ILE A 147 8.39 0.20 24.50
C ILE A 147 8.25 1.40 25.41
N GLU A 148 9.18 1.58 26.35
CA GLU A 148 9.16 2.65 27.37
C GLU A 148 7.89 2.57 28.26
N GLY A 149 7.24 1.40 28.33
CA GLY A 149 6.00 1.19 29.06
C GLY A 149 4.76 1.60 28.26
N TYR A 150 4.93 2.41 27.21
CA TYR A 150 3.96 2.61 26.16
C TYR A 150 3.81 1.30 25.36
N THR A 151 2.74 1.20 24.59
CA THR A 151 2.41 0.06 23.75
C THR A 151 2.40 0.56 22.30
N LEU A 152 3.14 -0.11 21.40
CA LEU A 152 3.00 0.10 19.97
C LEU A 152 1.61 -0.35 19.58
N VAL A 153 0.89 0.42 18.76
CA VAL A 153 -0.39 -0.01 18.23
C VAL A 153 -0.25 -0.11 16.70
N THR A 154 -0.99 -1.03 16.09
CA THR A 154 -1.00 -1.24 14.65
C THR A 154 -2.37 -1.82 14.29
N LYS A 155 -2.76 -1.70 13.02
CA LYS A 155 -3.84 -2.49 12.41
C LYS A 155 -3.52 -2.68 10.92
N VAL A 156 -4.24 -3.59 10.28
CA VAL A 156 -4.21 -3.79 8.82
C VAL A 156 -5.61 -3.41 8.33
N SER A 157 -5.80 -2.12 8.01
CA SER A 157 -6.98 -1.57 7.35
C SER A 157 -6.66 -0.11 7.02
N ASN A 158 -7.63 0.61 6.46
CA ASN A 158 -7.61 2.05 6.32
C ASN A 158 -8.69 2.63 7.23
N PRO A 159 -8.30 3.14 8.42
CA PRO A 159 -9.22 3.55 9.48
C PRO A 159 -9.89 4.90 9.22
N LEU A 160 -10.64 5.03 8.13
CA LEU A 160 -11.39 6.23 7.79
C LEU A 160 -12.57 5.94 6.86
N GLU A 161 -12.71 4.73 6.30
CA GLU A 161 -13.77 4.34 5.39
C GLU A 161 -14.81 3.59 6.22
N MET A 1 -8.04 7.44 4.78
CA MET A 1 -9.08 6.49 4.36
C MET A 1 -10.43 6.97 4.89
N ARG A 2 -11.24 7.62 4.05
CA ARG A 2 -12.67 7.80 4.27
C ARG A 2 -13.32 7.10 3.09
N GLU A 3 -13.35 7.74 1.92
CA GLU A 3 -13.82 7.08 0.71
C GLU A 3 -12.85 5.96 0.33
N LEU A 4 -13.35 5.02 -0.45
CA LEU A 4 -12.60 3.87 -0.92
C LEU A 4 -12.57 3.96 -2.45
N THR A 5 -11.71 4.84 -2.95
CA THR A 5 -11.54 5.17 -4.36
C THR A 5 -10.05 5.14 -4.75
N THR A 6 -9.19 4.62 -3.87
CA THR A 6 -7.94 4.00 -4.24
C THR A 6 -8.27 2.68 -4.95
N VAL A 7 -7.48 2.30 -5.95
CA VAL A 7 -7.63 1.09 -6.74
C VAL A 7 -6.29 0.33 -6.73
N LEU A 8 -6.35 -1.00 -6.80
CA LEU A 8 -5.22 -1.92 -6.75
C LEU A 8 -5.08 -2.60 -8.11
N VAL A 9 -3.84 -2.77 -8.56
CA VAL A 9 -3.48 -3.38 -9.83
C VAL A 9 -2.57 -4.56 -9.54
N LYS A 10 -2.83 -5.71 -10.17
CA LYS A 10 -1.99 -6.90 -10.13
C LYS A 10 -1.55 -7.26 -11.54
N ASN A 11 -0.46 -8.03 -11.61
CA ASN A 11 0.25 -8.53 -12.78
C ASN A 11 1.03 -7.41 -13.47
N LEU A 12 0.33 -6.36 -13.95
CA LEU A 12 0.82 -5.29 -14.82
C LEU A 12 1.35 -5.82 -16.16
N PRO A 13 1.46 -4.98 -17.19
CA PRO A 13 2.05 -5.41 -18.45
C PRO A 13 3.55 -5.62 -18.30
N LYS A 14 4.04 -6.77 -18.76
CA LYS A 14 5.46 -7.14 -18.70
C LYS A 14 6.33 -6.11 -19.41
N SER A 15 5.89 -5.56 -20.54
CA SER A 15 6.66 -4.62 -21.35
C SER A 15 6.56 -3.17 -20.87
N TYR A 16 5.47 -2.77 -20.21
CA TYR A 16 5.19 -1.38 -19.88
C TYR A 16 5.57 -1.15 -18.41
N ASN A 17 6.72 -0.52 -18.18
CA ASN A 17 7.21 -0.25 -16.83
C ASN A 17 6.61 1.04 -16.27
N GLN A 18 6.89 1.36 -15.02
CA GLN A 18 6.26 2.45 -14.26
C GLN A 18 6.22 3.73 -15.07
N ASN A 19 7.32 4.13 -15.71
CA ASN A 19 7.43 5.35 -16.53
C ASN A 19 6.36 5.43 -17.61
N LYS A 20 6.34 4.37 -18.39
CA LYS A 20 5.43 4.18 -19.50
C LYS A 20 3.98 4.12 -19.01
N VAL A 21 3.70 3.42 -17.92
CA VAL A 21 2.35 3.40 -17.34
C VAL A 21 1.99 4.80 -16.80
N TYR A 22 2.94 5.52 -16.18
CA TYR A 22 2.73 6.87 -15.65
C TYR A 22 2.26 7.80 -16.77
N LYS A 23 2.66 7.60 -18.02
CA LYS A 23 2.05 8.33 -19.14
C LYS A 23 0.56 8.10 -19.25
N TYR A 24 0.09 6.86 -19.26
CA TYR A 24 -1.31 6.58 -19.51
C TYR A 24 -2.20 7.16 -18.40
N PHE A 25 -1.70 7.34 -17.17
CA PHE A 25 -2.51 7.73 -16.02
C PHE A 25 -3.47 8.89 -16.36
N LYS A 26 -2.98 9.93 -17.04
CA LYS A 26 -3.81 11.10 -17.33
C LYS A 26 -4.84 10.82 -18.43
N HIS A 27 -4.57 9.85 -19.29
CA HIS A 27 -5.49 9.36 -20.29
C HIS A 27 -6.58 8.47 -19.66
N CYS A 28 -6.42 8.06 -18.38
CA CYS A 28 -7.54 7.56 -17.60
C CYS A 28 -8.32 8.75 -17.02
N GLY A 29 -7.68 9.69 -16.33
CA GLY A 29 -8.38 10.83 -15.76
C GLY A 29 -7.57 11.61 -14.72
N PRO A 30 -8.17 12.61 -14.04
CA PRO A 30 -7.54 13.34 -12.96
C PRO A 30 -7.32 12.42 -11.77
N ILE A 31 -6.10 12.37 -11.24
CA ILE A 31 -5.64 11.38 -10.28
C ILE A 31 -4.90 12.13 -9.17
N ILE A 32 -5.31 11.99 -7.92
CA ILE A 32 -4.63 12.63 -6.80
C ILE A 32 -3.26 11.99 -6.62
N HIS A 33 -3.15 10.66 -6.62
CA HIS A 33 -1.86 10.00 -6.38
C HIS A 33 -1.74 8.71 -7.22
N VAL A 34 -0.53 8.31 -7.61
CA VAL A 34 -0.30 7.06 -8.35
C VAL A 34 1.07 6.52 -7.95
N ASP A 35 1.22 5.19 -7.86
CA ASP A 35 2.40 4.50 -7.33
C ASP A 35 2.47 3.07 -7.88
N VAL A 36 3.60 2.38 -7.73
CA VAL A 36 3.79 0.99 -8.16
C VAL A 36 4.45 0.17 -7.04
N ALA A 37 4.44 -1.16 -7.17
CA ALA A 37 5.22 -2.04 -6.32
C ALA A 37 5.61 -3.28 -7.11
N ASP A 38 6.91 -3.43 -7.38
CA ASP A 38 7.43 -4.57 -8.10
C ASP A 38 7.87 -5.69 -7.14
N SER A 39 8.24 -6.85 -7.68
CA SER A 39 8.68 -8.02 -6.93
C SER A 39 9.56 -8.84 -7.85
N LEU A 40 10.82 -9.09 -7.48
CA LEU A 40 11.66 -10.09 -8.13
C LEU A 40 11.25 -11.52 -7.78
N LYS A 41 10.64 -11.73 -6.60
CA LYS A 41 10.28 -13.07 -6.11
C LYS A 41 9.27 -13.78 -7.02
N LYS A 42 8.53 -13.04 -7.84
CA LYS A 42 7.47 -13.58 -8.68
C LYS A 42 7.52 -12.89 -10.04
N ASN A 43 6.76 -13.38 -11.02
CA ASN A 43 6.58 -12.72 -12.31
C ASN A 43 5.68 -11.50 -12.18
N PHE A 44 4.61 -11.61 -11.40
CA PHE A 44 3.56 -10.60 -11.34
C PHE A 44 4.05 -9.39 -10.54
N ARG A 45 3.90 -8.18 -11.10
CA ARG A 45 4.11 -6.90 -10.42
C ARG A 45 2.76 -6.33 -9.98
N PHE A 46 2.75 -5.20 -9.28
CA PHE A 46 1.56 -4.58 -8.71
C PHE A 46 1.65 -3.05 -8.84
N ALA A 47 0.53 -2.36 -8.61
CA ALA A 47 0.51 -0.90 -8.50
C ALA A 47 -0.76 -0.42 -7.79
N ARG A 48 -0.81 0.86 -7.42
CA ARG A 48 -2.03 1.46 -6.88
C ARG A 48 -2.23 2.84 -7.48
N ILE A 49 -3.49 3.26 -7.62
CA ILE A 49 -3.83 4.59 -8.08
C ILE A 49 -4.87 5.13 -7.10
N GLU A 50 -4.80 6.41 -6.78
CA GLU A 50 -5.79 7.15 -6.03
C GLU A 50 -6.36 8.19 -6.99
N PHE A 51 -7.39 7.75 -7.71
CA PHE A 51 -8.28 8.64 -8.43
C PHE A 51 -9.03 9.55 -7.45
N ALA A 52 -9.32 9.03 -6.25
CA ALA A 52 -10.27 9.56 -5.28
C ALA A 52 -11.72 9.66 -5.81
N ARG A 53 -11.96 9.48 -7.12
CA ARG A 53 -13.28 9.57 -7.71
C ARG A 53 -13.77 8.22 -8.16
N TYR A 54 -15.09 8.05 -8.05
CA TYR A 54 -15.81 6.88 -8.52
C TYR A 54 -15.51 6.68 -10.02
N ASP A 55 -15.52 7.77 -10.79
CA ASP A 55 -15.54 7.73 -12.25
C ASP A 55 -14.18 7.26 -12.78
N GLY A 56 -13.13 7.79 -12.16
CA GLY A 56 -11.76 7.39 -12.38
C GLY A 56 -11.55 5.92 -11.97
N ALA A 57 -12.10 5.53 -10.82
CA ALA A 57 -12.00 4.16 -10.34
C ALA A 57 -12.66 3.19 -11.32
N LEU A 58 -13.81 3.52 -11.89
CA LEU A 58 -14.47 2.77 -12.97
C LEU A 58 -13.54 2.70 -14.19
N ALA A 59 -12.97 3.84 -14.61
CA ALA A 59 -12.04 3.88 -15.74
C ALA A 59 -10.80 3.01 -15.52
N ALA A 60 -10.45 2.75 -14.25
CA ALA A 60 -9.39 1.84 -13.91
C ALA A 60 -9.86 0.39 -14.05
N ILE A 61 -10.97 0.02 -13.38
CA ILE A 61 -11.49 -1.35 -13.31
C ILE A 61 -11.71 -1.86 -14.73
N THR A 62 -12.39 -1.07 -15.57
CA THR A 62 -12.85 -1.45 -16.89
C THR A 62 -11.70 -1.96 -17.78
N LYS A 63 -10.46 -1.53 -17.54
CA LYS A 63 -9.30 -1.96 -18.32
C LYS A 63 -8.79 -3.35 -17.93
N THR A 64 -9.33 -3.99 -16.91
CA THR A 64 -9.09 -5.42 -16.66
C THR A 64 -9.44 -6.22 -17.91
N HIS A 65 -10.54 -5.88 -18.58
CA HIS A 65 -11.04 -6.60 -19.75
C HIS A 65 -10.30 -6.20 -21.05
N LYS A 66 -9.02 -5.84 -20.95
CA LYS A 66 -8.12 -5.69 -22.10
C LYS A 66 -6.75 -6.22 -21.73
N VAL A 67 -6.50 -7.49 -22.01
CA VAL A 67 -5.19 -8.13 -21.96
C VAL A 67 -4.21 -7.21 -22.69
N VAL A 68 -3.11 -6.82 -22.03
CA VAL A 68 -2.15 -5.90 -22.62
C VAL A 68 -1.26 -6.75 -23.53
N GLY A 69 -1.66 -6.85 -24.79
CA GLY A 69 -1.07 -7.75 -25.76
C GLY A 69 -1.39 -9.19 -25.38
N GLN A 70 -0.59 -9.74 -24.48
CA GLN A 70 -0.52 -11.16 -24.12
C GLN A 70 -0.31 -11.32 -22.61
N ASN A 71 -0.68 -10.32 -21.81
CA ASN A 71 -0.60 -10.37 -20.34
C ASN A 71 -1.85 -9.81 -19.70
N GLU A 72 -2.58 -10.64 -18.96
CA GLU A 72 -3.87 -10.35 -18.34
C GLU A 72 -3.67 -9.54 -17.05
N ILE A 73 -3.95 -8.25 -17.07
CA ILE A 73 -3.76 -7.34 -15.92
C ILE A 73 -5.07 -7.22 -15.14
N ILE A 74 -5.00 -7.07 -13.82
CA ILE A 74 -6.18 -7.09 -12.97
C ILE A 74 -6.28 -5.76 -12.24
N VAL A 75 -7.39 -5.05 -12.41
CA VAL A 75 -7.66 -3.76 -11.78
C VAL A 75 -8.95 -3.86 -10.99
N SER A 76 -8.91 -3.52 -9.71
CA SER A 76 -10.07 -3.55 -8.82
C SER A 76 -9.95 -2.40 -7.81
N HIS A 77 -10.98 -2.11 -7.01
CA HIS A 77 -10.83 -1.21 -5.88
C HIS A 77 -9.83 -1.82 -4.89
N LEU A 78 -9.21 -0.99 -4.06
CA LEU A 78 -8.16 -1.44 -3.15
C LEU A 78 -8.82 -2.12 -1.96
N THR A 79 -8.13 -3.08 -1.35
CA THR A 79 -8.58 -3.77 -0.15
C THR A 79 -7.89 -3.10 1.05
N GLU A 80 -8.18 -3.56 2.25
CA GLU A 80 -7.61 -3.02 3.49
C GLU A 80 -6.33 -3.79 3.86
N CYS A 81 -5.37 -3.84 2.95
CA CYS A 81 -4.03 -4.29 3.20
C CYS A 81 -3.16 -3.23 3.92
N THR A 82 -3.80 -2.24 4.56
CA THR A 82 -3.12 -1.07 5.08
C THR A 82 -2.99 -1.26 6.60
N LEU A 83 -1.81 -1.61 7.09
CA LEU A 83 -1.60 -1.76 8.52
C LEU A 83 -1.35 -0.40 9.15
N TRP A 84 -1.65 -0.26 10.45
CA TRP A 84 -1.23 0.88 11.24
C TRP A 84 -0.40 0.41 12.42
N MET A 85 0.46 1.29 12.91
CA MET A 85 1.15 1.24 14.19
C MET A 85 0.87 2.49 15.00
N THR A 86 1.06 2.38 16.32
CA THR A 86 1.00 3.47 17.28
C THR A 86 1.89 3.13 18.49
N ASN A 87 1.85 3.96 19.53
CA ASN A 87 2.34 3.69 20.88
C ASN A 87 3.85 3.43 20.95
N PHE A 88 4.65 4.28 20.31
CA PHE A 88 6.11 4.19 20.21
C PHE A 88 6.74 5.60 20.26
N PRO A 89 8.07 5.76 20.39
CA PRO A 89 8.72 7.07 20.35
C PRO A 89 8.82 7.62 18.92
N PRO A 90 9.15 8.91 18.74
CA PRO A 90 9.21 9.54 17.42
C PRO A 90 10.40 9.08 16.56
N SER A 91 11.42 8.48 17.16
CA SER A 91 12.69 8.10 16.52
C SER A 91 12.45 7.13 15.36
N TYR A 92 11.61 6.13 15.57
CA TYR A 92 11.28 5.12 14.57
C TYR A 92 10.47 5.77 13.47
N THR A 93 11.07 5.79 12.29
CA THR A 93 10.67 6.59 11.13
C THR A 93 10.70 5.72 9.87
N GLN A 94 10.40 6.32 8.72
CA GLN A 94 10.14 5.60 7.48
C GLN A 94 11.24 4.58 7.17
N ARG A 95 12.51 5.00 7.28
CA ARG A 95 13.69 4.17 7.03
C ARG A 95 13.68 2.90 7.88
N ASN A 96 13.33 3.00 9.16
CA ASN A 96 13.19 1.83 10.04
C ASN A 96 12.04 0.97 9.57
N ILE A 97 10.87 1.54 9.36
CA ILE A 97 9.65 0.74 9.20
C ILE A 97 9.70 -0.01 7.86
N ARG A 98 10.17 0.66 6.82
CA ARG A 98 10.41 0.09 5.50
C ARG A 98 11.41 -1.07 5.58
N ASP A 99 12.42 -0.97 6.44
CA ASP A 99 13.35 -2.07 6.67
C ASP A 99 12.69 -3.20 7.46
N LEU A 100 11.90 -2.86 8.47
CA LEU A 100 11.31 -3.79 9.42
C LEU A 100 10.43 -4.82 8.73
N LEU A 101 9.53 -4.40 7.83
CA LEU A 101 8.80 -5.38 7.05
C LEU A 101 9.67 -6.02 5.98
N GLN A 102 10.75 -5.39 5.54
CA GLN A 102 11.63 -6.01 4.57
C GLN A 102 12.38 -7.19 5.21
N ASP A 103 12.68 -7.12 6.50
CA ASP A 103 13.27 -8.20 7.29
C ASP A 103 12.33 -9.41 7.45
N ILE A 104 11.00 -9.23 7.35
CA ILE A 104 10.00 -10.27 7.59
C ILE A 104 9.26 -10.65 6.29
N ASN A 105 8.61 -9.68 5.64
CA ASN A 105 7.72 -9.84 4.50
C ASN A 105 8.47 -9.69 3.17
N VAL A 106 9.57 -8.94 3.20
CA VAL A 106 10.36 -8.46 2.05
C VAL A 106 9.66 -7.44 1.14
N VAL A 107 8.32 -7.39 1.10
CA VAL A 107 7.61 -6.58 0.12
C VAL A 107 6.60 -5.62 0.75
N ALA A 108 6.88 -4.32 0.63
CA ALA A 108 5.91 -3.25 0.78
C ALA A 108 5.15 -3.05 -0.52
N LEU A 109 4.02 -2.35 -0.47
CA LEU A 109 3.27 -1.88 -1.61
C LEU A 109 3.38 -0.35 -1.63
N SER A 110 3.11 0.31 -0.50
CA SER A 110 3.46 1.70 -0.21
C SER A 110 3.59 1.90 1.30
N ILE A 111 3.97 3.12 1.73
CA ILE A 111 4.06 3.53 3.12
C ILE A 111 3.30 4.86 3.21
N ARG A 112 2.62 5.18 4.31
CA ARG A 112 2.16 6.54 4.60
C ARG A 112 2.44 6.88 6.06
N LEU A 113 3.47 7.68 6.32
CA LEU A 113 3.75 8.24 7.63
C LEU A 113 2.95 9.55 7.80
N PRO A 114 2.83 10.09 9.02
CA PRO A 114 2.33 11.45 9.28
C PRO A 114 3.43 12.48 8.96
N SER A 115 3.27 13.75 9.36
CA SER A 115 4.41 14.65 9.48
C SER A 115 4.22 15.70 10.60
N LEU A 116 3.54 15.31 11.68
CA LEU A 116 3.25 16.14 12.87
C LEU A 116 4.50 16.53 13.67
N ARG A 117 5.71 16.38 13.13
CA ARG A 117 6.96 16.66 13.81
C ARG A 117 7.04 18.07 14.37
N PHE A 118 6.38 19.02 13.70
CA PHE A 118 6.33 20.42 14.11
C PHE A 118 5.72 20.60 15.51
N ASN A 119 4.54 20.03 15.79
CA ASN A 119 3.86 20.19 17.07
C ASN A 119 3.36 18.82 17.53
N THR A 120 3.82 18.38 18.69
CA THR A 120 3.48 17.13 19.39
C THR A 120 1.96 16.92 19.48
N SER A 121 1.41 16.09 18.59
CA SER A 121 -0.02 15.86 18.45
C SER A 121 -0.42 14.39 18.66
N ARG A 122 0.13 13.48 17.85
CA ARG A 122 -0.28 12.09 17.75
C ARG A 122 0.88 11.21 17.33
N ARG A 123 0.73 9.90 17.48
CA ARG A 123 1.68 8.87 17.06
C ARG A 123 0.88 7.75 16.39
N PHE A 124 0.60 7.89 15.10
CA PHE A 124 0.02 6.83 14.27
C PHE A 124 0.68 6.90 12.90
N ALA A 125 1.05 5.74 12.36
CA ALA A 125 1.70 5.60 11.06
C ALA A 125 1.11 4.40 10.33
N TYR A 126 1.09 4.40 9.00
CA TYR A 126 0.32 3.45 8.19
C TYR A 126 1.23 2.89 7.09
N ILE A 127 1.17 1.60 6.76
CA ILE A 127 1.95 1.00 5.68
C ILE A 127 1.00 0.09 4.89
N ASP A 128 1.18 0.00 3.58
CA ASP A 128 0.39 -0.79 2.66
C ASP A 128 1.26 -1.96 2.23
N VAL A 129 0.86 -3.21 2.50
CA VAL A 129 1.64 -4.38 2.06
C VAL A 129 0.73 -5.45 1.48
N THR A 130 1.11 -6.10 0.38
CA THR A 130 0.37 -7.26 -0.12
C THR A 130 0.42 -8.43 0.85
N SER A 131 1.44 -8.46 1.73
CA SER A 131 1.79 -9.52 2.65
C SER A 131 0.77 -9.87 3.75
N LYS A 132 -0.48 -9.43 3.68
CA LYS A 132 -1.45 -9.52 4.77
C LYS A 132 -1.57 -10.90 5.42
N GLU A 133 -1.29 -11.99 4.69
CA GLU A 133 -1.15 -13.35 5.23
C GLU A 133 0.02 -13.39 6.24
N ASP A 134 1.21 -13.01 5.76
CA ASP A 134 2.51 -13.08 6.43
C ASP A 134 2.58 -12.02 7.54
N ALA A 135 1.81 -10.94 7.39
CA ALA A 135 1.68 -9.88 8.36
C ALA A 135 1.00 -10.40 9.63
N ARG A 136 0.04 -11.33 9.55
CA ARG A 136 -0.63 -11.84 10.76
C ARG A 136 0.38 -12.48 11.70
N TYR A 137 1.32 -13.25 11.14
CA TYR A 137 2.46 -13.78 11.87
C TYR A 137 3.27 -12.64 12.51
N CYS A 138 3.70 -11.63 11.74
CA CYS A 138 4.52 -10.52 12.21
C CYS A 138 3.86 -9.80 13.38
N VAL A 139 2.59 -9.43 13.24
CA VAL A 139 1.82 -8.72 14.25
C VAL A 139 1.89 -9.50 15.56
N GLU A 140 1.84 -10.84 15.52
CA GLU A 140 1.86 -11.69 16.70
C GLU A 140 3.21 -11.69 17.45
N LYS A 141 4.28 -11.17 16.83
CA LYS A 141 5.54 -10.82 17.49
C LYS A 141 5.44 -9.38 17.99
N LEU A 142 5.22 -8.44 17.07
CA LEU A 142 5.41 -7.02 17.36
C LEU A 142 4.33 -6.48 18.32
N ASN A 143 3.16 -7.13 18.42
CA ASN A 143 2.06 -6.80 19.33
C ASN A 143 2.40 -6.86 20.80
N GLY A 144 3.47 -7.57 21.15
CA GLY A 144 3.92 -7.77 22.51
C GLY A 144 5.31 -7.19 22.73
N LEU A 145 5.88 -6.46 21.76
CA LEU A 145 7.18 -5.84 21.95
C LEU A 145 7.04 -4.76 23.03
N LYS A 146 8.01 -4.68 23.93
CA LYS A 146 8.12 -3.68 24.99
C LYS A 146 9.34 -2.86 24.70
N ILE A 147 9.17 -1.56 24.75
CA ILE A 147 10.22 -0.55 24.76
C ILE A 147 9.76 0.51 25.75
N GLU A 148 10.57 0.82 26.75
CA GLU A 148 10.40 1.94 27.68
C GLU A 148 9.08 1.89 28.44
N GLY A 149 8.55 0.68 28.64
CA GLY A 149 7.38 0.41 29.45
C GLY A 149 6.06 0.58 28.70
N TYR A 150 6.09 1.17 27.50
CA TYR A 150 5.02 1.04 26.51
C TYR A 150 5.09 -0.38 25.92
N THR A 151 4.01 -0.80 25.24
CA THR A 151 3.97 -1.96 24.38
C THR A 151 3.64 -1.44 22.98
N LEU A 152 4.30 -1.97 21.93
CA LEU A 152 3.92 -1.60 20.56
C LEU A 152 2.53 -2.12 20.23
N VAL A 153 1.73 -1.33 19.51
CA VAL A 153 0.46 -1.79 18.96
C VAL A 153 0.52 -1.61 17.43
N THR A 154 0.10 -2.67 16.74
CA THR A 154 -0.01 -2.81 15.30
C THR A 154 -1.34 -3.50 14.99
N LYS A 155 -1.91 -3.26 13.80
CA LYS A 155 -3.01 -4.06 13.27
C LYS A 155 -2.96 -3.99 11.74
N VAL A 156 -3.23 -5.08 11.01
CA VAL A 156 -3.43 -5.00 9.56
C VAL A 156 -4.85 -4.51 9.35
N SER A 157 -5.04 -3.19 9.37
CA SER A 157 -6.28 -2.56 8.96
C SER A 157 -7.49 -3.12 9.73
N ASN A 158 -8.65 -3.08 9.10
CA ASN A 158 -9.90 -3.63 9.58
C ASN A 158 -10.49 -4.42 8.43
N PRO A 159 -10.17 -5.73 8.33
CA PRO A 159 -10.66 -6.64 7.29
C PRO A 159 -12.09 -7.09 7.56
N LEU A 160 -13.03 -6.14 7.58
CA LEU A 160 -14.45 -6.31 7.87
C LEU A 160 -15.26 -5.03 7.71
N GLU A 161 -14.61 -3.86 7.74
CA GLU A 161 -15.30 -2.58 7.65
C GLU A 161 -15.85 -2.36 6.25
N MET A 1 -19.50 5.44 4.47
CA MET A 1 -18.43 4.91 5.33
C MET A 1 -17.60 3.89 4.57
N ARG A 2 -18.16 2.72 4.24
CA ARG A 2 -17.55 1.67 3.42
C ARG A 2 -17.27 2.09 1.96
N GLU A 3 -17.17 3.39 1.69
CA GLU A 3 -16.99 3.93 0.34
C GLU A 3 -15.52 3.80 -0.05
N LEU A 4 -15.27 2.77 -0.83
CA LEU A 4 -13.99 2.27 -1.29
C LEU A 4 -13.97 2.45 -2.80
N THR A 5 -13.76 3.69 -3.25
CA THR A 5 -13.59 4.03 -4.67
C THR A 5 -12.12 4.05 -5.10
N THR A 6 -11.19 3.67 -4.21
CA THR A 6 -9.79 3.50 -4.53
C THR A 6 -9.64 2.17 -5.30
N VAL A 7 -8.57 2.04 -6.10
CA VAL A 7 -8.35 0.90 -6.97
C VAL A 7 -6.88 0.49 -6.98
N LEU A 8 -6.60 -0.80 -7.16
CA LEU A 8 -5.28 -1.42 -7.16
C LEU A 8 -5.05 -2.20 -8.44
N VAL A 9 -3.83 -2.10 -8.96
CA VAL A 9 -3.33 -2.83 -10.11
C VAL A 9 -2.18 -3.71 -9.64
N LYS A 10 -2.03 -4.86 -10.29
CA LYS A 10 -1.04 -5.88 -9.95
C LYS A 10 -0.57 -6.57 -11.24
N ASN A 11 0.57 -7.24 -11.12
CA ASN A 11 1.42 -7.84 -12.15
C ASN A 11 2.01 -6.78 -13.05
N LEU A 12 1.19 -6.11 -13.87
CA LEU A 12 1.57 -5.13 -14.90
C LEU A 12 2.49 -5.72 -15.98
N PRO A 13 2.54 -5.12 -17.19
CA PRO A 13 3.54 -5.51 -18.17
C PRO A 13 4.91 -4.94 -17.74
N LYS A 14 5.98 -5.57 -18.23
CA LYS A 14 7.34 -5.06 -18.06
C LYS A 14 7.50 -3.60 -18.51
N SER A 15 6.66 -3.16 -19.44
CA SER A 15 6.69 -1.87 -20.09
C SER A 15 6.05 -0.76 -19.23
N TYR A 16 5.41 -1.09 -18.10
CA TYR A 16 4.88 -0.10 -17.16
C TYR A 16 5.97 0.23 -16.14
N ASN A 17 6.47 1.45 -16.22
CA ASN A 17 7.18 2.17 -15.14
C ASN A 17 6.37 3.42 -14.85
N GLN A 18 6.57 4.07 -13.71
CA GLN A 18 5.65 5.09 -13.16
C GLN A 18 5.26 6.14 -14.19
N ASN A 19 6.24 6.68 -14.89
CA ASN A 19 6.01 7.74 -15.88
C ASN A 19 5.00 7.33 -16.96
N LYS A 20 5.24 6.14 -17.48
CA LYS A 20 4.42 5.44 -18.45
C LYS A 20 3.04 5.14 -17.85
N VAL A 21 2.91 4.86 -16.55
CA VAL A 21 1.63 4.77 -15.87
C VAL A 21 0.94 6.14 -15.85
N TYR A 22 1.65 7.21 -15.48
CA TYR A 22 1.13 8.57 -15.38
C TYR A 22 0.48 9.02 -16.69
N LYS A 23 1.01 8.60 -17.82
CA LYS A 23 0.43 8.90 -19.11
C LYS A 23 -0.95 8.28 -19.25
N TYR A 24 -1.16 7.08 -18.73
CA TYR A 24 -2.33 6.33 -19.09
C TYR A 24 -3.52 6.84 -18.27
N PHE A 25 -3.34 6.93 -16.93
CA PHE A 25 -4.44 7.25 -16.03
C PHE A 25 -4.98 8.66 -16.28
N LYS A 26 -4.11 9.62 -16.64
CA LYS A 26 -4.50 10.98 -16.98
C LYS A 26 -5.59 10.99 -18.04
N HIS A 27 -5.50 10.09 -19.02
CA HIS A 27 -6.41 10.08 -20.14
C HIS A 27 -7.76 9.46 -19.75
N CYS A 28 -7.82 8.68 -18.67
CA CYS A 28 -9.02 7.97 -18.27
C CYS A 28 -10.05 8.90 -17.59
N GLY A 29 -9.64 10.08 -17.12
CA GLY A 29 -10.51 11.10 -16.55
C GLY A 29 -9.83 11.85 -15.39
N PRO A 30 -10.56 12.74 -14.70
CA PRO A 30 -10.07 13.45 -13.52
C PRO A 30 -9.93 12.48 -12.34
N ILE A 31 -8.79 12.55 -11.64
CA ILE A 31 -8.35 11.63 -10.58
C ILE A 31 -7.78 12.47 -9.44
N ILE A 32 -8.03 12.08 -8.18
CA ILE A 32 -7.61 12.78 -6.98
C ILE A 32 -6.16 12.43 -6.70
N HIS A 33 -5.80 11.13 -6.71
CA HIS A 33 -4.45 10.71 -6.36
C HIS A 33 -4.01 9.53 -7.21
N VAL A 34 -2.70 9.35 -7.35
CA VAL A 34 -2.14 8.22 -8.06
C VAL A 34 -0.81 7.85 -7.42
N ASP A 35 -0.47 6.56 -7.40
CA ASP A 35 0.84 6.05 -6.96
C ASP A 35 1.17 4.77 -7.74
N VAL A 36 2.43 4.35 -7.69
CA VAL A 36 2.84 3.01 -8.11
C VAL A 36 3.35 2.27 -6.88
N ALA A 37 3.61 0.96 -7.02
CA ALA A 37 4.48 0.26 -6.11
C ALA A 37 5.21 -0.81 -6.92
N ASP A 38 6.48 -0.56 -7.20
CA ASP A 38 7.41 -1.59 -7.55
C ASP A 38 7.75 -2.38 -6.28
N SER A 39 8.25 -3.62 -6.44
CA SER A 39 8.70 -4.46 -5.35
C SER A 39 9.71 -5.48 -5.87
N LEU A 40 10.99 -5.23 -5.60
CA LEU A 40 12.11 -6.00 -6.14
C LEU A 40 12.10 -7.48 -5.77
N LYS A 41 11.43 -7.90 -4.69
CA LYS A 41 11.53 -9.27 -4.18
C LYS A 41 10.82 -10.29 -5.06
N LYS A 42 10.09 -9.88 -6.10
CA LYS A 42 9.40 -10.77 -7.04
C LYS A 42 9.45 -10.17 -8.44
N ASN A 43 8.65 -10.69 -9.37
CA ASN A 43 8.50 -10.18 -10.73
C ASN A 43 7.26 -9.32 -10.93
N PHE A 44 6.23 -9.53 -10.11
CA PHE A 44 4.95 -8.85 -10.20
C PHE A 44 5.07 -7.42 -9.66
N ARG A 45 4.69 -6.43 -10.47
CA ARG A 45 4.66 -5.02 -10.10
C ARG A 45 3.25 -4.67 -9.62
N PHE A 46 3.06 -3.50 -9.00
CA PHE A 46 1.76 -3.02 -8.54
C PHE A 46 1.63 -1.53 -8.81
N ALA A 47 0.41 -1.00 -8.67
CA ALA A 47 0.12 0.44 -8.60
C ALA A 47 -1.26 0.67 -7.94
N ARG A 48 -1.59 1.91 -7.57
CA ARG A 48 -2.90 2.25 -6.98
C ARG A 48 -3.34 3.64 -7.44
N ILE A 49 -4.64 3.89 -7.56
CA ILE A 49 -5.19 5.18 -7.94
C ILE A 49 -6.38 5.48 -7.02
N GLU A 50 -6.57 6.75 -6.67
CA GLU A 50 -7.79 7.30 -6.10
C GLU A 50 -8.46 8.11 -7.21
N PHE A 51 -9.34 7.45 -7.98
CA PHE A 51 -10.31 8.13 -8.85
C PHE A 51 -11.42 8.80 -8.04
N ALA A 52 -11.69 8.31 -6.82
CA ALA A 52 -12.81 8.67 -5.95
C ALA A 52 -14.16 8.74 -6.68
N ARG A 53 -14.39 7.92 -7.72
CA ARG A 53 -15.65 7.94 -8.45
C ARG A 53 -16.06 6.57 -8.93
N TYR A 54 -17.32 6.52 -9.38
CA TYR A 54 -17.95 5.28 -9.77
C TYR A 54 -17.33 4.80 -11.08
N ASP A 55 -17.26 5.66 -12.10
CA ASP A 55 -16.83 5.21 -13.41
C ASP A 55 -15.34 4.96 -13.43
N GLY A 56 -14.61 5.68 -12.57
CA GLY A 56 -13.19 5.48 -12.36
C GLY A 56 -12.88 4.05 -11.95
N ALA A 57 -13.74 3.43 -11.12
CA ALA A 57 -13.55 2.04 -10.75
C ALA A 57 -13.74 1.14 -11.98
N LEU A 58 -14.82 1.30 -12.74
CA LEU A 58 -15.10 0.43 -13.90
C LEU A 58 -14.02 0.63 -14.98
N ALA A 59 -13.62 1.87 -15.20
CA ALA A 59 -12.58 2.28 -16.14
C ALA A 59 -11.22 1.74 -15.72
N ALA A 60 -10.97 1.52 -14.42
CA ALA A 60 -9.78 0.82 -13.98
C ALA A 60 -9.94 -0.68 -14.19
N ILE A 61 -11.01 -1.28 -13.65
CA ILE A 61 -11.22 -2.73 -13.57
C ILE A 61 -11.11 -3.35 -14.95
N THR A 62 -11.61 -2.69 -16.01
CA THR A 62 -11.46 -3.07 -17.42
C THR A 62 -11.94 -4.48 -17.80
N LYS A 63 -12.47 -5.26 -16.85
CA LYS A 63 -12.52 -6.72 -16.89
C LYS A 63 -11.11 -7.37 -16.94
N THR A 64 -10.04 -6.57 -16.91
CA THR A 64 -8.68 -6.98 -16.55
C THR A 64 -8.17 -8.20 -17.30
N HIS A 65 -8.64 -8.33 -18.51
CA HIS A 65 -8.41 -9.43 -19.44
C HIS A 65 -7.87 -8.85 -20.74
N LYS A 66 -6.55 -8.74 -20.86
CA LYS A 66 -5.93 -8.47 -22.16
C LYS A 66 -4.50 -9.01 -22.29
N VAL A 67 -3.86 -9.47 -21.22
CA VAL A 67 -2.50 -10.02 -21.19
C VAL A 67 -1.54 -9.15 -22.01
N VAL A 68 -1.12 -8.07 -21.38
CA VAL A 68 -0.36 -7.03 -22.06
C VAL A 68 1.09 -7.46 -22.07
N GLY A 69 1.69 -7.51 -23.26
CA GLY A 69 3.11 -7.82 -23.41
C GLY A 69 3.43 -9.17 -22.77
N GLN A 70 2.60 -10.18 -23.03
CA GLN A 70 2.67 -11.59 -22.62
C GLN A 70 2.27 -11.82 -21.16
N ASN A 71 1.94 -10.77 -20.40
CA ASN A 71 1.97 -10.81 -18.94
C ASN A 71 0.55 -10.47 -18.46
N GLU A 72 -0.13 -11.37 -17.73
CA GLU A 72 -1.54 -11.21 -17.40
C GLU A 72 -1.71 -10.22 -16.26
N ILE A 73 -2.16 -9.01 -16.60
CA ILE A 73 -2.38 -7.91 -15.67
C ILE A 73 -3.65 -8.15 -14.85
N ILE A 74 -3.72 -7.55 -13.66
CA ILE A 74 -4.83 -7.75 -12.72
C ILE A 74 -5.21 -6.39 -12.16
N VAL A 75 -6.46 -5.98 -12.36
CA VAL A 75 -7.01 -4.70 -11.92
C VAL A 75 -8.30 -4.95 -11.15
N SER A 76 -8.40 -4.39 -9.95
CA SER A 76 -9.52 -4.60 -9.03
C SER A 76 -9.65 -3.42 -8.08
N HIS A 77 -10.75 -3.34 -7.32
CA HIS A 77 -10.90 -2.32 -6.30
C HIS A 77 -9.88 -2.57 -5.20
N LEU A 78 -9.49 -1.52 -4.48
CA LEU A 78 -8.51 -1.66 -3.42
C LEU A 78 -9.25 -2.21 -2.20
N THR A 79 -8.60 -3.08 -1.43
CA THR A 79 -9.12 -3.70 -0.22
C THR A 79 -8.63 -2.87 0.97
N GLU A 80 -8.96 -3.26 2.20
CA GLU A 80 -8.58 -2.54 3.40
C GLU A 80 -7.20 -3.02 3.88
N CYS A 81 -6.17 -2.84 3.04
CA CYS A 81 -4.83 -3.34 3.25
C CYS A 81 -3.82 -2.29 3.75
N THR A 82 -4.36 -1.18 4.25
CA THR A 82 -3.62 -0.10 4.91
C THR A 82 -3.46 -0.52 6.37
N LEU A 83 -2.27 -0.95 6.77
CA LEU A 83 -1.95 -1.08 8.19
C LEU A 83 -1.66 0.30 8.76
N TRP A 84 -1.69 0.40 10.08
CA TRP A 84 -1.27 1.58 10.80
C TRP A 84 -0.44 1.18 12.01
N MET A 85 0.45 2.08 12.41
CA MET A 85 1.50 1.91 13.42
C MET A 85 1.44 3.09 14.39
N THR A 86 1.74 2.81 15.66
CA THR A 86 1.75 3.78 16.75
C THR A 86 2.78 3.36 17.82
N ASN A 87 2.96 4.21 18.84
CA ASN A 87 3.76 4.03 20.06
C ASN A 87 5.13 3.40 19.81
N PHE A 88 6.04 4.15 19.21
CA PHE A 88 7.30 3.64 18.68
C PHE A 88 8.51 4.35 19.31
N PRO A 89 9.68 3.69 19.39
CA PRO A 89 10.93 4.32 19.83
C PRO A 89 11.45 5.27 18.74
N PRO A 90 12.28 6.27 19.09
CA PRO A 90 12.76 7.26 18.13
C PRO A 90 13.58 6.66 16.99
N SER A 91 14.28 5.55 17.24
CA SER A 91 15.10 4.84 16.28
C SER A 91 14.25 4.06 15.25
N TYR A 92 12.97 3.76 15.53
CA TYR A 92 12.11 3.12 14.53
C TYR A 92 11.81 4.21 13.51
N THR A 93 12.31 4.01 12.29
CA THR A 93 12.22 4.92 11.17
C THR A 93 11.59 4.14 9.99
N GLN A 94 11.27 4.81 8.87
CA GLN A 94 10.61 4.21 7.71
C GLN A 94 11.30 2.92 7.27
N ARG A 95 12.62 2.96 7.07
CA ARG A 95 13.39 1.80 6.67
C ARG A 95 13.27 0.65 7.66
N ASN A 96 13.26 0.93 8.97
CA ASN A 96 13.12 -0.11 9.99
C ASN A 96 11.87 -0.92 9.74
N ILE A 97 10.72 -0.27 9.48
CA ILE A 97 9.45 -0.96 9.26
C ILE A 97 9.56 -1.85 8.01
N ARG A 98 10.04 -1.30 6.89
CA ARG A 98 10.23 -2.02 5.63
C ARG A 98 11.14 -3.23 5.83
N ASP A 99 12.24 -3.06 6.53
CA ASP A 99 13.21 -4.09 6.82
C ASP A 99 12.61 -5.16 7.74
N LEU A 100 11.74 -4.74 8.69
CA LEU A 100 11.03 -5.58 9.66
C LEU A 100 10.10 -6.56 8.94
N LEU A 101 9.22 -6.01 8.09
CA LEU A 101 8.18 -6.76 7.40
C LEU A 101 8.77 -7.71 6.37
N GLN A 102 9.88 -7.31 5.72
CA GLN A 102 10.60 -8.20 4.81
C GLN A 102 11.08 -9.40 5.61
N ASP A 103 11.76 -9.12 6.72
CA ASP A 103 12.40 -10.11 7.55
C ASP A 103 11.41 -11.15 8.07
N ILE A 104 10.13 -10.78 8.21
CA ILE A 104 9.05 -11.69 8.48
C ILE A 104 8.71 -12.47 7.21
N ASN A 105 8.32 -11.78 6.11
CA ASN A 105 7.81 -12.33 4.84
C ASN A 105 7.08 -11.28 4.01
N VAL A 106 6.48 -10.30 4.68
CA VAL A 106 5.49 -9.41 4.10
C VAL A 106 6.20 -8.42 3.16
N VAL A 107 5.46 -7.88 2.19
CA VAL A 107 5.94 -6.84 1.28
C VAL A 107 4.98 -5.66 1.35
N ALA A 108 5.56 -4.46 1.52
CA ALA A 108 4.86 -3.20 1.47
C ALA A 108 4.50 -2.84 0.03
N LEU A 109 3.57 -1.91 -0.08
CA LEU A 109 3.02 -1.40 -1.33
C LEU A 109 3.18 0.11 -1.31
N SER A 110 2.66 0.84 -0.31
CA SER A 110 2.94 2.28 -0.17
C SER A 110 3.17 2.64 1.30
N ILE A 111 4.42 2.94 1.65
CA ILE A 111 4.81 3.34 3.00
C ILE A 111 4.52 4.84 3.15
N ARG A 112 3.69 5.24 4.13
CA ARG A 112 3.27 6.62 4.34
C ARG A 112 3.56 6.98 5.80
N LEU A 113 4.62 7.75 6.05
CA LEU A 113 5.12 8.05 7.39
C LEU A 113 5.19 9.56 7.60
N PRO A 114 4.87 10.08 8.80
CA PRO A 114 4.82 11.50 9.06
C PRO A 114 6.22 12.14 9.12
N SER A 115 6.23 13.47 9.06
CA SER A 115 7.39 14.34 9.10
C SER A 115 7.28 15.35 10.26
N LEU A 116 6.96 14.85 11.46
CA LEU A 116 6.66 15.64 12.65
C LEU A 116 7.88 15.89 13.56
N ARG A 117 9.12 15.68 13.08
CA ARG A 117 10.30 16.00 13.88
C ARG A 117 10.43 17.50 14.15
N PHE A 118 9.83 18.36 13.33
CA PHE A 118 9.85 19.81 13.58
C PHE A 118 9.33 20.13 14.98
N ASN A 119 8.10 19.71 15.33
CA ASN A 119 7.56 19.89 16.67
C ASN A 119 6.83 18.61 17.06
N THR A 120 7.09 18.14 18.28
CA THR A 120 6.99 16.76 18.75
C THR A 120 5.55 16.24 18.94
N SER A 121 4.77 16.25 17.87
CA SER A 121 3.35 15.93 17.86
C SER A 121 2.98 14.49 18.25
N ARG A 122 3.90 13.52 18.18
CA ARG A 122 3.67 12.12 18.49
C ARG A 122 2.42 11.59 17.79
N ARG A 123 2.53 11.32 16.49
CA ARG A 123 1.42 10.87 15.65
C ARG A 123 1.67 9.45 15.15
N PHE A 124 0.82 8.99 14.23
CA PHE A 124 0.74 7.61 13.76
C PHE A 124 1.23 7.54 12.31
N ALA A 125 1.44 6.32 11.80
CA ALA A 125 1.91 6.10 10.42
C ALA A 125 1.11 4.95 9.78
N TYR A 126 1.17 4.83 8.45
CA TYR A 126 0.29 3.97 7.65
C TYR A 126 1.09 3.29 6.56
N ILE A 127 0.85 2.01 6.26
CA ILE A 127 1.51 1.33 5.15
C ILE A 127 0.48 0.47 4.45
N ASP A 128 0.30 0.67 3.15
CA ASP A 128 -0.45 -0.25 2.30
C ASP A 128 0.47 -1.44 2.04
N VAL A 129 -0.04 -2.67 2.14
CA VAL A 129 0.69 -3.90 1.78
C VAL A 129 -0.15 -4.73 0.80
N THR A 130 0.45 -5.63 0.01
CA THR A 130 -0.30 -6.70 -0.66
C THR A 130 -0.44 -7.92 0.26
N SER A 131 0.58 -8.15 1.09
CA SER A 131 0.76 -9.26 2.03
C SER A 131 -0.25 -9.36 3.17
N LYS A 132 -1.38 -8.66 3.12
CA LYS A 132 -2.36 -8.59 4.21
C LYS A 132 -2.79 -9.97 4.75
N GLU A 133 -2.62 -11.04 3.95
CA GLU A 133 -2.76 -12.43 4.37
C GLU A 133 -1.81 -12.74 5.52
N ASP A 134 -0.51 -12.52 5.31
CA ASP A 134 0.58 -12.77 6.26
C ASP A 134 0.58 -11.68 7.31
N ALA A 135 0.22 -10.46 6.94
CA ALA A 135 0.41 -9.30 7.80
C ALA A 135 -0.40 -9.42 9.10
N ARG A 136 -1.55 -10.07 9.09
CA ARG A 136 -2.32 -10.37 10.28
C ARG A 136 -1.50 -11.21 11.28
N TYR A 137 -0.72 -12.18 10.80
CA TYR A 137 0.24 -12.92 11.61
C TYR A 137 1.33 -11.99 12.16
N CYS A 138 1.94 -11.14 11.31
CA CYS A 138 2.99 -10.20 11.66
C CYS A 138 2.53 -9.36 12.85
N VAL A 139 1.31 -8.83 12.80
CA VAL A 139 0.74 -8.03 13.87
C VAL A 139 0.70 -8.81 15.18
N GLU A 140 0.33 -10.09 15.17
CA GLU A 140 0.30 -10.90 16.38
C GLU A 140 1.68 -10.98 17.06
N LYS A 141 2.77 -10.94 16.30
CA LYS A 141 4.10 -10.69 16.88
C LYS A 141 4.23 -9.22 17.27
N LEU A 142 4.19 -8.32 16.29
CA LEU A 142 4.58 -6.91 16.40
C LEU A 142 3.84 -6.20 17.52
N ASN A 143 2.53 -6.39 17.62
CA ASN A 143 1.65 -5.70 18.57
C ASN A 143 1.93 -6.06 20.04
N GLY A 144 2.77 -7.06 20.31
CA GLY A 144 3.12 -7.49 21.65
C GLY A 144 4.54 -7.09 22.05
N LEU A 145 5.29 -6.41 21.17
CA LEU A 145 6.65 -5.98 21.44
C LEU A 145 6.69 -4.92 22.54
N LYS A 146 7.85 -4.76 23.14
CA LYS A 146 8.15 -3.74 24.13
C LYS A 146 9.47 -3.11 23.77
N ILE A 147 9.52 -1.79 23.73
CA ILE A 147 10.75 -1.00 23.65
C ILE A 147 10.55 0.09 24.68
N GLU A 148 11.48 0.25 25.63
CA GLU A 148 11.44 1.31 26.66
C GLU A 148 10.10 1.31 27.44
N GLY A 149 9.47 0.13 27.53
CA GLY A 149 8.18 -0.10 28.15
C GLY A 149 7.00 0.30 27.27
N TYR A 150 7.18 1.09 26.21
CA TYR A 150 6.15 1.34 25.22
C TYR A 150 5.88 0.05 24.46
N THR A 151 4.63 -0.22 24.16
CA THR A 151 4.22 -1.27 23.26
C THR A 151 4.15 -0.66 21.87
N LEU A 152 5.02 -1.08 20.94
CA LEU A 152 4.75 -0.90 19.51
C LEU A 152 3.40 -1.53 19.23
N VAL A 153 2.39 -0.76 18.81
CA VAL A 153 1.11 -1.32 18.38
C VAL A 153 0.96 -1.12 16.87
N THR A 154 0.39 -2.13 16.21
CA THR A 154 0.09 -2.15 14.80
C THR A 154 -1.33 -2.71 14.65
N LYS A 155 -2.07 -2.35 13.59
CA LYS A 155 -3.27 -3.08 13.17
C LYS A 155 -3.34 -3.05 11.65
N VAL A 156 -3.97 -4.05 11.02
CA VAL A 156 -4.36 -3.95 9.62
C VAL A 156 -5.71 -3.23 9.61
N SER A 157 -5.73 -2.00 9.09
CA SER A 157 -6.89 -1.18 8.77
C SER A 157 -7.93 -1.15 9.90
N ASN A 158 -9.21 -0.98 9.54
CA ASN A 158 -10.34 -1.26 10.40
C ASN A 158 -11.48 -1.68 9.44
N PRO A 159 -11.69 -2.98 9.17
CA PRO A 159 -12.81 -3.51 8.36
C PRO A 159 -14.21 -3.31 8.99
N LEU A 160 -14.38 -2.24 9.75
CA LEU A 160 -15.54 -1.89 10.56
C LEU A 160 -15.64 -0.37 10.77
N GLU A 161 -14.78 0.44 10.15
CA GLU A 161 -15.05 1.85 9.94
C GLU A 161 -15.77 1.95 8.61
N MET A 1 -20.58 2.05 2.35
CA MET A 1 -19.90 0.80 2.01
C MET A 1 -18.41 0.94 2.27
N ARG A 2 -17.67 1.71 1.48
CA ARG A 2 -16.24 1.94 1.67
C ARG A 2 -15.84 3.15 0.80
N GLU A 3 -14.60 3.62 0.95
CA GLU A 3 -14.03 4.72 0.19
C GLU A 3 -12.63 4.30 -0.22
N LEU A 4 -12.40 4.13 -1.53
CA LEU A 4 -11.16 3.67 -2.13
C LEU A 4 -10.91 4.57 -3.34
N THR A 5 -10.13 5.63 -3.15
CA THR A 5 -9.83 6.59 -4.23
C THR A 5 -8.71 6.06 -5.13
N THR A 6 -8.01 5.01 -4.70
CA THR A 6 -6.90 4.45 -5.43
C THR A 6 -7.34 3.09 -6.02
N VAL A 7 -6.88 2.81 -7.24
CA VAL A 7 -6.95 1.50 -7.86
C VAL A 7 -5.61 0.81 -7.67
N LEU A 8 -5.66 -0.47 -7.28
CA LEU A 8 -4.54 -1.37 -7.16
C LEU A 8 -4.56 -2.27 -8.39
N VAL A 9 -3.47 -2.20 -9.13
CA VAL A 9 -3.15 -3.00 -10.28
C VAL A 9 -2.32 -4.18 -9.76
N LYS A 10 -2.57 -5.38 -10.30
CA LYS A 10 -1.85 -6.61 -10.01
C LYS A 10 -1.27 -7.16 -11.31
N ASN A 11 -0.23 -7.97 -11.19
CA ASN A 11 0.57 -8.62 -12.23
C ASN A 11 1.60 -7.65 -12.81
N LEU A 12 1.12 -6.61 -13.49
CA LEU A 12 1.89 -5.51 -14.07
C LEU A 12 3.13 -5.98 -14.89
N PRO A 13 3.00 -6.21 -16.21
CA PRO A 13 4.02 -6.81 -17.06
C PRO A 13 5.16 -5.83 -17.40
N LYS A 14 6.29 -6.40 -17.82
CA LYS A 14 7.46 -5.64 -18.26
C LYS A 14 7.19 -4.71 -19.44
N SER A 15 6.17 -5.01 -20.26
CA SER A 15 5.81 -4.16 -21.40
C SER A 15 5.36 -2.76 -20.92
N TYR A 16 4.82 -2.65 -19.71
CA TYR A 16 4.22 -1.43 -19.20
C TYR A 16 5.00 -1.02 -17.95
N ASN A 17 6.07 -0.26 -18.14
CA ASN A 17 6.78 0.41 -17.05
C ASN A 17 5.90 1.57 -16.53
N GLN A 18 6.22 2.17 -15.38
CA GLN A 18 5.35 3.11 -14.66
C GLN A 18 4.82 4.19 -15.61
N ASN A 19 5.73 4.78 -16.39
CA ASN A 19 5.44 5.85 -17.35
C ASN A 19 4.38 5.42 -18.36
N LYS A 20 4.64 4.27 -18.96
CA LYS A 20 3.77 3.64 -19.93
C LYS A 20 2.42 3.22 -19.33
N VAL A 21 2.34 2.83 -18.06
CA VAL A 21 1.03 2.69 -17.43
C VAL A 21 0.35 4.06 -17.32
N TYR A 22 1.05 5.03 -16.74
CA TYR A 22 0.55 6.35 -16.40
C TYR A 22 -0.06 7.02 -17.63
N LYS A 23 0.63 6.88 -18.78
CA LYS A 23 0.22 7.44 -20.06
C LYS A 23 -1.24 7.13 -20.36
N TYR A 24 -1.62 5.86 -20.18
CA TYR A 24 -2.90 5.39 -20.61
C TYR A 24 -3.90 5.83 -19.54
N PHE A 25 -3.52 5.71 -18.25
CA PHE A 25 -4.37 6.06 -17.13
C PHE A 25 -4.93 7.48 -17.24
N LYS A 26 -4.17 8.45 -17.77
CA LYS A 26 -4.67 9.81 -18.01
C LYS A 26 -5.95 9.88 -18.86
N HIS A 27 -6.28 8.84 -19.64
CA HIS A 27 -7.54 8.73 -20.36
C HIS A 27 -8.71 8.92 -19.40
N CYS A 28 -8.61 8.39 -18.18
CA CYS A 28 -9.69 8.45 -17.19
C CYS A 28 -9.91 9.86 -16.65
N GLY A 29 -8.87 10.70 -16.62
CA GLY A 29 -8.89 12.03 -16.00
C GLY A 29 -7.49 12.43 -15.53
N PRO A 30 -7.38 13.49 -14.71
CA PRO A 30 -6.14 13.89 -14.05
C PRO A 30 -5.71 12.81 -13.05
N ILE A 31 -4.48 12.88 -12.52
CA ILE A 31 -3.92 11.84 -11.67
C ILE A 31 -3.18 12.54 -10.52
N ILE A 32 -3.62 12.32 -9.27
CA ILE A 32 -3.07 12.96 -8.09
C ILE A 32 -1.98 12.09 -7.45
N HIS A 33 -2.06 10.76 -7.58
CA HIS A 33 -1.16 9.90 -6.80
C HIS A 33 -0.87 8.62 -7.58
N VAL A 34 0.40 8.25 -7.73
CA VAL A 34 0.90 7.17 -8.59
C VAL A 34 2.15 6.58 -7.95
N ASP A 35 2.25 5.24 -7.92
CA ASP A 35 3.48 4.50 -7.58
C ASP A 35 3.39 3.09 -8.18
N VAL A 36 4.50 2.34 -8.24
CA VAL A 36 4.48 0.89 -8.46
C VAL A 36 5.33 0.17 -7.41
N ALA A 37 5.21 -1.16 -7.30
CA ALA A 37 6.02 -1.98 -6.41
C ALA A 37 6.25 -3.35 -7.05
N ASP A 38 7.48 -3.59 -7.50
CA ASP A 38 7.93 -4.89 -7.99
C ASP A 38 8.08 -5.87 -6.83
N SER A 39 7.28 -6.93 -6.84
CA SER A 39 7.39 -8.00 -5.87
C SER A 39 8.60 -8.87 -6.26
N LEU A 40 9.78 -8.63 -5.69
CA LEU A 40 10.95 -9.46 -5.99
C LEU A 40 10.74 -10.95 -5.67
N LYS A 41 9.71 -11.30 -4.90
CA LYS A 41 9.47 -12.65 -4.39
C LYS A 41 8.36 -13.40 -5.12
N LYS A 42 7.61 -12.78 -6.04
CA LYS A 42 6.54 -13.45 -6.78
C LYS A 42 6.47 -12.89 -8.20
N ASN A 43 5.86 -13.64 -9.11
CA ASN A 43 5.79 -13.26 -10.53
C ASN A 43 4.89 -12.07 -10.83
N PHE A 44 4.12 -11.60 -9.84
CA PHE A 44 3.20 -10.48 -10.00
C PHE A 44 3.73 -9.28 -9.25
N ARG A 45 4.03 -8.22 -10.00
CA ARG A 45 4.24 -6.88 -9.47
C ARG A 45 2.86 -6.25 -9.22
N PHE A 46 2.85 -5.10 -8.58
CA PHE A 46 1.65 -4.37 -8.21
C PHE A 46 1.87 -2.89 -8.55
N ALA A 47 0.79 -2.11 -8.64
CA ALA A 47 0.89 -0.65 -8.78
C ALA A 47 -0.34 0.04 -8.21
N ARG A 48 -0.20 1.33 -7.93
CA ARG A 48 -1.25 2.20 -7.44
C ARG A 48 -1.42 3.37 -8.40
N ILE A 49 -2.67 3.68 -8.74
CA ILE A 49 -3.04 4.97 -9.34
C ILE A 49 -4.23 5.51 -8.54
N GLU A 50 -4.29 6.82 -8.34
CA GLU A 50 -5.42 7.53 -7.78
C GLU A 50 -5.62 8.80 -8.60
N PHE A 51 -6.80 8.87 -9.24
CA PHE A 51 -7.18 10.10 -9.93
C PHE A 51 -7.54 11.16 -8.90
N ALA A 52 -8.33 10.76 -7.90
CA ALA A 52 -8.79 11.53 -6.74
C ALA A 52 -9.89 10.81 -5.99
N ARG A 53 -10.84 10.15 -6.69
CA ARG A 53 -12.06 9.62 -6.04
C ARG A 53 -12.25 8.14 -6.33
N TYR A 54 -13.24 7.52 -5.69
CA TYR A 54 -13.61 6.15 -6.00
C TYR A 54 -14.43 6.07 -7.30
N ASP A 55 -15.25 7.09 -7.61
CA ASP A 55 -16.22 7.02 -8.69
C ASP A 55 -15.54 6.78 -10.03
N GLY A 56 -14.51 7.58 -10.32
CA GLY A 56 -13.76 7.48 -11.56
C GLY A 56 -12.82 6.28 -11.53
N ALA A 57 -12.33 5.87 -10.36
CA ALA A 57 -11.57 4.64 -10.19
C ALA A 57 -12.37 3.48 -10.77
N LEU A 58 -13.66 3.40 -10.45
CA LEU A 58 -14.56 2.36 -10.94
C LEU A 58 -14.78 2.40 -12.46
N ALA A 59 -14.58 3.53 -13.13
CA ALA A 59 -14.59 3.62 -14.59
C ALA A 59 -13.33 2.99 -15.23
N ALA A 60 -12.20 3.08 -14.54
CA ALA A 60 -10.91 2.55 -14.98
C ALA A 60 -10.78 1.03 -14.78
N ILE A 61 -11.37 0.47 -13.71
CA ILE A 61 -11.24 -0.96 -13.35
C ILE A 61 -11.64 -1.86 -14.51
N THR A 62 -12.72 -1.51 -15.22
CA THR A 62 -13.19 -2.27 -16.37
C THR A 62 -12.15 -2.48 -17.47
N LYS A 63 -11.03 -1.74 -17.48
CA LYS A 63 -9.94 -2.01 -18.42
C LYS A 63 -9.29 -3.40 -18.19
N THR A 64 -9.52 -4.07 -17.05
CA THR A 64 -9.17 -5.47 -16.84
C THR A 64 -9.74 -6.38 -17.94
N HIS A 65 -10.78 -5.96 -18.65
CA HIS A 65 -11.37 -6.71 -19.75
C HIS A 65 -10.41 -6.84 -20.96
N LYS A 66 -9.23 -6.21 -20.94
CA LYS A 66 -8.20 -6.28 -21.98
C LYS A 66 -6.87 -6.62 -21.32
N VAL A 67 -5.99 -7.36 -22.01
CA VAL A 67 -4.64 -7.68 -21.55
C VAL A 67 -3.68 -6.55 -21.94
N VAL A 68 -2.38 -6.74 -21.71
CA VAL A 68 -1.31 -5.91 -22.25
C VAL A 68 -0.38 -6.81 -23.04
N GLY A 69 -0.62 -6.88 -24.35
CA GLY A 69 0.13 -7.66 -25.31
C GLY A 69 -0.17 -9.13 -25.09
N GLN A 70 0.64 -9.77 -24.27
CA GLN A 70 0.63 -11.21 -24.01
C GLN A 70 0.73 -11.47 -22.51
N ASN A 71 0.29 -10.53 -21.67
CA ASN A 71 0.23 -10.77 -20.22
C ASN A 71 -1.05 -10.17 -19.63
N GLU A 72 -1.83 -11.00 -18.93
CA GLU A 72 -3.14 -10.68 -18.36
C GLU A 72 -2.99 -9.73 -17.17
N ILE A 73 -3.28 -8.44 -17.34
CA ILE A 73 -3.24 -7.46 -16.25
C ILE A 73 -4.48 -7.59 -15.38
N ILE A 74 -4.35 -7.33 -14.07
CA ILE A 74 -5.48 -7.24 -13.16
C ILE A 74 -5.53 -5.77 -12.74
N VAL A 75 -6.71 -5.15 -12.76
CA VAL A 75 -6.94 -3.85 -12.18
C VAL A 75 -8.20 -3.99 -11.36
N SER A 76 -8.17 -3.56 -10.11
CA SER A 76 -9.37 -3.37 -9.32
C SER A 76 -9.15 -2.17 -8.40
N HIS A 77 -10.14 -1.79 -7.59
CA HIS A 77 -9.95 -0.85 -6.50
C HIS A 77 -8.88 -1.40 -5.54
N LEU A 78 -8.42 -0.57 -4.61
CA LEU A 78 -7.53 -1.06 -3.56
C LEU A 78 -8.40 -1.76 -2.51
N THR A 79 -7.86 -2.74 -1.81
CA THR A 79 -8.51 -3.35 -0.65
C THR A 79 -7.87 -2.78 0.63
N GLU A 80 -8.32 -3.26 1.78
CA GLU A 80 -8.07 -2.68 3.10
C GLU A 80 -6.64 -2.88 3.65
N CYS A 81 -5.66 -3.20 2.80
CA CYS A 81 -4.28 -3.58 3.13
C CYS A 81 -3.40 -2.46 3.70
N THR A 82 -3.98 -1.36 4.17
CA THR A 82 -3.30 -0.29 4.84
C THR A 82 -3.23 -0.71 6.31
N LEU A 83 -2.04 -1.12 6.74
CA LEU A 83 -1.74 -1.42 8.13
C LEU A 83 -1.41 -0.11 8.84
N TRP A 84 -1.54 -0.12 10.16
CA TRP A 84 -1.24 1.02 11.00
C TRP A 84 -0.41 0.57 12.19
N MET A 85 0.42 1.49 12.69
CA MET A 85 1.40 1.28 13.74
C MET A 85 1.30 2.43 14.73
N THR A 86 1.52 2.14 16.01
CA THR A 86 1.62 3.13 17.07
C THR A 86 2.43 2.54 18.24
N ASN A 87 2.62 3.34 19.27
CA ASN A 87 3.33 3.05 20.51
C ASN A 87 4.84 2.83 20.30
N PHE A 88 5.39 3.31 19.19
CA PHE A 88 6.82 3.26 18.89
C PHE A 88 7.56 4.40 19.62
N PRO A 89 8.88 4.26 19.88
CA PRO A 89 9.71 5.30 20.50
C PRO A 89 9.89 6.52 19.57
N PRO A 90 10.44 7.65 20.05
CA PRO A 90 10.69 8.83 19.22
C PRO A 90 11.77 8.60 18.16
N SER A 91 12.67 7.63 18.35
CA SER A 91 13.73 7.28 17.43
C SER A 91 13.24 6.40 16.25
N TYR A 92 11.95 6.43 15.91
CA TYR A 92 11.34 5.57 14.88
C TYR A 92 10.69 6.40 13.77
N THR A 93 11.44 6.62 12.70
CA THR A 93 11.05 7.29 11.45
C THR A 93 11.15 6.28 10.29
N GLN A 94 10.95 6.68 9.02
CA GLN A 94 10.78 5.78 7.88
C GLN A 94 11.88 4.71 7.79
N ARG A 95 13.15 5.07 7.98
CA ARG A 95 14.27 4.13 7.95
C ARG A 95 14.03 2.98 8.94
N ASN A 96 13.60 3.34 10.14
CA ASN A 96 13.43 2.44 11.27
C ASN A 96 12.24 1.52 11.01
N ILE A 97 11.14 2.04 10.43
CA ILE A 97 10.00 1.21 10.02
C ILE A 97 10.44 0.29 8.88
N ARG A 98 11.14 0.83 7.87
CA ARG A 98 11.48 0.11 6.65
C ARG A 98 12.35 -1.09 6.95
N ASP A 99 13.41 -0.92 7.73
CA ASP A 99 14.30 -2.03 8.04
C ASP A 99 13.54 -3.14 8.79
N LEU A 100 12.57 -2.75 9.61
CA LEU A 100 11.75 -3.65 10.42
C LEU A 100 10.79 -4.45 9.55
N LEU A 101 10.01 -3.78 8.72
CA LEU A 101 9.07 -4.47 7.84
C LEU A 101 9.80 -5.32 6.81
N GLN A 102 11.00 -4.92 6.43
CA GLN A 102 11.84 -5.66 5.50
C GLN A 102 12.28 -6.97 6.16
N ASP A 103 12.49 -6.98 7.48
CA ASP A 103 12.88 -8.16 8.23
C ASP A 103 11.69 -9.13 8.40
N ILE A 104 10.45 -8.62 8.36
CA ILE A 104 9.24 -9.31 8.80
C ILE A 104 8.46 -9.80 7.58
N ASN A 105 8.11 -8.86 6.73
CA ASN A 105 7.25 -9.01 5.56
C ASN A 105 8.05 -9.10 4.27
N VAL A 106 9.22 -8.47 4.25
CA VAL A 106 10.03 -8.19 3.08
C VAL A 106 9.23 -7.27 2.15
N VAL A 107 8.45 -7.86 1.24
CA VAL A 107 7.72 -7.20 0.19
C VAL A 107 6.70 -6.25 0.80
N ALA A 108 6.80 -4.96 0.46
CA ALA A 108 5.87 -3.91 0.90
C ALA A 108 5.27 -3.24 -0.32
N LEU A 109 4.05 -2.73 -0.18
CA LEU A 109 3.36 -2.06 -1.26
C LEU A 109 3.82 -0.61 -1.20
N SER A 110 3.64 0.10 -0.08
CA SER A 110 4.08 1.49 0.09
C SER A 110 4.18 1.86 1.59
N ILE A 111 4.73 3.03 1.93
CA ILE A 111 4.94 3.48 3.31
C ILE A 111 4.45 4.93 3.39
N ARG A 112 3.56 5.25 4.34
CA ARG A 112 2.90 6.56 4.46
C ARG A 112 3.13 7.12 5.86
N LEU A 113 4.02 8.11 5.94
CA LEU A 113 4.47 8.69 7.19
C LEU A 113 3.46 9.75 7.67
N PRO A 114 3.38 10.00 8.99
CA PRO A 114 2.59 11.09 9.56
C PRO A 114 3.33 12.43 9.54
N SER A 115 2.61 13.52 9.84
CA SER A 115 3.15 14.86 9.94
C SER A 115 2.39 15.69 10.98
N LEU A 116 2.48 15.25 12.23
CA LEU A 116 2.08 15.99 13.43
C LEU A 116 3.26 16.80 13.99
N ARG A 117 4.35 16.97 13.23
CA ARG A 117 5.53 17.75 13.62
C ARG A 117 5.21 19.19 14.01
N PHE A 118 4.06 19.71 13.55
CA PHE A 118 3.52 21.00 13.94
C PHE A 118 3.29 21.04 15.45
N ASN A 119 2.31 20.27 15.92
CA ASN A 119 1.82 20.29 17.30
C ASN A 119 1.63 18.85 17.73
N THR A 120 2.18 18.48 18.87
CA THR A 120 2.30 17.13 19.40
C THR A 120 0.92 16.51 19.71
N SER A 121 0.20 16.08 18.66
CA SER A 121 -1.10 15.43 18.73
C SER A 121 -1.00 13.98 19.23
N ARG A 122 -0.25 13.16 18.48
CA ARG A 122 -0.04 11.72 18.62
C ARG A 122 1.18 11.35 17.77
N ARG A 123 1.51 10.05 17.69
CA ARG A 123 2.56 9.49 16.84
C ARG A 123 2.05 8.15 16.27
N PHE A 124 1.20 8.18 15.24
CA PHE A 124 0.66 7.00 14.54
C PHE A 124 1.26 7.01 13.12
N ALA A 125 1.46 5.86 12.46
CA ALA A 125 2.02 5.79 11.10
C ALA A 125 1.34 4.67 10.29
N TYR A 126 1.42 4.70 8.96
CA TYR A 126 0.62 3.80 8.10
C TYR A 126 1.52 3.16 7.04
N ILE A 127 1.30 1.90 6.67
CA ILE A 127 2.10 1.19 5.67
C ILE A 127 1.13 0.32 4.87
N ASP A 128 1.31 0.19 3.57
CA ASP A 128 0.45 -0.59 2.68
C ASP A 128 1.21 -1.86 2.30
N VAL A 129 0.54 -3.01 2.30
CA VAL A 129 1.15 -4.29 1.91
C VAL A 129 0.25 -5.07 0.94
N THR A 130 0.68 -6.25 0.52
CA THR A 130 -0.13 -7.26 -0.15
C THR A 130 0.21 -8.68 0.31
N SER A 131 1.25 -8.87 1.12
CA SER A 131 1.53 -10.12 1.85
C SER A 131 0.52 -10.38 2.97
N LYS A 132 -0.61 -9.66 3.00
CA LYS A 132 -1.54 -9.51 4.12
C LYS A 132 -2.00 -10.82 4.75
N GLU A 133 -2.05 -11.91 4.00
CA GLU A 133 -2.29 -13.26 4.50
C GLU A 133 -1.27 -13.62 5.57
N ASP A 134 0.01 -13.37 5.28
CA ASP A 134 1.16 -13.63 6.14
C ASP A 134 1.30 -12.51 7.17
N ALA A 135 1.00 -11.26 6.78
CA ALA A 135 1.04 -10.10 7.68
C ALA A 135 0.20 -10.33 8.94
N ARG A 136 -0.89 -11.11 8.86
CA ARG A 136 -1.72 -11.49 9.99
C ARG A 136 -0.96 -12.34 11.01
N TYR A 137 -0.01 -13.17 10.59
CA TYR A 137 0.86 -13.93 11.48
C TYR A 137 1.91 -12.98 12.08
N CYS A 138 2.51 -12.11 11.27
CA CYS A 138 3.43 -11.06 11.71
C CYS A 138 2.83 -10.23 12.84
N VAL A 139 1.61 -9.71 12.66
CA VAL A 139 0.97 -8.82 13.64
C VAL A 139 0.94 -9.43 15.02
N GLU A 140 0.47 -10.66 15.02
CA GLU A 140 0.24 -11.49 16.20
C GLU A 140 1.48 -11.50 17.10
N LYS A 141 2.67 -11.58 16.52
CA LYS A 141 3.94 -11.37 17.23
C LYS A 141 4.09 -9.91 17.63
N LEU A 142 4.17 -9.01 16.64
CA LEU A 142 4.53 -7.61 16.78
C LEU A 142 3.70 -6.89 17.85
N ASN A 143 2.43 -7.23 18.00
CA ASN A 143 1.51 -6.67 19.00
C ASN A 143 1.92 -6.95 20.45
N GLY A 144 2.94 -7.77 20.68
CA GLY A 144 3.52 -8.04 21.99
C GLY A 144 5.03 -7.72 22.05
N LEU A 145 5.60 -7.15 20.98
CA LEU A 145 6.98 -6.69 20.99
C LEU A 145 7.09 -5.52 21.98
N LYS A 146 8.21 -5.36 22.70
CA LYS A 146 8.37 -4.30 23.67
C LYS A 146 9.72 -3.64 23.46
N ILE A 147 9.73 -2.41 22.96
CA ILE A 147 10.91 -1.60 22.67
C ILE A 147 10.91 -0.50 23.72
N GLU A 148 12.02 -0.29 24.43
CA GLU A 148 12.21 0.85 25.33
C GLU A 148 11.12 0.92 26.42
N GLY A 149 10.56 -0.24 26.78
CA GLY A 149 9.52 -0.39 27.78
C GLY A 149 8.09 -0.13 27.27
N TYR A 150 7.93 0.30 26.02
CA TYR A 150 6.65 0.43 25.34
C TYR A 150 6.35 -0.86 24.57
N THR A 151 5.20 -1.47 24.82
CA THR A 151 4.66 -2.54 24.01
C THR A 151 4.14 -1.93 22.70
N LEU A 152 4.74 -2.28 21.57
CA LEU A 152 4.33 -1.82 20.25
C LEU A 152 2.93 -2.30 19.92
N VAL A 153 2.25 -1.57 19.04
CA VAL A 153 0.95 -1.96 18.53
C VAL A 153 1.02 -1.85 17.02
N THR A 154 0.57 -2.91 16.35
CA THR A 154 0.45 -3.00 14.90
C THR A 154 -0.98 -3.49 14.63
N LYS A 155 -1.59 -3.19 13.48
CA LYS A 155 -2.79 -3.89 13.01
C LYS A 155 -2.80 -3.81 11.48
N VAL A 156 -3.30 -4.83 10.76
CA VAL A 156 -3.35 -4.84 9.30
C VAL A 156 -4.77 -5.10 8.82
N SER A 157 -5.51 -4.01 8.60
CA SER A 157 -6.85 -3.92 8.02
C SER A 157 -7.30 -2.47 8.13
N ASN A 158 -8.45 -2.20 7.50
CA ASN A 158 -9.21 -0.95 7.41
C ASN A 158 -9.01 -0.07 8.64
N PRO A 159 -8.18 0.99 8.56
CA PRO A 159 -7.86 1.92 9.65
C PRO A 159 -9.03 2.84 10.06
N LEU A 160 -10.24 2.32 10.09
CA LEU A 160 -11.46 2.94 10.58
C LEU A 160 -12.12 2.06 11.65
N GLU A 161 -11.74 0.78 11.73
CA GLU A 161 -12.20 -0.16 12.70
C GLU A 161 -10.94 -0.73 13.32
N MET A 1 -14.32 6.99 4.98
CA MET A 1 -15.49 6.48 5.67
C MET A 1 -15.70 5.02 5.30
N ARG A 2 -16.09 4.69 4.05
CA ARG A 2 -16.54 3.32 3.76
C ARG A 2 -16.58 2.95 2.27
N GLU A 3 -15.87 3.68 1.42
CA GLU A 3 -16.00 3.59 -0.04
C GLU A 3 -14.71 3.05 -0.64
N LEU A 4 -14.80 1.91 -1.34
CA LEU A 4 -13.70 1.26 -2.04
C LEU A 4 -13.33 2.12 -3.21
N THR A 5 -12.35 2.97 -2.98
CA THR A 5 -11.92 4.02 -3.89
C THR A 5 -10.40 3.99 -4.07
N THR A 6 -9.80 2.88 -3.66
CA THR A 6 -8.41 2.53 -3.72
C THR A 6 -8.30 1.29 -4.61
N VAL A 7 -7.58 1.45 -5.72
CA VAL A 7 -7.54 0.47 -6.80
C VAL A 7 -6.11 0.03 -7.09
N LEU A 8 -5.97 -1.27 -7.24
CA LEU A 8 -4.72 -1.99 -7.26
C LEU A 8 -4.55 -2.64 -8.62
N VAL A 9 -3.33 -2.51 -9.16
CA VAL A 9 -2.98 -3.09 -10.44
C VAL A 9 -2.01 -4.25 -10.18
N LYS A 10 -2.06 -5.29 -11.02
CA LYS A 10 -1.14 -6.42 -10.94
C LYS A 10 -0.58 -6.70 -12.34
N ASN A 11 0.57 -7.37 -12.37
CA ASN A 11 1.28 -7.97 -13.49
C ASN A 11 2.37 -7.02 -13.99
N LEU A 12 1.97 -5.92 -14.66
CA LEU A 12 2.80 -4.76 -15.02
C LEU A 12 4.07 -5.15 -15.82
N PRO A 13 3.93 -5.34 -17.15
CA PRO A 13 5.03 -5.77 -18.01
C PRO A 13 6.11 -4.70 -18.14
N LYS A 14 7.29 -5.11 -18.58
CA LYS A 14 8.41 -4.23 -18.91
C LYS A 14 8.08 -3.15 -19.94
N SER A 15 7.03 -3.32 -20.74
CA SER A 15 6.67 -2.41 -21.82
C SER A 15 6.33 -1.02 -21.29
N TYR A 16 5.71 -0.94 -20.12
CA TYR A 16 5.36 0.28 -19.42
C TYR A 16 6.12 0.26 -18.10
N ASN A 17 6.24 1.43 -17.47
CA ASN A 17 6.95 1.61 -16.21
C ASN A 17 6.24 2.79 -15.52
N GLN A 18 6.56 3.01 -14.24
CA GLN A 18 5.81 3.88 -13.31
C GLN A 18 5.57 5.29 -13.86
N ASN A 19 6.51 5.79 -14.64
CA ASN A 19 6.47 7.07 -15.35
C ASN A 19 5.38 7.07 -16.42
N LYS A 20 5.47 6.08 -17.31
CA LYS A 20 4.55 5.89 -18.42
C LYS A 20 3.12 5.74 -17.94
N VAL A 21 2.85 4.99 -16.87
CA VAL A 21 1.51 4.78 -16.40
C VAL A 21 0.91 6.04 -15.80
N TYR A 22 1.71 6.79 -15.02
CA TYR A 22 1.32 8.01 -14.31
C TYR A 22 0.63 8.95 -15.30
N LYS A 23 1.27 9.21 -16.43
CA LYS A 23 0.72 10.09 -17.48
C LYS A 23 -0.66 9.65 -17.96
N TYR A 24 -0.92 8.34 -18.02
CA TYR A 24 -2.26 7.86 -18.31
C TYR A 24 -3.16 8.03 -17.08
N PHE A 25 -2.77 7.61 -15.86
CA PHE A 25 -3.72 7.65 -14.74
C PHE A 25 -4.18 9.06 -14.40
N LYS A 26 -3.29 10.04 -14.38
CA LYS A 26 -3.65 11.44 -14.19
C LYS A 26 -4.62 11.96 -15.26
N HIS A 27 -4.71 11.32 -16.43
CA HIS A 27 -5.76 11.60 -17.40
C HIS A 27 -7.06 10.83 -17.06
N CYS A 28 -6.95 9.58 -16.60
CA CYS A 28 -8.09 8.73 -16.22
C CYS A 28 -8.91 9.28 -15.04
N GLY A 29 -8.43 10.32 -14.35
CA GLY A 29 -9.18 11.02 -13.34
C GLY A 29 -8.28 11.90 -12.50
N PRO A 30 -8.84 12.57 -11.49
CA PRO A 30 -8.08 13.06 -10.36
C PRO A 30 -7.64 11.88 -9.49
N ILE A 31 -6.51 12.03 -8.79
CA ILE A 31 -5.93 11.06 -7.88
C ILE A 31 -5.37 11.83 -6.68
N ILE A 32 -5.68 11.38 -5.47
CA ILE A 32 -4.98 11.82 -4.27
C ILE A 32 -3.55 11.27 -4.37
N HIS A 33 -3.38 9.94 -4.44
CA HIS A 33 -2.05 9.33 -4.30
C HIS A 33 -1.90 8.06 -5.16
N VAL A 34 -0.66 7.70 -5.51
CA VAL A 34 -0.30 6.58 -6.38
C VAL A 34 1.09 6.08 -5.97
N ASP A 35 1.34 4.77 -6.02
CA ASP A 35 2.69 4.18 -5.90
C ASP A 35 2.69 2.78 -6.53
N VAL A 36 3.87 2.22 -6.78
CA VAL A 36 4.10 0.94 -7.43
C VAL A 36 4.98 0.05 -6.52
N ALA A 37 5.01 -1.27 -6.76
CA ALA A 37 5.81 -2.26 -6.07
C ALA A 37 6.40 -3.27 -7.05
N ASP A 38 7.68 -3.59 -6.84
CA ASP A 38 8.43 -4.62 -7.53
C ASP A 38 8.20 -5.96 -6.85
N SER A 39 7.62 -6.91 -7.58
CA SER A 39 7.80 -8.34 -7.31
C SER A 39 7.94 -9.10 -8.65
N LEU A 40 8.39 -8.42 -9.72
CA LEU A 40 8.75 -8.98 -11.04
C LEU A 40 9.78 -10.11 -10.95
N LYS A 41 10.38 -10.33 -9.78
CA LYS A 41 11.15 -11.50 -9.46
C LYS A 41 10.31 -12.76 -9.71
N LYS A 42 9.13 -12.92 -9.08
CA LYS A 42 8.29 -14.10 -9.32
C LYS A 42 6.78 -13.84 -9.23
N ASN A 43 6.32 -12.89 -8.40
CA ASN A 43 4.88 -12.60 -8.23
C ASN A 43 4.36 -11.54 -9.20
N PHE A 44 5.27 -10.95 -9.99
CA PHE A 44 5.06 -9.88 -10.97
C PHE A 44 4.92 -8.53 -10.26
N ARG A 45 4.73 -7.41 -10.97
CA ARG A 45 4.67 -6.09 -10.34
C ARG A 45 3.24 -5.80 -9.86
N PHE A 46 3.11 -4.84 -8.95
CA PHE A 46 1.83 -4.42 -8.37
C PHE A 46 1.82 -2.90 -8.24
N ALA A 47 0.64 -2.29 -8.04
CA ALA A 47 0.51 -0.88 -7.71
C ALA A 47 -0.73 -0.62 -6.86
N ARG A 48 -0.80 0.56 -6.23
CA ARG A 48 -1.89 1.05 -5.38
C ARG A 48 -2.18 2.50 -5.79
N ILE A 49 -3.41 2.82 -6.18
CA ILE A 49 -3.81 4.15 -6.65
C ILE A 49 -5.06 4.59 -5.88
N GLU A 50 -4.86 5.52 -4.95
CA GLU A 50 -5.92 6.21 -4.25
C GLU A 50 -6.42 7.33 -5.18
N PHE A 51 -7.36 6.96 -6.06
CA PHE A 51 -8.24 7.91 -6.77
C PHE A 51 -9.13 8.64 -5.77
N ALA A 52 -9.50 7.96 -4.67
CA ALA A 52 -10.41 8.42 -3.64
C ALA A 52 -11.78 8.81 -4.19
N ARG A 53 -12.21 8.25 -5.31
CA ARG A 53 -13.51 8.48 -5.94
C ARG A 53 -13.99 7.15 -6.47
N TYR A 54 -15.30 6.87 -6.39
CA TYR A 54 -15.84 5.68 -7.04
C TYR A 54 -15.60 5.77 -8.54
N ASP A 55 -15.65 6.98 -9.09
CA ASP A 55 -15.56 7.28 -10.51
C ASP A 55 -14.24 6.80 -11.09
N GLY A 56 -13.13 7.23 -10.48
CA GLY A 56 -11.80 6.83 -10.89
C GLY A 56 -11.57 5.36 -10.65
N ALA A 57 -12.09 4.83 -9.53
CA ALA A 57 -11.98 3.42 -9.21
C ALA A 57 -12.65 2.55 -10.27
N LEU A 58 -13.90 2.84 -10.66
CA LEU A 58 -14.58 2.05 -11.67
C LEU A 58 -13.91 2.21 -13.02
N ALA A 59 -13.53 3.44 -13.38
CA ALA A 59 -12.79 3.69 -14.60
C ALA A 59 -11.47 2.92 -14.63
N ALA A 60 -10.82 2.70 -13.48
CA ALA A 60 -9.59 1.95 -13.42
C ALA A 60 -9.88 0.46 -13.62
N ILE A 61 -10.77 -0.10 -12.81
CA ILE A 61 -11.14 -1.52 -12.83
C ILE A 61 -11.60 -1.89 -14.25
N THR A 62 -12.43 -1.07 -14.89
CA THR A 62 -12.92 -1.33 -16.23
C THR A 62 -11.83 -1.20 -17.31
N LYS A 63 -10.71 -0.51 -17.07
CA LYS A 63 -9.62 -0.44 -18.03
C LYS A 63 -8.79 -1.74 -18.03
N THR A 64 -9.04 -2.70 -17.15
CA THR A 64 -8.26 -3.94 -17.06
C THR A 64 -8.21 -4.74 -18.36
N HIS A 65 -9.18 -4.59 -19.26
CA HIS A 65 -9.19 -5.30 -20.53
C HIS A 65 -8.11 -4.71 -21.45
N LYS A 66 -6.84 -4.93 -21.16
CA LYS A 66 -5.73 -4.35 -21.91
C LYS A 66 -4.53 -5.29 -21.85
N VAL A 67 -4.23 -5.93 -22.98
CA VAL A 67 -2.90 -6.45 -23.22
C VAL A 67 -2.00 -5.23 -23.35
N VAL A 68 -1.05 -5.06 -22.44
CA VAL A 68 -0.01 -4.06 -22.54
C VAL A 68 1.15 -4.75 -23.26
N GLY A 69 1.23 -4.57 -24.57
CA GLY A 69 2.23 -5.17 -25.44
C GLY A 69 1.92 -6.64 -25.67
N GLN A 70 2.16 -7.48 -24.66
CA GLN A 70 2.11 -8.93 -24.75
C GLN A 70 1.55 -9.56 -23.47
N ASN A 71 0.93 -8.75 -22.60
CA ASN A 71 0.70 -9.13 -21.21
C ASN A 71 -0.53 -8.45 -20.66
N GLU A 72 -1.60 -9.19 -20.37
CA GLU A 72 -2.81 -8.67 -19.73
C GLU A 72 -2.54 -8.31 -18.29
N ILE A 73 -2.62 -7.03 -18.00
CA ILE A 73 -2.62 -6.46 -16.66
C ILE A 73 -3.96 -6.69 -15.96
N ILE A 74 -3.99 -6.68 -14.62
CA ILE A 74 -5.22 -6.87 -13.85
C ILE A 74 -5.44 -5.62 -13.02
N VAL A 75 -6.62 -5.01 -13.10
CA VAL A 75 -7.02 -3.88 -12.27
C VAL A 75 -8.23 -4.32 -11.46
N SER A 76 -8.18 -4.02 -10.16
CA SER A 76 -9.19 -4.40 -9.19
C SER A 76 -9.21 -3.37 -8.05
N HIS A 77 -10.13 -3.47 -7.09
CA HIS A 77 -10.00 -2.73 -5.83
C HIS A 77 -9.01 -3.42 -4.88
N LEU A 78 -8.62 -2.70 -3.84
CA LEU A 78 -7.83 -3.13 -2.69
C LEU A 78 -8.70 -3.87 -1.66
N THR A 79 -8.11 -4.77 -0.89
CA THR A 79 -8.75 -5.53 0.18
C THR A 79 -7.93 -5.27 1.44
N GLU A 80 -8.53 -5.37 2.62
CA GLU A 80 -8.11 -4.94 3.96
C GLU A 80 -6.78 -5.50 4.53
N CYS A 81 -5.85 -5.93 3.70
CA CYS A 81 -4.45 -6.22 3.95
C CYS A 81 -3.60 -4.96 4.23
N THR A 82 -4.25 -3.94 4.78
CA THR A 82 -3.71 -2.62 5.07
C THR A 82 -3.54 -2.65 6.59
N LEU A 83 -2.30 -2.77 7.08
CA LEU A 83 -2.03 -2.67 8.51
C LEU A 83 -1.99 -1.21 8.91
N TRP A 84 -2.37 -0.92 10.15
CA TRP A 84 -2.17 0.37 10.78
C TRP A 84 -1.37 0.17 12.06
N MET A 85 -0.28 0.92 12.20
CA MET A 85 0.49 1.04 13.43
C MET A 85 0.16 2.38 14.09
N THR A 86 0.41 2.48 15.38
CA THR A 86 0.28 3.74 16.10
C THR A 86 1.30 3.78 17.25
N ASN A 87 1.31 4.93 17.93
CA ASN A 87 2.02 5.25 19.16
C ASN A 87 3.47 4.79 19.09
N PHE A 88 4.26 5.47 18.27
CA PHE A 88 5.64 5.10 17.95
C PHE A 88 6.58 6.25 18.33
N PRO A 89 7.81 5.97 18.81
CA PRO A 89 8.83 6.98 18.98
C PRO A 89 9.26 7.52 17.59
N PRO A 90 9.82 8.74 17.51
CA PRO A 90 10.07 9.42 16.24
C PRO A 90 11.17 8.77 15.39
N SER A 91 11.93 7.85 15.98
CA SER A 91 12.94 7.03 15.32
C SER A 91 12.34 6.15 14.21
N TYR A 92 11.05 5.82 14.22
CA TYR A 92 10.48 5.02 13.15
C TYR A 92 10.45 5.86 11.87
N THR A 93 11.02 5.26 10.84
CA THR A 93 11.21 5.79 9.50
C THR A 93 10.65 4.79 8.49
N GLN A 94 10.48 5.23 7.23
CA GLN A 94 10.15 4.32 6.15
C GLN A 94 11.19 3.23 6.01
N ARG A 95 12.49 3.59 6.08
CA ARG A 95 13.56 2.61 5.90
C ARG A 95 13.40 1.46 6.88
N ASN A 96 13.31 1.76 8.18
CA ASN A 96 13.12 0.78 9.22
C ASN A 96 11.87 -0.06 8.97
N ILE A 97 10.71 0.55 8.73
CA ILE A 97 9.47 -0.22 8.62
C ILE A 97 9.52 -1.14 7.39
N ARG A 98 9.97 -0.63 6.24
CA ARG A 98 10.11 -1.38 5.00
C ARG A 98 11.03 -2.58 5.21
N ASP A 99 12.15 -2.40 5.91
CA ASP A 99 13.08 -3.48 6.16
C ASP A 99 12.55 -4.49 7.19
N LEU A 100 11.83 -4.00 8.20
CA LEU A 100 11.28 -4.78 9.29
C LEU A 100 10.28 -5.81 8.76
N LEU A 101 9.28 -5.34 8.02
CA LEU A 101 8.28 -6.21 7.41
C LEU A 101 8.88 -7.21 6.43
N GLN A 102 10.05 -6.91 5.87
CA GLN A 102 10.73 -7.84 4.99
C GLN A 102 11.35 -8.95 5.82
N ASP A 103 12.09 -8.59 6.87
CA ASP A 103 12.80 -9.54 7.69
C ASP A 103 11.86 -10.54 8.37
N ILE A 104 10.68 -10.09 8.82
CA ILE A 104 9.72 -10.95 9.52
C ILE A 104 8.77 -11.60 8.53
N ASN A 105 8.35 -10.88 7.48
CA ASN A 105 7.36 -11.37 6.55
C ASN A 105 8.01 -11.55 5.19
N VAL A 106 7.99 -10.51 4.34
CA VAL A 106 8.55 -10.39 3.00
C VAL A 106 8.14 -8.99 2.44
N VAL A 107 8.54 -8.66 1.20
CA VAL A 107 8.42 -7.38 0.53
C VAL A 107 6.97 -6.83 0.55
N ALA A 108 6.81 -5.58 1.01
CA ALA A 108 5.55 -4.87 1.11
C ALA A 108 5.01 -4.48 -0.27
N LEU A 109 3.76 -4.05 -0.30
CA LEU A 109 3.11 -3.54 -1.48
C LEU A 109 3.12 -2.00 -1.44
N SER A 110 2.86 -1.35 -0.30
CA SER A 110 2.81 0.12 -0.25
C SER A 110 2.99 0.63 1.20
N ILE A 111 3.34 1.92 1.41
CA ILE A 111 3.64 2.49 2.73
C ILE A 111 3.13 3.95 2.80
N ARG A 112 2.09 4.24 3.59
CA ARG A 112 1.72 5.60 3.99
C ARG A 112 2.43 5.95 5.29
N LEU A 113 3.47 6.77 5.18
CA LEU A 113 3.98 7.53 6.32
C LEU A 113 2.97 8.68 6.55
N PRO A 114 2.65 9.05 7.80
CA PRO A 114 1.82 10.20 8.12
C PRO A 114 2.58 11.52 7.90
N SER A 115 1.95 12.65 8.23
CA SER A 115 2.51 13.99 8.06
C SER A 115 3.61 14.37 9.06
N LEU A 116 4.41 13.40 9.52
CA LEU A 116 5.47 13.61 10.51
C LEU A 116 6.63 14.48 10.00
N ARG A 117 6.64 14.83 8.71
CA ARG A 117 7.59 15.77 8.16
C ARG A 117 7.50 17.11 8.85
N PHE A 118 6.28 17.63 9.05
CA PHE A 118 6.08 18.99 9.52
C PHE A 118 6.74 19.18 10.89
N ASN A 119 6.19 18.58 11.95
CA ASN A 119 6.66 18.76 13.31
C ASN A 119 5.92 17.81 14.23
N THR A 120 6.55 16.68 14.53
CA THR A 120 6.02 15.58 15.34
C THR A 120 4.95 14.81 14.55
N SER A 121 4.95 13.47 14.64
CA SER A 121 3.96 12.64 13.97
C SER A 121 2.57 12.96 14.50
N ARG A 122 2.39 12.78 15.81
CA ARG A 122 1.13 12.80 16.54
C ARG A 122 -0.02 12.12 15.79
N ARG A 123 0.28 11.12 14.96
CA ARG A 123 -0.69 10.38 14.16
C ARG A 123 -0.40 8.88 14.17
N PHE A 124 -1.15 8.15 13.36
CA PHE A 124 -1.04 6.72 13.16
C PHE A 124 -0.48 6.55 11.73
N ALA A 125 0.06 5.38 11.39
CA ALA A 125 0.73 5.11 10.12
C ALA A 125 0.13 3.87 9.47
N TYR A 126 0.33 3.68 8.16
CA TYR A 126 -0.40 2.68 7.38
C TYR A 126 0.55 2.01 6.38
N ILE A 127 0.49 0.68 6.23
CA ILE A 127 1.32 -0.05 5.29
C ILE A 127 0.42 -1.11 4.65
N ASP A 128 0.66 -1.45 3.39
CA ASP A 128 -0.11 -2.39 2.60
C ASP A 128 0.80 -3.56 2.27
N VAL A 129 0.31 -4.78 2.47
CA VAL A 129 1.15 -5.96 2.29
C VAL A 129 0.54 -6.96 1.30
N THR A 130 1.40 -7.88 0.83
CA THR A 130 1.08 -9.10 0.12
C THR A 130 1.41 -10.30 1.04
N SER A 131 1.25 -10.09 2.35
CA SER A 131 1.71 -10.93 3.44
C SER A 131 0.68 -11.12 4.53
N LYS A 132 -0.58 -10.80 4.30
CA LYS A 132 -1.59 -10.77 5.37
C LYS A 132 -1.58 -12.05 6.22
N GLU A 133 -1.18 -13.18 5.65
CA GLU A 133 -0.94 -14.45 6.31
C GLU A 133 0.10 -14.30 7.43
N ASP A 134 1.31 -13.83 7.11
CA ASP A 134 2.40 -13.69 8.09
C ASP A 134 2.19 -12.44 8.93
N ALA A 135 1.53 -11.43 8.39
CA ALA A 135 1.28 -10.16 9.05
C ALA A 135 0.47 -10.38 10.32
N ARG A 136 -0.42 -11.38 10.34
CA ARG A 136 -1.16 -11.81 11.52
C ARG A 136 -0.23 -12.34 12.60
N TYR A 137 0.80 -13.08 12.25
CA TYR A 137 1.76 -13.54 13.23
C TYR A 137 2.55 -12.35 13.77
N CYS A 138 3.08 -11.53 12.85
CA CYS A 138 3.89 -10.35 13.15
C CYS A 138 3.17 -9.43 14.15
N VAL A 139 1.92 -9.06 13.87
CA VAL A 139 1.08 -8.23 14.75
C VAL A 139 1.01 -8.76 16.17
N GLU A 140 0.62 -10.01 16.24
CA GLU A 140 0.39 -10.73 17.47
C GLU A 140 1.64 -10.79 18.36
N LYS A 141 2.83 -10.51 17.80
CA LYS A 141 4.06 -10.25 18.53
C LYS A 141 4.20 -8.74 18.78
N LEU A 142 4.27 -7.93 17.73
CA LEU A 142 4.64 -6.52 17.77
C LEU A 142 3.69 -5.68 18.61
N ASN A 143 2.38 -5.95 18.54
CA ASN A 143 1.37 -5.19 19.25
C ASN A 143 1.53 -5.46 20.74
N GLY A 144 1.65 -4.39 21.52
CA GLY A 144 1.89 -4.47 22.96
C GLY A 144 3.37 -4.46 23.33
N LEU A 145 4.29 -4.25 22.38
CA LEU A 145 5.69 -3.97 22.68
C LEU A 145 5.79 -2.58 23.33
N LYS A 146 6.76 -2.32 24.22
CA LYS A 146 7.00 -1.01 24.84
C LYS A 146 8.37 -0.53 24.43
N ILE A 147 8.43 0.68 23.92
CA ILE A 147 9.63 1.37 23.52
C ILE A 147 9.61 2.72 24.22
N GLU A 148 10.42 2.87 25.26
CA GLU A 148 10.62 4.09 26.02
C GLU A 148 9.30 4.66 26.57
N GLY A 149 8.32 3.78 26.80
CA GLY A 149 7.00 4.10 27.34
C GLY A 149 5.89 4.09 26.27
N TYR A 150 6.23 4.26 24.99
CA TYR A 150 5.26 4.12 23.91
C TYR A 150 4.97 2.63 23.72
N THR A 151 3.72 2.23 23.96
CA THR A 151 3.23 0.93 23.56
C THR A 151 3.02 0.96 22.04
N LEU A 152 3.90 0.34 21.24
CA LEU A 152 3.63 0.17 19.82
C LEU A 152 2.38 -0.70 19.70
N VAL A 153 1.31 -0.20 19.08
CA VAL A 153 0.17 -1.02 18.68
C VAL A 153 0.25 -1.18 17.16
N THR A 154 -0.16 -2.36 16.69
CA THR A 154 -0.34 -2.71 15.30
C THR A 154 -1.68 -3.45 15.25
N LYS A 155 -2.39 -3.33 14.12
CA LYS A 155 -3.56 -4.12 13.77
C LYS A 155 -3.51 -4.33 12.25
N VAL A 156 -4.04 -5.45 11.74
CA VAL A 156 -4.12 -5.70 10.29
C VAL A 156 -5.57 -6.00 9.93
N SER A 157 -6.38 -4.94 9.89
CA SER A 157 -7.65 -4.90 9.21
C SER A 157 -7.88 -3.44 8.83
N ASN A 158 -8.80 -3.23 7.91
CA ASN A 158 -9.22 -1.91 7.47
C ASN A 158 -10.69 -2.01 7.09
N PRO A 159 -11.59 -1.71 8.04
CA PRO A 159 -13.03 -1.96 7.92
C PRO A 159 -13.73 -0.90 7.07
N LEU A 160 -13.32 -0.81 5.82
CA LEU A 160 -13.78 0.08 4.77
C LEU A 160 -13.05 -0.22 3.46
N GLU A 161 -12.05 -1.11 3.45
CA GLU A 161 -11.50 -1.77 2.29
C GLU A 161 -11.93 -3.23 2.33
N MET A 1 -17.80 -0.88 4.71
CA MET A 1 -17.79 -1.29 3.29
C MET A 1 -16.92 -2.51 3.02
N ARG A 2 -15.81 -2.71 3.75
CA ARG A 2 -14.74 -3.67 3.46
C ARG A 2 -13.93 -3.28 2.21
N GLU A 3 -14.16 -2.11 1.62
CA GLU A 3 -13.47 -1.62 0.44
C GLU A 3 -13.24 -0.13 0.64
N LEU A 4 -12.02 0.33 0.43
CA LEU A 4 -11.58 1.66 0.84
C LEU A 4 -11.38 2.58 -0.37
N THR A 5 -12.15 2.36 -1.43
CA THR A 5 -12.08 3.00 -2.76
C THR A 5 -10.67 3.00 -3.39
N THR A 6 -9.81 2.16 -2.85
CA THR A 6 -8.48 1.81 -3.28
C THR A 6 -8.54 0.70 -4.32
N VAL A 7 -7.55 0.71 -5.22
CA VAL A 7 -7.38 -0.32 -6.24
C VAL A 7 -5.92 -0.78 -6.28
N LEU A 8 -5.67 -1.94 -6.89
CA LEU A 8 -4.36 -2.53 -7.05
C LEU A 8 -4.22 -3.08 -8.48
N VAL A 9 -3.03 -2.89 -9.05
CA VAL A 9 -2.66 -3.32 -10.40
C VAL A 9 -1.59 -4.41 -10.24
N LYS A 10 -1.61 -5.46 -11.07
CA LYS A 10 -0.59 -6.51 -11.15
C LYS A 10 -0.20 -6.71 -12.60
N ASN A 11 1.07 -7.05 -12.83
CA ASN A 11 1.73 -7.54 -14.03
C ASN A 11 2.79 -6.51 -14.44
N LEU A 12 2.32 -5.38 -14.98
CA LEU A 12 3.06 -4.14 -15.29
C LEU A 12 4.17 -4.37 -16.33
N PRO A 13 3.77 -4.65 -17.59
CA PRO A 13 4.69 -4.96 -18.67
C PRO A 13 5.65 -3.81 -18.99
N LYS A 14 6.81 -4.15 -19.56
CA LYS A 14 7.82 -3.23 -20.06
C LYS A 14 7.30 -2.16 -21.03
N SER A 15 6.09 -2.30 -21.58
CA SER A 15 5.50 -1.29 -22.45
C SER A 15 5.30 0.05 -21.73
N TYR A 16 5.17 0.07 -20.40
CA TYR A 16 5.13 1.29 -19.63
C TYR A 16 6.02 1.16 -18.40
N ASN A 17 6.16 2.26 -17.67
CA ASN A 17 6.85 2.35 -16.39
C ASN A 17 6.10 3.39 -15.55
N GLN A 18 6.54 3.64 -14.30
CA GLN A 18 5.84 4.49 -13.34
C GLN A 18 5.45 5.84 -13.94
N ASN A 19 6.34 6.48 -14.71
CA ASN A 19 6.06 7.82 -15.24
C ASN A 19 4.88 7.81 -16.19
N LYS A 20 4.92 6.92 -17.19
CA LYS A 20 3.82 6.69 -18.12
C LYS A 20 2.52 6.38 -17.37
N VAL A 21 2.57 5.54 -16.33
CA VAL A 21 1.41 5.24 -15.49
C VAL A 21 0.93 6.51 -14.79
N TYR A 22 1.84 7.37 -14.32
CA TYR A 22 1.51 8.59 -13.60
C TYR A 22 0.66 9.52 -14.46
N LYS A 23 0.94 9.62 -15.77
CA LYS A 23 0.01 10.34 -16.65
C LYS A 23 -1.31 9.57 -16.72
N TYR A 24 -1.29 8.26 -17.00
CA TYR A 24 -2.50 7.47 -17.24
C TYR A 24 -3.54 7.65 -16.14
N PHE A 25 -3.16 7.54 -14.85
CA PHE A 25 -4.17 7.53 -13.79
C PHE A 25 -4.85 8.89 -13.70
N LYS A 26 -4.10 10.00 -13.64
CA LYS A 26 -4.71 11.33 -13.54
C LYS A 26 -5.62 11.61 -14.73
N HIS A 27 -5.20 11.20 -15.93
CA HIS A 27 -5.97 11.43 -17.13
C HIS A 27 -7.24 10.54 -17.17
N CYS A 28 -7.38 9.54 -16.30
CA CYS A 28 -8.66 8.84 -16.12
C CYS A 28 -9.67 9.70 -15.35
N GLY A 29 -9.27 10.46 -14.33
CA GLY A 29 -10.20 11.20 -13.48
C GLY A 29 -9.52 11.76 -12.23
N PRO A 30 -10.29 12.20 -11.22
CA PRO A 30 -9.75 12.62 -9.93
C PRO A 30 -9.22 11.41 -9.14
N ILE A 31 -8.07 11.56 -8.48
CA ILE A 31 -7.45 10.55 -7.60
C ILE A 31 -6.82 11.30 -6.42
N ILE A 32 -6.96 10.76 -5.22
CA ILE A 32 -6.37 11.33 -4.02
C ILE A 32 -4.91 10.90 -3.87
N HIS A 33 -4.57 9.61 -4.06
CA HIS A 33 -3.17 9.18 -3.85
C HIS A 33 -2.80 8.00 -4.76
N VAL A 34 -1.51 7.75 -4.96
CA VAL A 34 -1.00 6.79 -5.93
C VAL A 34 0.38 6.31 -5.48
N ASP A 35 0.78 5.08 -5.83
CA ASP A 35 2.16 4.61 -5.81
C ASP A 35 2.31 3.46 -6.82
N VAL A 36 3.55 3.02 -7.07
CA VAL A 36 3.85 1.73 -7.68
C VAL A 36 4.55 0.85 -6.64
N ALA A 37 4.70 -0.44 -6.89
CA ALA A 37 5.59 -1.31 -6.13
C ALA A 37 6.23 -2.29 -7.11
N ASP A 38 7.50 -2.07 -7.41
CA ASP A 38 8.31 -3.01 -8.14
C ASP A 38 8.67 -4.20 -7.24
N SER A 39 9.30 -5.21 -7.84
CA SER A 39 9.90 -6.34 -7.18
C SER A 39 11.08 -6.70 -8.07
N LEU A 40 12.28 -6.69 -7.49
CA LEU A 40 13.51 -7.03 -8.18
C LEU A 40 13.58 -8.54 -8.42
N LYS A 41 13.17 -9.34 -7.42
CA LYS A 41 13.14 -10.80 -7.49
C LYS A 41 12.30 -11.27 -8.67
N LYS A 42 11.01 -10.96 -8.62
CA LYS A 42 9.99 -11.55 -9.48
C LYS A 42 10.01 -10.89 -10.85
N ASN A 43 9.27 -11.48 -11.79
CA ASN A 43 9.10 -10.94 -13.12
C ASN A 43 8.19 -9.71 -13.05
N PHE A 44 6.96 -9.88 -12.58
CA PHE A 44 5.93 -8.85 -12.52
C PHE A 44 6.22 -7.77 -11.48
N ARG A 45 5.51 -6.64 -11.60
CA ARG A 45 5.40 -5.58 -10.60
C ARG A 45 3.93 -5.38 -10.24
N PHE A 46 3.67 -4.50 -9.28
CA PHE A 46 2.35 -4.13 -8.81
C PHE A 46 2.24 -2.59 -8.76
N ALA A 47 1.04 -2.03 -8.58
CA ALA A 47 0.86 -0.63 -8.20
C ALA A 47 -0.40 -0.49 -7.35
N ARG A 48 -0.59 0.64 -6.65
CA ARG A 48 -1.73 0.87 -5.77
C ARG A 48 -2.22 2.31 -5.97
N ILE A 49 -3.52 2.55 -6.03
CA ILE A 49 -4.06 3.90 -6.24
C ILE A 49 -5.31 4.08 -5.36
N GLU A 50 -5.36 5.18 -4.60
CA GLU A 50 -6.54 5.65 -3.87
C GLU A 50 -7.25 6.66 -4.77
N PHE A 51 -8.12 6.12 -5.64
CA PHE A 51 -9.01 6.91 -6.50
C PHE A 51 -10.02 7.72 -5.69
N ALA A 52 -10.37 7.29 -4.47
CA ALA A 52 -11.33 7.94 -3.59
C ALA A 52 -12.69 8.20 -4.25
N ARG A 53 -13.09 7.36 -5.20
CA ARG A 53 -14.39 7.39 -5.87
C ARG A 53 -14.65 6.01 -6.43
N TYR A 54 -15.86 5.52 -6.26
CA TYR A 54 -16.32 4.26 -6.84
C TYR A 54 -16.19 4.35 -8.35
N ASP A 55 -16.54 5.50 -8.94
CA ASP A 55 -16.49 5.75 -10.38
C ASP A 55 -15.05 5.67 -10.87
N GLY A 56 -14.13 6.26 -10.09
CA GLY A 56 -12.72 6.25 -10.40
C GLY A 56 -12.16 4.83 -10.38
N ALA A 57 -12.53 4.06 -9.36
CA ALA A 57 -12.14 2.66 -9.26
C ALA A 57 -12.75 1.83 -10.40
N LEU A 58 -14.01 2.09 -10.78
CA LEU A 58 -14.67 1.43 -11.92
C LEU A 58 -13.90 1.68 -13.20
N ALA A 59 -13.52 2.94 -13.43
CA ALA A 59 -12.73 3.37 -14.56
C ALA A 59 -11.34 2.73 -14.58
N ALA A 60 -10.81 2.32 -13.43
CA ALA A 60 -9.58 1.54 -13.37
C ALA A 60 -9.90 0.10 -13.79
N ILE A 61 -10.86 -0.53 -13.13
CA ILE A 61 -11.20 -1.94 -13.32
C ILE A 61 -11.51 -2.20 -14.80
N THR A 62 -12.27 -1.32 -15.45
CA THR A 62 -12.65 -1.44 -16.86
C THR A 62 -11.47 -1.23 -17.86
N LYS A 63 -10.24 -1.10 -17.36
CA LYS A 63 -9.01 -1.17 -18.15
C LYS A 63 -8.32 -2.54 -18.00
N THR A 64 -8.86 -3.49 -17.24
CA THR A 64 -8.38 -4.87 -17.21
C THR A 64 -8.77 -5.59 -18.52
N HIS A 65 -8.42 -6.88 -18.63
CA HIS A 65 -8.76 -7.78 -19.74
C HIS A 65 -8.15 -7.32 -21.08
N LYS A 66 -7.11 -6.49 -21.07
CA LYS A 66 -6.53 -5.87 -22.25
C LYS A 66 -5.04 -6.18 -22.25
N VAL A 67 -4.59 -6.93 -23.27
CA VAL A 67 -3.17 -7.16 -23.46
C VAL A 67 -2.51 -5.83 -23.84
N VAL A 68 -1.29 -5.62 -23.35
CA VAL A 68 -0.50 -4.41 -23.50
C VAL A 68 0.94 -4.89 -23.70
N GLY A 69 1.28 -5.19 -24.96
CA GLY A 69 2.57 -5.73 -25.34
C GLY A 69 2.74 -7.15 -24.81
N GLN A 70 1.94 -8.09 -25.36
CA GLN A 70 2.04 -9.53 -25.12
C GLN A 70 1.85 -9.92 -23.65
N ASN A 71 1.28 -9.05 -22.82
CA ASN A 71 1.07 -9.27 -21.39
C ASN A 71 -0.30 -8.71 -21.00
N GLU A 72 -1.10 -9.49 -20.28
CA GLU A 72 -2.44 -9.10 -19.83
C GLU A 72 -2.35 -8.51 -18.42
N ILE A 73 -2.73 -7.25 -18.27
CA ILE A 73 -2.72 -6.57 -16.98
C ILE A 73 -3.95 -6.92 -16.15
N ILE A 74 -3.80 -6.82 -14.82
CA ILE A 74 -4.85 -7.12 -13.85
C ILE A 74 -5.16 -5.80 -13.15
N VAL A 75 -6.39 -5.30 -13.23
CA VAL A 75 -6.76 -4.02 -12.63
C VAL A 75 -8.00 -4.29 -11.79
N SER A 76 -7.83 -4.24 -10.48
CA SER A 76 -8.87 -4.69 -9.56
C SER A 76 -8.94 -3.81 -8.30
N HIS A 77 -10.03 -3.93 -7.54
CA HIS A 77 -10.17 -3.28 -6.24
C HIS A 77 -9.22 -3.93 -5.21
N LEU A 78 -8.88 -3.18 -4.17
CA LEU A 78 -7.97 -3.59 -3.11
C LEU A 78 -8.75 -3.91 -1.82
N THR A 79 -8.25 -4.86 -1.03
CA THR A 79 -8.82 -5.33 0.24
C THR A 79 -8.24 -4.50 1.42
N GLU A 80 -8.71 -4.76 2.65
CA GLU A 80 -8.37 -4.07 3.91
C GLU A 80 -6.93 -4.31 4.42
N CYS A 81 -5.96 -4.39 3.50
CA CYS A 81 -4.59 -4.79 3.71
C CYS A 81 -3.59 -3.67 4.03
N THR A 82 -4.10 -2.45 4.19
CA THR A 82 -3.30 -1.32 4.63
C THR A 82 -3.32 -1.35 6.16
N LEU A 83 -2.21 -1.77 6.77
CA LEU A 83 -2.01 -1.61 8.18
C LEU A 83 -1.68 -0.16 8.52
N TRP A 84 -1.76 0.14 9.81
CA TRP A 84 -1.23 1.33 10.42
C TRP A 84 -0.52 0.96 11.71
N MET A 85 0.30 1.87 12.22
CA MET A 85 1.05 1.77 13.46
C MET A 85 1.04 3.12 14.15
N THR A 86 1.25 3.13 15.47
CA THR A 86 1.27 4.35 16.26
C THR A 86 2.12 4.16 17.53
N ASN A 87 2.30 5.26 18.28
CA ASN A 87 2.98 5.41 19.56
C ASN A 87 4.35 4.72 19.61
N PHE A 88 5.33 5.32 18.95
CA PHE A 88 6.63 4.72 18.65
C PHE A 88 7.77 5.72 18.89
N PRO A 89 9.01 5.26 19.09
CA PRO A 89 10.17 6.15 19.12
C PRO A 89 10.65 6.46 17.71
N PRO A 90 11.40 7.55 17.51
CA PRO A 90 11.89 7.94 16.20
C PRO A 90 12.93 6.97 15.61
N SER A 91 13.47 6.03 16.40
CA SER A 91 14.40 5.02 15.93
C SER A 91 13.73 3.98 15.01
N TYR A 92 12.41 3.72 15.14
CA TYR A 92 11.76 2.89 14.14
C TYR A 92 11.60 3.73 12.89
N THR A 93 12.34 3.37 11.83
CA THR A 93 12.49 4.14 10.60
C THR A 93 12.04 3.30 9.42
N GLN A 94 11.82 3.91 8.25
CA GLN A 94 11.19 3.30 7.09
C GLN A 94 11.86 1.99 6.68
N ARG A 95 13.20 2.02 6.58
CA ARG A 95 13.99 0.83 6.27
C ARG A 95 13.71 -0.28 7.26
N ASN A 96 13.81 -0.02 8.56
CA ASN A 96 13.53 -1.04 9.56
C ASN A 96 12.11 -1.54 9.41
N ILE A 97 11.10 -0.67 9.29
CA ILE A 97 9.69 -1.08 9.22
C ILE A 97 9.48 -2.02 8.05
N ARG A 98 10.10 -1.75 6.89
CA ARG A 98 10.04 -2.57 5.69
C ARG A 98 10.78 -3.89 5.86
N ASP A 99 11.96 -3.88 6.49
CA ASP A 99 12.70 -5.11 6.72
C ASP A 99 11.94 -5.99 7.70
N LEU A 100 11.35 -5.41 8.75
CA LEU A 100 10.70 -6.11 9.85
C LEU A 100 9.60 -7.04 9.37
N LEU A 101 8.63 -6.51 8.60
CA LEU A 101 7.51 -7.29 8.11
C LEU A 101 7.89 -8.27 7.00
N GLN A 102 8.94 -7.93 6.26
CA GLN A 102 9.48 -8.78 5.22
C GLN A 102 10.13 -9.99 5.89
N ASP A 103 10.81 -9.77 7.02
CA ASP A 103 11.56 -10.77 7.76
C ASP A 103 10.66 -11.66 8.63
N ILE A 104 9.52 -11.16 9.13
CA ILE A 104 8.59 -11.93 9.96
C ILE A 104 7.65 -12.69 9.02
N ASN A 105 7.07 -11.98 8.04
CA ASN A 105 6.08 -12.50 7.13
C ASN A 105 6.78 -12.69 5.79
N VAL A 106 6.79 -11.64 4.97
CA VAL A 106 7.09 -11.62 3.53
C VAL A 106 6.87 -10.18 3.02
N VAL A 107 7.43 -9.86 1.85
CA VAL A 107 7.62 -8.52 1.28
C VAL A 107 6.33 -7.68 1.27
N ALA A 108 6.47 -6.39 1.63
CA ALA A 108 5.40 -5.38 1.64
C ALA A 108 5.00 -4.97 0.23
N LEU A 109 3.87 -4.28 0.13
CA LEU A 109 3.47 -3.60 -1.08
C LEU A 109 4.00 -2.16 -0.97
N SER A 110 3.58 -1.39 0.05
CA SER A 110 3.85 0.04 0.15
C SER A 110 4.05 0.49 1.59
N ILE A 111 4.46 1.76 1.78
CA ILE A 111 4.75 2.41 3.05
C ILE A 111 4.31 3.87 2.87
N ARG A 112 3.62 4.49 3.84
CA ARG A 112 3.52 5.94 3.96
C ARG A 112 3.72 6.37 5.41
N LEU A 113 4.88 6.92 5.74
CA LEU A 113 5.21 7.42 7.07
C LEU A 113 4.73 8.88 7.21
N PRO A 114 4.65 9.44 8.43
CA PRO A 114 4.36 10.85 8.68
C PRO A 114 5.49 11.75 8.15
N SER A 115 5.26 13.07 8.16
CA SER A 115 6.34 14.00 7.85
C SER A 115 6.13 15.34 8.58
N LEU A 116 6.47 15.32 9.86
CA LEU A 116 6.30 16.43 10.81
C LEU A 116 7.02 17.73 10.51
N ARG A 117 7.92 17.76 9.52
CA ARG A 117 8.60 18.98 9.12
C ARG A 117 7.59 19.89 8.41
N PHE A 118 7.32 19.69 7.12
CA PHE A 118 6.42 20.52 6.36
C PHE A 118 4.96 20.36 6.78
N ASN A 119 4.59 19.20 7.31
CA ASN A 119 3.20 18.75 7.43
C ASN A 119 2.92 18.39 8.89
N THR A 120 1.69 17.97 9.21
CA THR A 120 1.28 17.79 10.60
C THR A 120 2.07 16.67 11.28
N SER A 121 2.24 16.78 12.61
CA SER A 121 3.20 15.96 13.35
C SER A 121 2.84 14.48 13.49
N ARG A 122 1.57 14.15 13.23
CA ARG A 122 0.96 12.83 13.01
C ARG A 122 1.74 11.69 13.67
N ARG A 123 1.36 11.31 14.89
CA ARG A 123 1.99 10.23 15.67
C ARG A 123 1.63 8.84 15.13
N PHE A 124 1.52 8.65 13.81
CA PHE A 124 1.03 7.43 13.19
C PHE A 124 1.51 7.33 11.74
N ALA A 125 1.63 6.10 11.27
CA ALA A 125 2.12 5.70 9.96
C ALA A 125 1.21 4.62 9.40
N TYR A 126 1.31 4.38 8.10
CA TYR A 126 0.49 3.43 7.36
C TYR A 126 1.43 2.58 6.51
N ILE A 127 1.21 1.27 6.40
CA ILE A 127 2.01 0.39 5.57
C ILE A 127 1.02 -0.52 4.85
N ASP A 128 1.27 -0.86 3.59
CA ASP A 128 0.42 -1.74 2.80
C ASP A 128 1.16 -3.05 2.71
N VAL A 129 0.53 -4.17 3.08
CA VAL A 129 1.19 -5.45 2.81
C VAL A 129 0.23 -6.38 2.11
N THR A 130 0.78 -7.05 1.11
CA THR A 130 0.17 -8.15 0.38
C THR A 130 0.05 -9.37 1.29
N SER A 131 0.91 -9.45 2.31
CA SER A 131 1.09 -10.46 3.35
C SER A 131 -0.11 -10.61 4.33
N LYS A 132 -1.25 -10.03 3.98
CA LYS A 132 -2.35 -9.61 4.85
C LYS A 132 -2.88 -10.64 5.84
N GLU A 133 -2.87 -11.91 5.49
CA GLU A 133 -3.35 -12.99 6.35
C GLU A 133 -2.33 -13.28 7.45
N ASP A 134 -1.04 -13.25 7.12
CA ASP A 134 0.09 -13.46 8.01
C ASP A 134 0.38 -12.19 8.81
N ALA A 135 0.02 -11.02 8.26
CA ALA A 135 0.14 -9.71 8.88
C ALA A 135 -0.71 -9.59 10.16
N ARG A 136 -1.86 -10.28 10.23
CA ARG A 136 -2.65 -10.33 11.45
C ARG A 136 -1.86 -10.98 12.57
N TYR A 137 -1.21 -12.12 12.34
CA TYR A 137 -0.35 -12.73 13.35
C TYR A 137 0.68 -11.72 13.86
N CYS A 138 1.32 -10.96 12.97
CA CYS A 138 2.22 -9.87 13.31
C CYS A 138 1.58 -8.86 14.30
N VAL A 139 0.39 -8.31 13.99
CA VAL A 139 -0.27 -7.33 14.89
C VAL A 139 -0.43 -7.92 16.26
N GLU A 140 -1.06 -9.07 16.23
CA GLU A 140 -1.41 -9.87 17.39
C GLU A 140 -0.21 -10.24 18.26
N LYS A 141 1.03 -10.14 17.73
CA LYS A 141 2.28 -10.31 18.46
C LYS A 141 2.99 -9.00 18.78
N LEU A 142 2.58 -7.84 18.25
CA LEU A 142 3.25 -6.55 18.45
C LEU A 142 2.42 -5.51 19.18
N ASN A 143 1.09 -5.68 19.29
CA ASN A 143 0.19 -4.79 20.02
C ASN A 143 0.54 -4.65 21.51
N GLY A 144 1.29 -5.59 22.08
CA GLY A 144 1.76 -5.57 23.46
C GLY A 144 3.28 -5.52 23.54
N LEU A 145 3.98 -5.16 22.45
CA LEU A 145 5.42 -4.94 22.51
C LEU A 145 5.70 -3.64 23.27
N LYS A 146 6.81 -3.59 23.99
CA LYS A 146 7.31 -2.46 24.74
C LYS A 146 8.69 -2.11 24.24
N ILE A 147 8.87 -0.84 23.90
CA ILE A 147 10.05 -0.16 23.45
C ILE A 147 9.96 1.20 24.15
N GLU A 148 11.05 1.67 24.77
CA GLU A 148 11.15 2.99 25.38
C GLU A 148 10.03 3.24 26.42
N GLY A 149 9.52 2.15 27.03
CA GLY A 149 8.50 2.17 28.07
C GLY A 149 7.08 2.33 27.54
N TYR A 150 6.91 2.70 26.27
CA TYR A 150 5.62 2.81 25.60
C TYR A 150 5.18 1.43 25.16
N THR A 151 3.89 1.23 24.88
CA THR A 151 3.40 0.08 24.12
C THR A 151 3.31 0.52 22.66
N LEU A 152 4.01 -0.13 21.74
CA LEU A 152 3.77 0.02 20.31
C LEU A 152 2.36 -0.47 20.02
N VAL A 153 1.72 0.07 18.98
CA VAL A 153 0.48 -0.51 18.49
C VAL A 153 0.55 -0.60 16.97
N THR A 154 -0.11 -1.63 16.44
CA THR A 154 -0.28 -1.94 15.02
C THR A 154 -1.75 -2.31 14.81
N LYS A 155 -2.28 -2.17 13.59
CA LYS A 155 -3.49 -2.89 13.16
C LYS A 155 -3.49 -2.99 11.65
N VAL A 156 -3.81 -4.18 11.12
CA VAL A 156 -4.21 -4.36 9.73
C VAL A 156 -5.61 -3.74 9.57
N SER A 157 -5.67 -2.45 9.22
CA SER A 157 -6.88 -1.71 8.85
C SER A 157 -8.01 -1.80 9.89
N ASN A 158 -9.22 -1.44 9.43
CA ASN A 158 -10.45 -1.40 10.19
C ASN A 158 -11.54 -2.02 9.31
N PRO A 159 -11.79 -3.34 9.43
CA PRO A 159 -12.83 -4.05 8.70
C PRO A 159 -14.22 -3.75 9.25
N LEU A 160 -14.72 -2.55 8.96
CA LEU A 160 -16.07 -2.11 9.23
C LEU A 160 -16.39 -1.02 8.22
N GLU A 161 -15.46 -0.12 7.98
CA GLU A 161 -15.35 0.65 6.77
C GLU A 161 -14.82 -0.28 5.69
N MET A 1 -16.48 0.20 7.25
CA MET A 1 -15.30 0.62 6.48
C MET A 1 -15.39 2.13 6.23
N ARG A 2 -14.57 2.70 5.33
CA ARG A 2 -14.79 4.04 4.79
C ARG A 2 -15.25 3.82 3.34
N GLU A 3 -14.46 4.23 2.36
CA GLU A 3 -14.55 3.75 0.99
C GLU A 3 -13.14 3.30 0.65
N LEU A 4 -12.98 2.12 0.05
CA LEU A 4 -11.71 1.72 -0.56
C LEU A 4 -11.52 2.55 -1.84
N THR A 5 -11.24 3.85 -1.69
CA THR A 5 -10.98 4.81 -2.76
C THR A 5 -9.55 4.68 -3.31
N THR A 6 -8.99 3.48 -3.21
CA THR A 6 -7.68 3.09 -3.70
C THR A 6 -7.89 1.82 -4.54
N VAL A 7 -7.07 1.62 -5.58
CA VAL A 7 -7.11 0.44 -6.46
C VAL A 7 -5.76 -0.28 -6.41
N LEU A 8 -5.82 -1.60 -6.58
CA LEU A 8 -4.69 -2.50 -6.71
C LEU A 8 -4.67 -3.05 -8.13
N VAL A 9 -3.46 -3.16 -8.68
CA VAL A 9 -3.20 -3.73 -10.00
C VAL A 9 -2.23 -4.91 -9.83
N LYS A 10 -2.41 -5.96 -10.65
CA LYS A 10 -1.51 -7.13 -10.72
C LYS A 10 -1.21 -7.43 -12.19
N ASN A 11 -0.14 -8.19 -12.44
CA ASN A 11 0.41 -8.57 -13.74
C ASN A 11 1.09 -7.36 -14.38
N LEU A 12 0.31 -6.33 -14.72
CA LEU A 12 0.69 -5.09 -15.43
C LEU A 12 1.27 -5.41 -16.82
N PRO A 13 1.30 -4.48 -17.78
CA PRO A 13 2.01 -4.72 -19.04
C PRO A 13 3.50 -4.85 -18.79
N LYS A 14 4.15 -5.87 -19.37
CA LYS A 14 5.60 -5.99 -19.30
C LYS A 14 6.25 -4.78 -19.97
N SER A 15 5.75 -4.40 -21.14
CA SER A 15 6.37 -3.40 -21.97
C SER A 15 5.88 -1.96 -21.67
N TYR A 16 5.11 -1.73 -20.62
CA TYR A 16 4.74 -0.40 -20.14
C TYR A 16 5.19 -0.31 -18.69
N ASN A 17 6.32 0.37 -18.50
CA ASN A 17 6.99 0.53 -17.20
C ASN A 17 6.45 1.81 -16.56
N GLN A 18 6.80 2.09 -15.30
CA GLN A 18 6.14 3.10 -14.46
C GLN A 18 6.00 4.41 -15.21
N ASN A 19 7.07 4.85 -15.86
CA ASN A 19 7.13 6.14 -16.53
C ASN A 19 5.98 6.33 -17.50
N LYS A 20 5.81 5.34 -18.37
CA LYS A 20 4.74 5.26 -19.34
C LYS A 20 3.37 5.17 -18.65
N VAL A 21 3.23 4.36 -17.61
CA VAL A 21 1.99 4.28 -16.84
C VAL A 21 1.64 5.68 -16.28
N TYR A 22 2.60 6.39 -15.71
CA TYR A 22 2.39 7.72 -15.15
C TYR A 22 1.87 8.70 -16.22
N LYS A 23 2.28 8.54 -17.48
CA LYS A 23 1.69 9.33 -18.57
C LYS A 23 0.25 8.93 -18.89
N TYR A 24 -0.13 7.65 -18.79
CA TYR A 24 -1.52 7.27 -19.02
C TYR A 24 -2.38 7.78 -17.87
N PHE A 25 -1.86 7.95 -16.64
CA PHE A 25 -2.70 8.01 -15.45
C PHE A 25 -3.77 9.11 -15.56
N LYS A 26 -3.41 10.25 -16.14
CA LYS A 26 -4.31 11.38 -16.33
C LYS A 26 -5.32 11.17 -17.48
N HIS A 27 -5.05 10.26 -18.41
CA HIS A 27 -6.00 9.78 -19.40
C HIS A 27 -7.09 8.96 -18.70
N CYS A 28 -6.77 8.31 -17.57
CA CYS A 28 -7.76 7.64 -16.75
C CYS A 28 -8.65 8.72 -16.13
N GLY A 29 -8.09 9.57 -15.27
CA GLY A 29 -8.87 10.56 -14.53
C GLY A 29 -8.03 11.35 -13.50
N PRO A 30 -8.69 12.10 -12.61
CA PRO A 30 -8.02 12.84 -11.53
C PRO A 30 -7.49 11.86 -10.49
N ILE A 31 -6.21 11.99 -10.13
CA ILE A 31 -5.50 11.08 -9.25
C ILE A 31 -4.78 11.91 -8.19
N ILE A 32 -4.79 11.47 -6.94
CA ILE A 32 -4.01 12.10 -5.87
C ILE A 32 -2.63 11.44 -5.84
N HIS A 33 -2.54 10.10 -5.83
CA HIS A 33 -1.26 9.42 -5.71
C HIS A 33 -1.26 8.17 -6.58
N VAL A 34 -0.08 7.73 -7.01
CA VAL A 34 0.12 6.54 -7.83
C VAL A 34 1.49 5.99 -7.45
N ASP A 35 1.63 4.66 -7.41
CA ASP A 35 2.88 3.97 -7.09
C ASP A 35 2.91 2.57 -7.76
N VAL A 36 4.05 1.90 -7.76
CA VAL A 36 4.21 0.56 -8.35
C VAL A 36 4.99 -0.36 -7.40
N ALA A 37 4.98 -1.67 -7.65
CA ALA A 37 5.92 -2.61 -7.05
C ALA A 37 6.28 -3.66 -8.10
N ASP A 38 7.52 -3.63 -8.56
CA ASP A 38 8.14 -4.73 -9.29
C ASP A 38 8.32 -5.95 -8.38
N SER A 39 8.68 -7.10 -8.95
CA SER A 39 9.20 -8.24 -8.19
C SER A 39 9.77 -9.28 -9.16
N LEU A 40 11.10 -9.33 -9.33
CA LEU A 40 11.76 -10.33 -10.17
C LEU A 40 11.35 -11.76 -9.87
N LYS A 41 10.87 -12.01 -8.64
CA LYS A 41 10.44 -13.31 -8.15
C LYS A 41 9.32 -13.91 -8.99
N LYS A 42 8.54 -13.13 -9.75
CA LYS A 42 7.55 -13.65 -10.68
C LYS A 42 7.56 -12.77 -11.92
N ASN A 43 6.91 -13.21 -12.99
CA ASN A 43 6.76 -12.37 -14.19
C ASN A 43 5.85 -11.16 -13.90
N PHE A 44 4.94 -11.30 -12.94
CA PHE A 44 3.91 -10.32 -12.63
C PHE A 44 4.47 -9.14 -11.84
N ARG A 45 4.17 -7.93 -12.29
CA ARG A 45 4.28 -6.70 -11.49
C ARG A 45 3.05 -6.58 -10.59
N PHE A 46 3.08 -5.58 -9.71
CA PHE A 46 1.94 -5.06 -8.97
C PHE A 46 1.95 -3.53 -9.08
N ALA A 47 0.83 -2.88 -8.75
CA ALA A 47 0.80 -1.42 -8.64
C ALA A 47 -0.38 -0.97 -7.76
N ARG A 48 -0.40 0.31 -7.38
CA ARG A 48 -1.44 0.90 -6.54
C ARG A 48 -1.75 2.31 -7.04
N ILE A 49 -3.02 2.74 -6.99
CA ILE A 49 -3.37 4.14 -7.28
C ILE A 49 -4.40 4.61 -6.23
N GLU A 50 -4.28 5.84 -5.77
CA GLU A 50 -5.28 6.58 -5.03
C GLU A 50 -5.83 7.64 -5.96
N PHE A 51 -6.92 7.28 -6.65
CA PHE A 51 -7.79 8.22 -7.35
C PHE A 51 -8.56 9.12 -6.36
N ALA A 52 -8.86 8.60 -5.16
CA ALA A 52 -9.68 9.24 -4.13
C ALA A 52 -11.11 9.56 -4.58
N ARG A 53 -11.68 8.88 -5.58
CA ARG A 53 -13.09 9.06 -5.95
C ARG A 53 -13.58 7.82 -6.68
N TYR A 54 -14.90 7.61 -6.70
CA TYR A 54 -15.51 6.48 -7.37
C TYR A 54 -15.24 6.55 -8.89
N ASP A 55 -15.29 7.74 -9.48
CA ASP A 55 -15.20 7.92 -10.93
C ASP A 55 -13.84 7.45 -11.44
N GLY A 56 -12.76 7.91 -10.80
CA GLY A 56 -11.42 7.50 -11.12
C GLY A 56 -11.21 6.02 -10.82
N ALA A 57 -11.76 5.53 -9.72
CA ALA A 57 -11.66 4.12 -9.37
C ALA A 57 -12.29 3.23 -10.44
N LEU A 58 -13.51 3.55 -10.89
CA LEU A 58 -14.21 2.79 -11.92
C LEU A 58 -13.48 2.92 -13.26
N ALA A 59 -12.89 4.10 -13.55
CA ALA A 59 -12.05 4.31 -14.71
C ALA A 59 -10.92 3.29 -14.77
N ALA A 60 -10.38 2.89 -13.61
CA ALA A 60 -9.36 1.87 -13.52
C ALA A 60 -9.98 0.48 -13.71
N ILE A 61 -10.99 0.14 -12.90
CA ILE A 61 -11.57 -1.20 -12.79
C ILE A 61 -11.95 -1.73 -14.19
N THR A 62 -12.73 -0.96 -14.95
CA THR A 62 -13.28 -1.44 -16.21
C THR A 62 -12.16 -1.80 -17.20
N LYS A 63 -11.00 -1.15 -17.12
CA LYS A 63 -9.91 -1.37 -18.07
C LYS A 63 -9.10 -2.62 -17.76
N THR A 64 -9.51 -3.49 -16.82
CA THR A 64 -8.92 -4.82 -16.72
C THR A 64 -9.20 -5.66 -17.98
N HIS A 65 -10.29 -5.39 -18.71
CA HIS A 65 -10.91 -6.41 -19.55
C HIS A 65 -10.52 -6.32 -21.04
N LYS A 66 -9.75 -5.32 -21.48
CA LYS A 66 -8.96 -5.46 -22.71
C LYS A 66 -7.54 -5.77 -22.27
N VAL A 67 -6.89 -6.73 -22.92
CA VAL A 67 -5.48 -7.01 -22.74
C VAL A 67 -4.65 -5.78 -23.11
N VAL A 68 -3.37 -5.78 -22.74
CA VAL A 68 -2.44 -4.71 -23.05
C VAL A 68 -1.30 -5.27 -23.89
N GLY A 69 -1.44 -5.10 -25.20
CA GLY A 69 -0.56 -5.67 -26.19
C GLY A 69 -0.90 -7.13 -26.32
N GLN A 70 -0.22 -7.97 -25.54
CA GLN A 70 -0.47 -9.37 -25.39
C GLN A 70 -0.24 -9.67 -23.91
N ASN A 71 -1.10 -9.18 -23.03
CA ASN A 71 -1.03 -9.46 -21.59
C ASN A 71 -2.37 -9.18 -20.89
N GLU A 72 -2.87 -10.13 -20.11
CA GLU A 72 -4.17 -10.08 -19.46
C GLU A 72 -3.97 -9.62 -18.01
N ILE A 73 -4.29 -8.36 -17.72
CA ILE A 73 -3.91 -7.70 -16.46
C ILE A 73 -5.10 -7.59 -15.51
N ILE A 74 -4.81 -7.41 -14.22
CA ILE A 74 -5.81 -7.39 -13.16
C ILE A 74 -5.84 -5.96 -12.63
N VAL A 75 -7.00 -5.34 -12.58
CA VAL A 75 -7.28 -4.14 -11.82
C VAL A 75 -8.50 -4.46 -10.95
N SER A 76 -8.50 -4.04 -9.69
CA SER A 76 -9.68 -3.99 -8.83
C SER A 76 -9.45 -2.90 -7.77
N HIS A 77 -10.42 -2.67 -6.88
CA HIS A 77 -10.18 -1.96 -5.63
C HIS A 77 -9.02 -2.59 -4.86
N LEU A 78 -8.49 -1.85 -3.88
CA LEU A 78 -7.47 -2.32 -2.96
C LEU A 78 -8.15 -3.08 -1.81
N THR A 79 -7.44 -4.05 -1.24
CA THR A 79 -7.81 -4.72 -0.01
C THR A 79 -7.30 -3.90 1.20
N GLU A 80 -7.74 -4.28 2.39
CA GLU A 80 -7.32 -3.84 3.72
C GLU A 80 -5.93 -4.39 4.15
N CYS A 81 -5.06 -4.70 3.19
CA CYS A 81 -3.64 -5.00 3.37
C CYS A 81 -2.80 -3.83 3.91
N THR A 82 -3.46 -2.81 4.45
CA THR A 82 -2.87 -1.68 5.12
C THR A 82 -2.66 -2.15 6.55
N LEU A 83 -1.41 -2.44 6.92
CA LEU A 83 -1.09 -2.43 8.33
C LEU A 83 -1.02 -0.99 8.79
N TRP A 84 -1.17 -0.79 10.09
CA TRP A 84 -0.97 0.50 10.72
C TRP A 84 -0.48 0.31 12.13
N MET A 85 0.20 1.34 12.64
CA MET A 85 0.84 1.40 13.94
C MET A 85 0.41 2.67 14.68
N THR A 86 0.46 2.61 16.00
CA THR A 86 0.18 3.69 16.93
C THR A 86 0.98 3.38 18.21
N ASN A 87 1.08 4.38 19.11
CA ASN A 87 1.83 4.32 20.37
C ASN A 87 3.27 3.86 20.14
N PHE A 88 4.06 4.71 19.50
CA PHE A 88 5.47 4.47 19.16
C PHE A 88 6.32 5.66 19.62
N PRO A 89 7.61 5.42 19.95
CA PRO A 89 8.53 6.49 20.31
C PRO A 89 8.82 7.36 19.08
N PRO A 90 9.36 8.58 19.25
CA PRO A 90 9.51 9.54 18.16
C PRO A 90 10.49 9.08 17.08
N SER A 91 11.42 8.20 17.44
CA SER A 91 12.44 7.66 16.55
C SER A 91 11.91 6.52 15.68
N TYR A 92 10.77 5.91 16.01
CA TYR A 92 10.14 4.85 15.22
C TYR A 92 9.63 5.51 13.93
N THR A 93 10.43 5.45 12.87
CA THR A 93 10.23 6.16 11.61
C THR A 93 10.50 5.16 10.48
N GLN A 94 10.38 5.56 9.20
CA GLN A 94 10.47 4.71 8.05
C GLN A 94 11.72 3.86 8.07
N ARG A 95 12.87 4.39 8.53
CA ARG A 95 14.10 3.62 8.70
C ARG A 95 13.88 2.35 9.51
N ASN A 96 13.30 2.47 10.70
CA ASN A 96 12.99 1.32 11.53
C ASN A 96 11.92 0.49 10.84
N ILE A 97 10.81 1.08 10.40
CA ILE A 97 9.65 0.32 9.94
C ILE A 97 10.03 -0.53 8.71
N ARG A 98 10.80 0.02 7.76
CA ARG A 98 11.34 -0.66 6.58
C ARG A 98 12.12 -1.90 6.98
N ASP A 99 12.96 -1.80 8.01
CA ASP A 99 13.74 -2.94 8.50
C ASP A 99 12.86 -3.93 9.24
N LEU A 100 11.91 -3.44 10.03
CA LEU A 100 11.09 -4.23 10.93
C LEU A 100 10.12 -5.10 10.14
N LEU A 101 9.53 -4.56 9.07
CA LEU A 101 8.76 -5.38 8.15
C LEU A 101 9.68 -6.30 7.37
N GLN A 102 10.94 -5.92 7.12
CA GLN A 102 11.82 -6.72 6.28
C GLN A 102 12.20 -8.03 6.99
N ASP A 103 12.29 -7.99 8.32
CA ASP A 103 12.53 -9.14 9.19
C ASP A 103 11.50 -10.27 9.00
N ILE A 104 10.23 -9.93 8.79
CA ILE A 104 9.14 -10.90 8.67
C ILE A 104 8.52 -10.93 7.27
N ASN A 105 8.01 -9.79 6.80
CA ASN A 105 7.29 -9.66 5.55
C ASN A 105 8.23 -9.65 4.37
N VAL A 106 9.45 -9.16 4.62
CA VAL A 106 10.50 -8.93 3.63
C VAL A 106 10.09 -7.79 2.67
N VAL A 107 9.28 -8.07 1.64
CA VAL A 107 8.99 -7.14 0.55
C VAL A 107 7.71 -6.38 0.88
N ALA A 108 7.77 -5.04 0.89
CA ALA A 108 6.62 -4.16 1.12
C ALA A 108 5.94 -3.77 -0.19
N LEU A 109 4.67 -3.35 -0.13
CA LEU A 109 3.98 -2.74 -1.27
C LEU A 109 4.20 -1.22 -1.21
N SER A 110 3.93 -0.55 -0.09
CA SER A 110 4.12 0.91 0.05
C SER A 110 4.21 1.30 1.54
N ILE A 111 4.65 2.54 1.87
CA ILE A 111 4.97 2.96 3.23
C ILE A 111 4.62 4.45 3.40
N ARG A 112 3.70 4.79 4.31
CA ARG A 112 3.18 6.15 4.46
C ARG A 112 3.24 6.60 5.94
N LEU A 113 4.12 7.55 6.24
CA LEU A 113 4.24 8.14 7.57
C LEU A 113 3.31 9.35 7.69
N PRO A 114 2.82 9.68 8.89
CA PRO A 114 2.10 10.91 9.14
C PRO A 114 3.09 12.08 9.18
N SER A 115 2.63 13.25 8.75
CA SER A 115 3.33 14.52 8.87
C SER A 115 2.24 15.59 8.75
N LEU A 116 2.03 16.38 9.80
CA LEU A 116 1.01 17.41 9.88
C LEU A 116 1.58 18.75 9.47
N ARG A 117 2.52 19.20 10.27
CA ARG A 117 3.22 20.46 10.17
C ARG A 117 4.73 20.21 10.04
N PHE A 118 5.41 19.81 11.11
CA PHE A 118 6.85 19.56 11.10
C PHE A 118 7.15 18.15 11.58
N ASN A 119 6.97 17.88 12.87
CA ASN A 119 7.39 16.67 13.56
C ASN A 119 6.54 16.51 14.82
N THR A 120 6.75 15.41 15.56
CA THR A 120 6.28 15.15 16.92
C THR A 120 4.76 15.34 17.13
N SER A 121 3.95 15.43 16.07
CA SER A 121 2.58 15.91 16.13
C SER A 121 1.60 14.90 16.73
N ARG A 122 2.01 13.64 16.94
CA ARG A 122 1.26 12.59 17.65
C ARG A 122 0.09 12.08 16.82
N ARG A 123 0.37 11.23 15.82
CA ARG A 123 -0.64 10.58 14.98
C ARG A 123 -0.22 9.12 14.73
N PHE A 124 -0.91 8.43 13.82
CA PHE A 124 -0.73 7.01 13.53
C PHE A 124 -0.08 6.87 12.14
N ALA A 125 0.47 5.70 11.80
CA ALA A 125 1.21 5.49 10.54
C ALA A 125 0.72 4.22 9.85
N TYR A 126 0.90 4.12 8.52
CA TYR A 126 0.21 3.15 7.67
C TYR A 126 1.18 2.56 6.65
N ILE A 127 1.27 1.24 6.51
CA ILE A 127 2.16 0.57 5.57
C ILE A 127 1.31 -0.44 4.80
N ASP A 128 1.61 -0.68 3.53
CA ASP A 128 0.83 -1.53 2.65
C ASP A 128 1.70 -2.74 2.34
N VAL A 129 1.20 -3.97 2.51
CA VAL A 129 1.97 -5.16 2.10
C VAL A 129 1.06 -6.19 1.44
N THR A 130 1.50 -6.83 0.35
CA THR A 130 0.88 -8.05 -0.14
C THR A 130 1.19 -9.21 0.83
N SER A 131 2.19 -9.04 1.69
CA SER A 131 2.62 -9.95 2.73
C SER A 131 1.61 -10.21 3.85
N LYS A 132 0.34 -9.86 3.68
CA LYS A 132 -0.73 -10.04 4.67
C LYS A 132 -0.75 -11.46 5.23
N GLU A 133 -0.23 -12.41 4.47
CA GLU A 133 -0.03 -13.81 4.81
C GLU A 133 0.83 -13.90 6.09
N ASP A 134 2.02 -13.31 6.06
CA ASP A 134 2.97 -13.22 7.18
C ASP A 134 2.61 -12.08 8.15
N ALA A 135 2.00 -11.00 7.68
CA ALA A 135 1.78 -9.80 8.48
C ALA A 135 0.85 -10.10 9.66
N ARG A 136 -0.11 -11.00 9.47
CA ARG A 136 -1.00 -11.52 10.50
C ARG A 136 -0.24 -12.16 11.65
N TYR A 137 0.89 -12.80 11.37
CA TYR A 137 1.77 -13.35 12.39
C TYR A 137 2.48 -12.19 13.10
N CYS A 138 3.05 -11.27 12.32
CA CYS A 138 3.81 -10.12 12.80
C CYS A 138 3.00 -9.32 13.81
N VAL A 139 1.73 -9.01 13.52
CA VAL A 139 0.86 -8.24 14.41
C VAL A 139 0.85 -8.86 15.78
N GLU A 140 0.48 -10.12 15.73
CA GLU A 140 0.25 -11.02 16.83
C GLU A 140 1.50 -11.25 17.71
N LYS A 141 2.66 -10.75 17.29
CA LYS A 141 3.94 -10.78 17.98
C LYS A 141 4.27 -9.39 18.52
N LEU A 142 4.24 -8.37 17.67
CA LEU A 142 4.64 -7.00 18.00
C LEU A 142 3.63 -6.34 18.95
N ASN A 143 2.37 -6.79 18.92
CA ASN A 143 1.24 -6.39 19.77
C ASN A 143 1.53 -6.36 21.29
N GLY A 144 2.58 -7.04 21.74
CA GLY A 144 2.98 -7.18 23.13
C GLY A 144 4.38 -6.62 23.40
N LEU A 145 4.93 -5.78 22.51
CA LEU A 145 6.22 -5.15 22.76
C LEU A 145 6.14 -4.14 23.90
N LYS A 146 7.30 -3.77 24.42
CA LYS A 146 7.49 -2.83 25.51
C LYS A 146 8.62 -1.86 25.15
N ILE A 147 8.32 -0.57 24.98
CA ILE A 147 9.33 0.47 24.84
C ILE A 147 8.90 1.63 25.74
N GLU A 148 9.75 1.99 26.70
CA GLU A 148 9.63 3.22 27.51
C GLU A 148 8.26 3.33 28.20
N GLY A 149 7.71 2.17 28.56
CA GLY A 149 6.46 2.02 29.29
C GLY A 149 5.27 1.82 28.36
N TYR A 150 5.36 2.27 27.11
CA TYR A 150 4.34 2.08 26.10
C TYR A 150 4.44 0.68 25.50
N THR A 151 3.36 0.30 24.83
CA THR A 151 3.23 -0.88 23.99
C THR A 151 3.02 -0.40 22.56
N LEU A 152 3.89 -0.82 21.65
CA LEU A 152 3.63 -0.65 20.22
C LEU A 152 2.37 -1.44 19.90
N VAL A 153 1.35 -0.77 19.38
CA VAL A 153 0.12 -1.43 18.94
C VAL A 153 -0.01 -1.24 17.43
N THR A 154 -0.37 -2.33 16.74
CA THR A 154 -0.43 -2.48 15.30
C THR A 154 -1.70 -3.30 14.93
N LYS A 155 -2.16 -3.24 13.67
CA LYS A 155 -3.06 -4.20 13.03
C LYS A 155 -2.70 -4.35 11.54
N VAL A 156 -3.28 -5.35 10.85
CA VAL A 156 -3.43 -5.42 9.38
C VAL A 156 -4.94 -5.50 9.13
N SER A 157 -5.66 -4.39 9.33
CA SER A 157 -7.11 -4.34 9.16
C SER A 157 -7.53 -2.90 8.85
N ASN A 158 -8.78 -2.70 8.41
CA ASN A 158 -9.27 -1.41 7.91
C ASN A 158 -9.19 -0.36 9.03
N PRO A 159 -8.39 0.71 8.88
CA PRO A 159 -8.03 1.67 9.93
C PRO A 159 -9.17 2.57 10.44
N LEU A 160 -10.26 1.99 10.98
CA LEU A 160 -11.21 2.62 11.90
C LEU A 160 -12.08 1.57 12.56
N GLU A 161 -12.22 0.40 11.95
CA GLU A 161 -13.23 -0.61 12.25
C GLU A 161 -12.61 -1.78 12.99
N MET A 1 -16.40 10.82 2.84
CA MET A 1 -16.41 9.69 1.91
C MET A 1 -15.94 8.43 2.63
N ARG A 2 -16.62 7.30 2.47
CA ARG A 2 -16.34 6.07 3.20
C ARG A 2 -16.83 4.86 2.41
N GLU A 3 -16.19 4.56 1.28
CA GLU A 3 -16.48 3.32 0.58
C GLU A 3 -15.23 2.80 -0.13
N LEU A 4 -15.28 1.60 -0.70
CA LEU A 4 -14.23 1.02 -1.52
C LEU A 4 -14.16 1.80 -2.84
N THR A 5 -13.38 2.87 -2.85
CA THR A 5 -13.21 3.79 -3.97
C THR A 5 -11.76 3.80 -4.51
N THR A 6 -11.04 2.72 -4.24
CA THR A 6 -9.61 2.60 -4.38
C THR A 6 -9.34 1.22 -4.99
N VAL A 7 -8.28 1.10 -5.79
CA VAL A 7 -8.03 -0.09 -6.60
C VAL A 7 -6.57 -0.55 -6.44
N LEU A 8 -6.34 -1.82 -6.74
CA LEU A 8 -5.08 -2.52 -6.67
C LEU A 8 -4.74 -3.06 -8.04
N VAL A 9 -3.47 -2.97 -8.40
CA VAL A 9 -2.94 -3.26 -9.71
C VAL A 9 -1.82 -4.27 -9.51
N LYS A 10 -1.89 -5.43 -10.17
CA LYS A 10 -0.81 -6.42 -10.17
C LYS A 10 -0.29 -6.65 -11.59
N ASN A 11 0.91 -7.22 -11.68
CA ASN A 11 1.69 -7.55 -12.87
C ASN A 11 2.22 -6.30 -13.54
N LEU A 12 1.33 -5.50 -14.16
CA LEU A 12 1.64 -4.39 -15.08
C LEU A 12 2.56 -4.83 -16.23
N PRO A 13 2.57 -4.08 -17.34
CA PRO A 13 3.46 -4.38 -18.44
C PRO A 13 4.89 -4.03 -18.05
N LYS A 14 5.80 -4.97 -18.27
CA LYS A 14 7.21 -4.82 -17.94
C LYS A 14 7.87 -3.66 -18.69
N SER A 15 7.33 -3.28 -19.84
CA SER A 15 7.85 -2.20 -20.67
C SER A 15 7.51 -0.80 -20.15
N TYR A 16 6.57 -0.66 -19.21
CA TYR A 16 6.14 0.65 -18.71
C TYR A 16 6.95 1.05 -17.48
N ASN A 17 6.78 2.30 -17.05
CA ASN A 17 7.46 2.92 -15.93
C ASN A 17 6.48 3.84 -15.21
N GLN A 18 6.84 4.36 -14.03
CA GLN A 18 6.03 5.26 -13.22
C GLN A 18 5.49 6.43 -14.06
N ASN A 19 6.36 7.04 -14.87
CA ASN A 19 6.03 8.15 -15.77
C ASN A 19 4.84 7.80 -16.66
N LYS A 20 4.98 6.68 -17.35
CA LYS A 20 4.08 6.18 -18.36
C LYS A 20 2.74 5.79 -17.72
N VAL A 21 2.77 5.05 -16.61
CA VAL A 21 1.55 4.62 -15.93
C VAL A 21 0.82 5.82 -15.28
N TYR A 22 1.54 6.86 -14.83
CA TYR A 22 0.93 8.08 -14.31
C TYR A 22 0.01 8.68 -15.38
N LYS A 23 0.54 8.86 -16.61
CA LYS A 23 -0.28 9.38 -17.71
C LYS A 23 -1.48 8.47 -17.97
N TYR A 24 -1.31 7.14 -17.96
CA TYR A 24 -2.41 6.20 -18.13
C TYR A 24 -3.57 6.48 -17.20
N PHE A 25 -3.36 6.66 -15.89
CA PHE A 25 -4.47 6.90 -14.98
C PHE A 25 -5.11 8.25 -15.30
N LYS A 26 -4.28 9.25 -15.56
CA LYS A 26 -4.72 10.62 -15.77
C LYS A 26 -5.59 10.71 -17.03
N HIS A 27 -5.32 9.89 -18.04
CA HIS A 27 -6.18 9.74 -19.21
C HIS A 27 -7.41 8.85 -18.92
N CYS A 28 -7.34 7.92 -17.96
CA CYS A 28 -8.50 7.12 -17.55
C CYS A 28 -9.56 8.01 -16.91
N GLY A 29 -9.22 8.81 -15.89
CA GLY A 29 -10.21 9.58 -15.14
C GLY A 29 -9.60 10.56 -14.15
N PRO A 30 -10.44 11.27 -13.37
CA PRO A 30 -10.00 11.98 -12.18
C PRO A 30 -9.67 11.00 -11.04
N ILE A 31 -8.62 11.34 -10.29
CA ILE A 31 -8.07 10.60 -9.16
C ILE A 31 -7.87 11.60 -8.02
N ILE A 32 -7.80 11.15 -6.76
CA ILE A 32 -7.21 11.93 -5.68
C ILE A 32 -5.73 11.54 -5.55
N HIS A 33 -5.41 10.28 -5.22
CA HIS A 33 -4.03 9.90 -4.90
C HIS A 33 -3.66 8.55 -5.55
N VAL A 34 -2.37 8.25 -5.61
CA VAL A 34 -1.79 7.20 -6.41
C VAL A 34 -0.41 6.86 -5.84
N ASP A 35 0.03 5.61 -5.96
CA ASP A 35 1.44 5.25 -5.78
C ASP A 35 1.74 3.95 -6.55
N VAL A 36 3.03 3.67 -6.77
CA VAL A 36 3.55 2.50 -7.47
C VAL A 36 4.21 1.59 -6.42
N ALA A 37 4.48 0.34 -6.76
CA ALA A 37 5.48 -0.47 -6.06
C ALA A 37 6.01 -1.55 -7.01
N ASP A 38 7.23 -1.41 -7.51
CA ASP A 38 7.97 -2.51 -8.09
C ASP A 38 8.69 -3.30 -7.00
N SER A 39 9.30 -4.43 -7.37
CA SER A 39 10.24 -5.21 -6.56
C SER A 39 11.02 -6.08 -7.54
N LEU A 40 12.28 -5.74 -7.82
CA LEU A 40 13.12 -6.42 -8.83
C LEU A 40 13.21 -7.95 -8.66
N LYS A 41 12.97 -8.43 -7.44
CA LYS A 41 13.12 -9.83 -7.07
C LYS A 41 12.21 -10.74 -7.90
N LYS A 42 11.08 -10.27 -8.40
CA LYS A 42 10.28 -10.99 -9.39
C LYS A 42 9.86 -10.00 -10.47
N ASN A 43 9.35 -10.53 -11.59
CA ASN A 43 8.96 -9.72 -12.74
C ASN A 43 7.73 -8.86 -12.43
N PHE A 44 6.82 -9.35 -11.59
CA PHE A 44 5.53 -8.71 -11.37
C PHE A 44 5.74 -7.35 -10.70
N ARG A 45 5.27 -6.28 -11.34
CA ARG A 45 5.10 -4.96 -10.73
C ARG A 45 3.75 -4.91 -10.01
N PHE A 46 3.57 -3.92 -9.15
CA PHE A 46 2.33 -3.64 -8.41
C PHE A 46 2.09 -2.13 -8.41
N ALA A 47 0.87 -1.69 -8.06
CA ALA A 47 0.53 -0.29 -7.72
C ALA A 47 -0.83 -0.23 -7.01
N ARG A 48 -1.20 0.92 -6.42
CA ARG A 48 -2.57 1.17 -5.95
C ARG A 48 -2.96 2.62 -6.22
N ILE A 49 -4.26 2.89 -6.36
CA ILE A 49 -4.78 4.19 -6.74
C ILE A 49 -6.07 4.49 -5.97
N GLU A 50 -6.13 5.64 -5.29
CA GLU A 50 -7.32 6.22 -4.69
C GLU A 50 -7.97 7.14 -5.72
N PHE A 51 -8.86 6.56 -6.52
CA PHE A 51 -9.77 7.28 -7.41
C PHE A 51 -10.77 8.13 -6.63
N ALA A 52 -11.10 7.73 -5.39
CA ALA A 52 -12.11 8.33 -4.54
C ALA A 52 -13.46 8.48 -5.26
N ARG A 53 -13.78 7.58 -6.20
CA ARG A 53 -15.08 7.45 -6.82
C ARG A 53 -15.34 5.97 -7.01
N TYR A 54 -16.61 5.58 -7.05
CA TYR A 54 -16.94 4.24 -7.50
C TYR A 54 -16.70 4.17 -9.00
N ASP A 55 -17.14 5.20 -9.73
CA ASP A 55 -17.00 5.34 -11.18
C ASP A 55 -15.56 5.15 -11.62
N GLY A 56 -14.65 5.91 -11.00
CA GLY A 56 -13.24 5.85 -11.32
C GLY A 56 -12.65 4.48 -11.01
N ALA A 57 -13.04 3.89 -9.87
CA ALA A 57 -12.63 2.56 -9.49
C ALA A 57 -13.10 1.55 -10.54
N LEU A 58 -14.36 1.56 -10.96
CA LEU A 58 -14.88 0.58 -11.92
C LEU A 58 -14.19 0.74 -13.25
N ALA A 59 -14.02 1.98 -13.74
CA ALA A 59 -13.25 2.23 -14.95
C ALA A 59 -11.84 1.64 -14.84
N ALA A 60 -11.21 1.69 -13.66
CA ALA A 60 -9.88 1.15 -13.44
C ALA A 60 -9.87 -0.38 -13.29
N ILE A 61 -10.87 -0.97 -12.64
CA ILE A 61 -11.06 -2.41 -12.45
C ILE A 61 -11.35 -3.06 -13.81
N THR A 62 -12.05 -2.38 -14.70
CA THR A 62 -12.38 -2.90 -16.04
C THR A 62 -11.19 -2.86 -17.02
N LYS A 63 -10.03 -2.32 -16.63
CA LYS A 63 -8.87 -2.25 -17.52
C LYS A 63 -8.16 -3.58 -17.74
N THR A 64 -8.36 -4.61 -16.90
CA THR A 64 -7.57 -5.85 -16.97
C THR A 64 -7.82 -6.59 -18.29
N HIS A 65 -9.08 -6.64 -18.76
CA HIS A 65 -9.48 -7.54 -19.83
C HIS A 65 -8.73 -7.28 -21.16
N LYS A 66 -8.28 -6.05 -21.40
CA LYS A 66 -7.45 -5.71 -22.55
C LYS A 66 -6.00 -5.99 -22.17
N VAL A 67 -5.47 -7.14 -22.61
CA VAL A 67 -4.06 -7.46 -22.58
C VAL A 67 -3.32 -6.38 -23.37
N VAL A 68 -2.14 -5.97 -22.91
CA VAL A 68 -1.37 -4.93 -23.57
C VAL A 68 -0.16 -5.57 -24.24
N GLY A 69 -0.45 -6.03 -25.46
CA GLY A 69 0.45 -6.71 -26.36
C GLY A 69 0.58 -8.15 -25.92
N GLN A 70 1.56 -8.42 -25.07
CA GLN A 70 1.80 -9.73 -24.46
C GLN A 70 2.05 -9.47 -22.96
N ASN A 71 1.10 -8.79 -22.32
CA ASN A 71 1.13 -8.51 -20.89
C ASN A 71 -0.31 -8.47 -20.37
N GLU A 72 -0.75 -9.59 -19.79
CA GLU A 72 -1.99 -9.69 -19.03
C GLU A 72 -1.80 -8.96 -17.70
N ILE A 73 -2.36 -7.78 -17.58
CA ILE A 73 -2.35 -7.00 -16.35
C ILE A 73 -3.52 -7.42 -15.46
N ILE A 74 -3.33 -7.34 -14.15
CA ILE A 74 -4.34 -7.66 -13.15
C ILE A 74 -4.76 -6.33 -12.56
N VAL A 75 -6.05 -6.04 -12.52
CA VAL A 75 -6.56 -4.86 -11.86
C VAL A 75 -7.84 -5.28 -11.13
N SER A 76 -8.05 -4.78 -9.92
CA SER A 76 -9.17 -5.10 -9.05
C SER A 76 -9.33 -4.03 -7.96
N HIS A 77 -10.37 -4.14 -7.13
CA HIS A 77 -10.57 -3.21 -6.01
C HIS A 77 -9.51 -3.47 -4.94
N LEU A 78 -9.30 -2.50 -4.07
CA LEU A 78 -8.39 -2.55 -2.94
C LEU A 78 -9.05 -3.31 -1.76
N THR A 79 -8.23 -3.93 -0.92
CA THR A 79 -8.62 -4.52 0.36
C THR A 79 -7.93 -3.75 1.50
N GLU A 80 -8.34 -3.99 2.74
CA GLU A 80 -7.87 -3.41 4.02
C GLU A 80 -6.44 -3.83 4.43
N CYS A 81 -5.53 -3.96 3.47
CA CYS A 81 -4.16 -4.43 3.65
C CYS A 81 -3.18 -3.42 4.26
N THR A 82 -3.72 -2.27 4.68
CA THR A 82 -2.96 -1.16 5.21
C THR A 82 -2.77 -1.46 6.70
N LEU A 83 -1.56 -1.86 7.08
CA LEU A 83 -1.21 -1.98 8.49
C LEU A 83 -0.67 -0.63 8.93
N TRP A 84 -1.36 0.03 9.85
CA TRP A 84 -1.06 1.37 10.30
C TRP A 84 -0.73 1.34 11.79
N MET A 85 0.04 2.32 12.24
CA MET A 85 0.72 2.28 13.53
C MET A 85 0.88 3.67 14.13
N THR A 86 1.22 3.74 15.43
CA THR A 86 1.78 4.94 16.06
C THR A 86 2.54 4.49 17.32
N ASN A 87 2.89 5.44 18.19
CA ASN A 87 3.50 5.23 19.50
C ASN A 87 4.79 4.43 19.37
N PHE A 88 5.79 5.05 18.73
CA PHE A 88 7.08 4.45 18.46
C PHE A 88 8.22 5.40 18.88
N PRO A 89 9.39 4.87 19.27
CA PRO A 89 10.53 5.68 19.69
C PRO A 89 11.27 6.30 18.49
N PRO A 90 12.14 7.31 18.70
CA PRO A 90 12.73 8.11 17.64
C PRO A 90 13.59 7.32 16.65
N SER A 91 14.13 6.16 17.02
CA SER A 91 14.87 5.31 16.10
C SER A 91 13.96 4.59 15.09
N TYR A 92 12.75 4.20 15.47
CA TYR A 92 11.96 3.24 14.70
C TYR A 92 11.47 3.93 13.43
N THR A 93 12.03 3.56 12.28
CA THR A 93 11.98 4.36 11.05
C THR A 93 11.58 3.51 9.84
N GLN A 94 11.31 4.18 8.72
CA GLN A 94 10.94 3.61 7.45
C GLN A 94 11.89 2.49 6.99
N ARG A 95 13.20 2.66 7.19
CA ARG A 95 14.17 1.62 6.84
C ARG A 95 14.03 0.40 7.77
N ASN A 96 13.78 0.62 9.06
CA ASN A 96 13.52 -0.49 9.97
C ASN A 96 12.29 -1.24 9.48
N ILE A 97 11.22 -0.55 9.11
CA ILE A 97 10.01 -1.21 8.62
C ILE A 97 10.35 -2.07 7.39
N ARG A 98 11.18 -1.56 6.48
CA ARG A 98 11.58 -2.30 5.27
C ARG A 98 12.29 -3.60 5.61
N ASP A 99 13.08 -3.60 6.69
CA ASP A 99 13.70 -4.79 7.23
C ASP A 99 12.67 -5.69 7.92
N LEU A 100 11.82 -5.10 8.77
CA LEU A 100 10.90 -5.79 9.66
C LEU A 100 9.84 -6.54 8.87
N LEU A 101 9.36 -5.97 7.76
CA LEU A 101 8.39 -6.60 6.87
C LEU A 101 8.98 -7.81 6.14
N GLN A 102 10.31 -7.81 5.93
CA GLN A 102 11.01 -8.98 5.44
C GLN A 102 11.13 -10.00 6.58
N ASP A 103 11.50 -9.54 7.78
CA ASP A 103 11.73 -10.36 8.96
C ASP A 103 10.48 -11.13 9.40
N ILE A 104 9.29 -10.52 9.26
CA ILE A 104 8.02 -11.14 9.61
C ILE A 104 7.47 -11.94 8.43
N ASN A 105 7.62 -11.41 7.20
CA ASN A 105 6.99 -11.97 6.01
C ASN A 105 8.03 -12.16 4.90
N VAL A 106 8.27 -11.13 4.08
CA VAL A 106 9.18 -11.13 2.92
C VAL A 106 9.12 -9.80 2.17
N VAL A 107 7.93 -9.42 1.67
CA VAL A 107 7.77 -8.39 0.64
C VAL A 107 6.80 -7.30 1.09
N ALA A 108 7.10 -6.04 0.80
CA ALA A 108 6.19 -4.95 1.08
C ALA A 108 5.15 -4.87 -0.02
N LEU A 109 4.13 -4.03 0.19
CA LEU A 109 3.54 -3.29 -0.90
C LEU A 109 4.14 -1.89 -0.82
N SER A 110 3.87 -1.10 0.22
CA SER A 110 4.31 0.30 0.30
C SER A 110 4.41 0.79 1.76
N ILE A 111 5.06 1.93 1.99
CA ILE A 111 5.37 2.44 3.32
C ILE A 111 5.18 3.98 3.33
N ARG A 112 4.18 4.50 4.04
CA ARG A 112 3.99 5.94 4.32
C ARG A 112 4.31 6.21 5.78
N LEU A 113 5.47 6.80 6.06
CA LEU A 113 5.68 7.48 7.35
C LEU A 113 5.20 8.93 7.23
N PRO A 114 4.90 9.62 8.32
CA PRO A 114 4.79 11.07 8.35
C PRO A 114 6.21 11.69 8.42
N SER A 115 6.33 12.94 8.01
CA SER A 115 7.58 13.70 8.01
C SER A 115 7.44 15.10 8.61
N LEU A 116 6.32 15.28 9.30
CA LEU A 116 5.83 16.46 10.02
C LEU A 116 6.72 16.86 11.22
N ARG A 117 7.79 16.10 11.48
CA ARG A 117 8.76 16.21 12.58
C ARG A 117 9.19 17.64 12.88
N PHE A 118 9.31 18.45 11.83
CA PHE A 118 9.63 19.88 11.89
C PHE A 118 8.94 20.59 13.05
N ASN A 119 7.63 20.38 13.24
CA ASN A 119 6.79 21.31 14.00
C ASN A 119 5.74 20.60 14.86
N THR A 120 6.17 19.53 15.53
CA THR A 120 5.36 18.72 16.46
C THR A 120 4.31 17.94 15.66
N SER A 121 4.73 16.81 15.11
CA SER A 121 3.94 15.99 14.22
C SER A 121 2.70 15.41 14.90
N ARG A 122 2.93 14.61 15.96
CA ARG A 122 1.96 13.73 16.61
C ARG A 122 1.13 12.81 15.69
N ARG A 123 1.47 12.78 14.42
CA ARG A 123 0.72 12.08 13.37
C ARG A 123 1.04 10.58 13.39
N PHE A 124 0.38 9.81 12.54
CA PHE A 124 0.46 8.35 12.50
C PHE A 124 1.21 7.88 11.25
N ALA A 125 1.52 6.58 11.17
CA ALA A 125 2.18 5.96 10.02
C ALA A 125 1.29 4.86 9.45
N TYR A 126 1.43 4.58 8.16
CA TYR A 126 0.50 3.79 7.35
C TYR A 126 1.34 2.96 6.37
N ILE A 127 1.30 1.64 6.46
CA ILE A 127 2.14 0.76 5.68
C ILE A 127 1.16 -0.21 5.00
N ASP A 128 1.57 -0.88 3.93
CA ASP A 128 0.67 -1.63 3.07
C ASP A 128 1.40 -2.90 2.72
N VAL A 129 0.77 -4.08 2.86
CA VAL A 129 1.44 -5.30 2.40
C VAL A 129 0.51 -6.25 1.66
N THR A 130 1.05 -6.86 0.60
CA THR A 130 0.40 -7.92 -0.17
C THR A 130 0.15 -9.14 0.74
N SER A 131 0.98 -9.33 1.77
CA SER A 131 0.99 -10.36 2.80
C SER A 131 -0.22 -10.37 3.75
N LYS A 132 -1.29 -9.67 3.41
CA LYS A 132 -2.42 -9.35 4.28
C LYS A 132 -3.00 -10.56 5.03
N GLU A 133 -2.82 -11.77 4.49
CA GLU A 133 -3.17 -13.00 5.17
C GLU A 133 -2.34 -13.21 6.43
N ASP A 134 -1.00 -13.22 6.34
CA ASP A 134 -0.09 -13.29 7.48
C ASP A 134 -0.16 -12.01 8.31
N ALA A 135 -0.52 -10.88 7.70
CA ALA A 135 -0.59 -9.60 8.39
C ALA A 135 -1.52 -9.65 9.61
N ARG A 136 -2.57 -10.47 9.56
CA ARG A 136 -3.50 -10.72 10.67
C ARG A 136 -2.80 -11.34 11.89
N TYR A 137 -1.83 -12.20 11.66
CA TYR A 137 -1.06 -12.86 12.70
C TYR A 137 0.00 -11.87 13.21
N CYS A 138 0.70 -11.19 12.30
CA CYS A 138 1.66 -10.14 12.62
C CYS A 138 1.04 -9.10 13.54
N VAL A 139 -0.16 -8.60 13.23
CA VAL A 139 -0.81 -7.53 14.01
C VAL A 139 -0.87 -7.88 15.46
N GLU A 140 -1.43 -9.05 15.68
CA GLU A 140 -1.73 -9.64 16.96
C GLU A 140 -0.51 -9.52 17.88
N LYS A 141 0.62 -10.03 17.40
CA LYS A 141 1.94 -9.89 18.00
C LYS A 141 2.25 -8.41 18.23
N LEU A 142 2.31 -7.63 17.15
CA LEU A 142 2.78 -6.25 17.15
C LEU A 142 1.99 -5.34 18.12
N ASN A 143 0.67 -5.45 18.18
CA ASN A 143 -0.22 -4.68 19.04
C ASN A 143 0.15 -4.81 20.52
N GLY A 144 0.88 -5.86 20.89
CA GLY A 144 1.42 -6.09 22.23
C GLY A 144 2.93 -6.26 22.19
N LEU A 145 3.62 -5.59 21.26
CA LEU A 145 5.07 -5.44 21.27
C LEU A 145 5.42 -4.34 22.26
N LYS A 146 6.62 -4.37 22.82
CA LYS A 146 7.13 -3.45 23.83
C LYS A 146 8.52 -3.00 23.41
N ILE A 147 8.71 -1.69 23.31
CA ILE A 147 9.97 -1.05 23.00
C ILE A 147 10.08 0.10 23.99
N GLU A 148 11.02 0.06 24.93
CA GLU A 148 11.25 1.11 25.94
C GLU A 148 10.05 1.32 26.88
N GLY A 149 9.05 0.43 26.83
CA GLY A 149 7.78 0.58 27.55
C GLY A 149 6.69 1.25 26.72
N TYR A 150 6.96 1.70 25.49
CA TYR A 150 5.93 2.00 24.51
C TYR A 150 5.38 0.67 24.00
N THR A 151 4.06 0.49 24.06
CA THR A 151 3.36 -0.51 23.29
C THR A 151 3.31 0.00 21.85
N LEU A 152 3.71 -0.83 20.90
CA LEU A 152 3.63 -0.51 19.48
C LEU A 152 2.19 -0.70 18.98
N VAL A 153 1.34 0.33 19.06
CA VAL A 153 -0.05 0.13 18.70
C VAL A 153 -0.14 0.18 17.18
N THR A 154 -0.80 -0.86 16.67
CA THR A 154 -0.92 -1.27 15.28
C THR A 154 -2.42 -1.49 14.99
N LYS A 155 -2.81 -1.59 13.71
CA LYS A 155 -3.94 -2.41 13.23
C LYS A 155 -3.68 -2.74 11.75
N VAL A 156 -4.40 -3.70 11.15
CA VAL A 156 -4.54 -3.79 9.70
C VAL A 156 -6.00 -3.41 9.44
N SER A 157 -6.25 -2.27 8.81
CA SER A 157 -7.60 -1.73 8.64
C SER A 157 -7.56 -0.60 7.61
N ASN A 158 -8.71 0.03 7.37
CA ASN A 158 -8.87 1.19 6.49
C ASN A 158 -9.25 2.40 7.37
N PRO A 159 -8.26 3.19 7.83
CA PRO A 159 -8.41 4.33 8.74
C PRO A 159 -8.94 5.61 8.04
N LEU A 160 -10.02 5.48 7.26
CA LEU A 160 -10.66 6.60 6.58
C LEU A 160 -12.14 6.37 6.32
N GLU A 161 -12.59 5.12 6.23
CA GLU A 161 -13.96 4.78 5.90
C GLU A 161 -14.70 4.47 7.20
N MET A 1 -15.97 8.81 3.29
CA MET A 1 -15.29 7.89 4.21
C MET A 1 -15.35 6.49 3.63
N ARG A 2 -14.23 5.76 3.62
CA ARG A 2 -14.13 4.34 3.25
C ARG A 2 -14.82 4.09 1.90
N GLU A 3 -14.13 4.36 0.79
CA GLU A 3 -14.74 4.39 -0.53
C GLU A 3 -13.93 3.52 -1.47
N LEU A 4 -14.52 2.40 -1.88
CA LEU A 4 -13.89 1.42 -2.75
C LEU A 4 -13.78 2.01 -4.16
N THR A 5 -12.74 2.81 -4.34
CA THR A 5 -12.43 3.62 -5.51
C THR A 5 -10.92 3.60 -5.80
N THR A 6 -10.12 3.17 -4.82
CA THR A 6 -8.72 2.85 -4.98
C THR A 6 -8.62 1.57 -5.81
N VAL A 7 -7.74 1.57 -6.80
CA VAL A 7 -7.52 0.48 -7.73
C VAL A 7 -6.08 0.00 -7.54
N LEU A 8 -5.88 -1.31 -7.58
CA LEU A 8 -4.59 -1.96 -7.47
C LEU A 8 -4.36 -2.81 -8.71
N VAL A 9 -3.27 -2.52 -9.41
CA VAL A 9 -2.80 -3.19 -10.61
C VAL A 9 -1.67 -4.15 -10.17
N LYS A 10 -1.69 -5.39 -10.67
CA LYS A 10 -0.67 -6.43 -10.44
C LYS A 10 -0.11 -6.87 -11.78
N ASN A 11 1.18 -7.20 -11.80
CA ASN A 11 1.98 -7.94 -12.78
C ASN A 11 2.77 -6.94 -13.62
N LEU A 12 2.05 -6.09 -14.36
CA LEU A 12 2.51 -4.94 -15.15
C LEU A 12 3.38 -5.35 -16.36
N PRO A 13 2.97 -5.02 -17.60
CA PRO A 13 3.76 -5.37 -18.79
C PRO A 13 5.00 -4.48 -18.92
N LYS A 14 6.10 -5.04 -19.45
CA LYS A 14 7.31 -4.29 -19.76
C LYS A 14 7.09 -3.17 -20.79
N SER A 15 5.99 -3.19 -21.55
CA SER A 15 5.74 -2.22 -22.62
C SER A 15 5.58 -0.79 -22.09
N TYR A 16 5.38 -0.59 -20.78
CA TYR A 16 5.38 0.71 -20.13
C TYR A 16 6.01 0.62 -18.74
N ASN A 17 6.05 1.75 -18.04
CA ASN A 17 6.61 1.91 -16.69
C ASN A 17 6.00 3.17 -16.08
N GLN A 18 6.32 3.53 -14.82
CA GLN A 18 5.70 4.56 -14.01
C GLN A 18 5.55 5.91 -14.72
N ASN A 19 6.57 6.31 -15.48
CA ASN A 19 6.55 7.56 -16.25
C ASN A 19 5.40 7.55 -17.25
N LYS A 20 5.43 6.52 -18.09
CA LYS A 20 4.49 6.35 -19.19
C LYS A 20 3.08 6.09 -18.65
N VAL A 21 2.95 5.39 -17.52
CA VAL A 21 1.66 5.22 -16.86
C VAL A 21 1.08 6.57 -16.46
N TYR A 22 1.87 7.44 -15.81
CA TYR A 22 1.43 8.77 -15.42
C TYR A 22 0.98 9.58 -16.64
N LYS A 23 1.58 9.37 -17.82
CA LYS A 23 1.07 10.00 -19.05
C LYS A 23 -0.30 9.50 -19.44
N TYR A 24 -0.63 8.22 -19.24
CA TYR A 24 -1.95 7.74 -19.59
C TYR A 24 -2.98 8.02 -18.49
N PHE A 25 -2.58 8.12 -17.21
CA PHE A 25 -3.53 8.16 -16.09
C PHE A 25 -4.57 9.27 -16.29
N LYS A 26 -4.14 10.39 -16.87
CA LYS A 26 -4.97 11.56 -17.07
C LYS A 26 -6.05 11.34 -18.13
N HIS A 27 -5.80 10.43 -19.08
CA HIS A 27 -6.75 10.08 -20.14
C HIS A 27 -7.86 9.18 -19.61
N CYS A 28 -7.57 8.37 -18.59
CA CYS A 28 -8.58 7.58 -17.92
C CYS A 28 -9.57 8.55 -17.29
N GLY A 29 -9.13 9.40 -16.37
CA GLY A 29 -10.05 10.32 -15.72
C GLY A 29 -9.41 11.09 -14.58
N PRO A 30 -10.23 11.86 -13.84
CA PRO A 30 -9.80 12.71 -12.74
C PRO A 30 -9.36 11.83 -11.57
N ILE A 31 -8.17 12.11 -11.00
CA ILE A 31 -7.50 11.28 -10.01
C ILE A 31 -7.09 12.18 -8.85
N ILE A 32 -7.15 11.68 -7.61
CA ILE A 32 -6.60 12.35 -6.43
C ILE A 32 -5.16 11.86 -6.23
N HIS A 33 -4.91 10.54 -6.20
CA HIS A 33 -3.55 10.06 -5.92
C HIS A 33 -3.15 8.92 -6.85
N VAL A 34 -1.86 8.75 -7.08
CA VAL A 34 -1.29 7.71 -7.92
C VAL A 34 0.11 7.41 -7.38
N ASP A 35 0.51 6.13 -7.37
CA ASP A 35 1.87 5.72 -7.05
C ASP A 35 2.17 4.32 -7.61
N VAL A 36 3.42 3.83 -7.52
CA VAL A 36 3.77 2.47 -7.95
C VAL A 36 4.57 1.72 -6.89
N ALA A 37 4.74 0.41 -7.10
CA ALA A 37 5.65 -0.44 -6.35
C ALA A 37 6.22 -1.51 -7.29
N ASP A 38 7.50 -1.40 -7.63
CA ASP A 38 8.30 -2.53 -8.10
C ASP A 38 8.70 -3.36 -6.87
N SER A 39 8.92 -4.67 -7.01
CA SER A 39 9.41 -5.57 -5.97
C SER A 39 10.51 -6.47 -6.56
N LEU A 40 11.76 -6.16 -6.24
CA LEU A 40 12.97 -6.90 -6.60
C LEU A 40 12.97 -8.38 -6.16
N LYS A 41 12.03 -8.79 -5.31
CA LYS A 41 11.95 -10.17 -4.82
C LYS A 41 11.37 -11.13 -5.87
N LYS A 42 10.58 -10.67 -6.83
CA LYS A 42 10.11 -11.47 -7.99
C LYS A 42 10.22 -10.57 -9.22
N ASN A 43 9.59 -10.93 -10.34
CA ASN A 43 9.55 -10.10 -11.54
C ASN A 43 8.35 -9.18 -11.62
N PHE A 44 7.36 -9.33 -10.73
CA PHE A 44 6.11 -8.59 -10.82
C PHE A 44 6.32 -7.13 -10.41
N ARG A 45 5.61 -6.21 -11.07
CA ARG A 45 5.42 -4.86 -10.56
C ARG A 45 3.94 -4.68 -10.23
N PHE A 46 3.63 -3.61 -9.51
CA PHE A 46 2.34 -3.32 -8.94
C PHE A 46 2.11 -1.81 -9.02
N ALA A 47 0.86 -1.35 -8.87
CA ALA A 47 0.58 0.08 -8.83
C ALA A 47 -0.74 0.39 -8.13
N ARG A 48 -0.83 1.56 -7.49
CA ARG A 48 -2.04 2.06 -6.83
C ARG A 48 -2.50 3.34 -7.54
N ILE A 49 -3.79 3.49 -7.79
CA ILE A 49 -4.38 4.78 -8.18
C ILE A 49 -5.62 4.98 -7.32
N GLU A 50 -5.92 6.21 -6.95
CA GLU A 50 -7.03 6.60 -6.11
C GLU A 50 -7.79 7.70 -6.83
N PHE A 51 -8.79 7.24 -7.58
CA PHE A 51 -9.74 8.01 -8.37
C PHE A 51 -10.76 8.77 -7.52
N ALA A 52 -11.07 8.29 -6.31
CA ALA A 52 -12.22 8.68 -5.50
C ALA A 52 -13.60 8.56 -6.20
N ARG A 53 -13.67 8.13 -7.46
CA ARG A 53 -14.91 7.89 -8.20
C ARG A 53 -14.98 6.42 -8.57
N TYR A 54 -16.16 5.87 -8.41
CA TYR A 54 -16.56 4.55 -8.90
C TYR A 54 -16.29 4.45 -10.40
N ASP A 55 -16.73 5.48 -11.13
CA ASP A 55 -16.71 5.63 -12.58
C ASP A 55 -15.30 5.55 -13.14
N GLY A 56 -14.38 6.33 -12.54
CA GLY A 56 -12.98 6.34 -12.90
C GLY A 56 -12.32 5.01 -12.58
N ALA A 57 -12.69 4.39 -11.46
CA ALA A 57 -12.18 3.08 -11.08
C ALA A 57 -12.61 2.00 -12.08
N LEU A 58 -13.85 2.03 -12.59
CA LEU A 58 -14.33 1.08 -13.59
C LEU A 58 -13.43 1.08 -14.83
N ALA A 59 -12.97 2.26 -15.24
CA ALA A 59 -12.08 2.43 -16.37
C ALA A 59 -10.69 1.83 -16.13
N ALA A 60 -10.28 1.71 -14.85
CA ALA A 60 -9.04 1.06 -14.47
C ALA A 60 -9.20 -0.45 -14.52
N ILE A 61 -10.22 -0.98 -13.83
CA ILE A 61 -10.50 -2.42 -13.72
C ILE A 61 -10.51 -2.99 -15.15
N THR A 62 -11.30 -2.42 -16.06
CA THR A 62 -11.59 -3.05 -17.37
C THR A 62 -12.13 -4.47 -17.29
N LYS A 63 -12.69 -4.83 -16.14
CA LYS A 63 -12.95 -6.20 -15.69
C LYS A 63 -11.70 -7.11 -15.78
N THR A 64 -10.55 -6.58 -16.17
CA THR A 64 -9.29 -7.28 -16.33
C THR A 64 -9.39 -8.56 -17.22
N HIS A 65 -10.38 -8.62 -18.11
CA HIS A 65 -10.58 -9.78 -18.99
C HIS A 65 -9.41 -9.94 -19.96
N LYS A 66 -9.02 -8.86 -20.66
CA LYS A 66 -8.00 -8.93 -21.69
C LYS A 66 -6.64 -8.72 -21.04
N VAL A 67 -5.64 -9.46 -21.50
CA VAL A 67 -4.24 -9.20 -21.22
C VAL A 67 -3.86 -7.81 -21.74
N VAL A 68 -2.75 -7.24 -21.27
CA VAL A 68 -2.33 -5.88 -21.55
C VAL A 68 -0.83 -5.94 -21.81
N GLY A 69 -0.37 -5.36 -22.91
CA GLY A 69 1.04 -5.35 -23.29
C GLY A 69 1.70 -6.73 -23.22
N GLN A 70 0.99 -7.77 -23.68
CA GLN A 70 1.43 -9.17 -23.70
C GLN A 70 1.77 -9.69 -22.30
N ASN A 71 0.91 -9.42 -21.33
CA ASN A 71 0.99 -9.93 -19.97
C ASN A 71 -0.41 -9.94 -19.40
N GLU A 72 -0.76 -11.00 -18.66
CA GLU A 72 -2.03 -11.01 -17.94
C GLU A 72 -1.83 -10.21 -16.66
N ILE A 73 -2.35 -9.00 -16.63
CA ILE A 73 -2.39 -8.19 -15.41
C ILE A 73 -3.61 -8.61 -14.59
N ILE A 74 -3.64 -8.20 -13.33
CA ILE A 74 -4.84 -8.11 -12.52
C ILE A 74 -5.07 -6.63 -12.30
N VAL A 75 -6.30 -6.14 -12.48
CA VAL A 75 -6.73 -4.90 -11.86
C VAL A 75 -7.95 -5.23 -11.01
N SER A 76 -7.93 -4.81 -9.75
CA SER A 76 -9.18 -4.75 -8.98
C SER A 76 -9.05 -3.76 -7.83
N HIS A 77 -10.16 -3.52 -7.13
CA HIS A 77 -10.18 -2.59 -6.01
C HIS A 77 -9.20 -3.04 -4.94
N LEU A 78 -8.62 -2.07 -4.24
CA LEU A 78 -7.78 -2.33 -3.10
C LEU A 78 -8.64 -2.47 -1.84
N THR A 79 -8.26 -3.39 -0.96
CA THR A 79 -8.97 -3.76 0.26
C THR A 79 -8.48 -2.90 1.44
N GLU A 80 -8.96 -3.14 2.66
CA GLU A 80 -8.69 -2.34 3.85
C GLU A 80 -7.21 -2.29 4.29
N CYS A 81 -6.27 -2.84 3.50
CA CYS A 81 -4.93 -3.36 3.88
C CYS A 81 -3.84 -2.34 4.25
N THR A 82 -4.30 -1.20 4.70
CA THR A 82 -3.49 -0.22 5.39
C THR A 82 -3.49 -0.71 6.85
N LEU A 83 -2.35 -0.60 7.51
CA LEU A 83 -2.17 -0.89 8.92
C LEU A 83 -1.57 0.36 9.54
N TRP A 84 -1.88 0.61 10.80
CA TRP A 84 -1.37 1.77 11.51
C TRP A 84 -0.61 1.35 12.77
N MET A 85 0.30 2.20 13.20
CA MET A 85 1.18 2.00 14.35
C MET A 85 1.16 3.21 15.27
N THR A 86 1.51 2.97 16.53
CA THR A 86 1.63 3.94 17.61
C THR A 86 2.79 3.49 18.52
N ASN A 87 3.12 4.28 19.56
CA ASN A 87 4.05 3.99 20.67
C ASN A 87 5.54 3.94 20.29
N PHE A 88 5.90 4.21 19.04
CA PHE A 88 7.22 3.91 18.47
C PHE A 88 8.37 4.79 19.01
N PRO A 89 9.57 4.22 19.23
CA PRO A 89 10.77 4.94 19.64
C PRO A 89 11.35 5.77 18.47
N PRO A 90 12.35 6.65 18.68
CA PRO A 90 12.88 7.50 17.63
C PRO A 90 13.45 6.69 16.47
N SER A 91 14.20 5.63 16.77
CA SER A 91 14.92 4.80 15.81
C SER A 91 14.03 4.13 14.76
N TYR A 92 12.78 3.83 15.12
CA TYR A 92 11.85 3.15 14.23
C TYR A 92 11.48 4.11 13.11
N THR A 93 11.92 3.76 11.91
CA THR A 93 11.91 4.59 10.72
C THR A 93 11.47 3.70 9.56
N GLN A 94 11.23 4.26 8.36
CA GLN A 94 10.70 3.57 7.23
C GLN A 94 11.51 2.30 6.97
N ARG A 95 12.83 2.43 6.87
CA ARG A 95 13.71 1.31 6.58
C ARG A 95 13.54 0.17 7.57
N ASN A 96 13.37 0.49 8.86
CA ASN A 96 13.19 -0.54 9.90
C ASN A 96 11.92 -1.33 9.60
N ILE A 97 10.80 -0.63 9.41
CA ILE A 97 9.47 -1.24 9.35
C ILE A 97 9.38 -2.10 8.08
N ARG A 98 9.85 -1.53 6.97
CA ARG A 98 9.94 -2.15 5.66
C ARG A 98 10.79 -3.41 5.69
N ASP A 99 11.86 -3.46 6.50
CA ASP A 99 12.62 -4.69 6.70
C ASP A 99 11.79 -5.65 7.54
N LEU A 100 11.24 -5.19 8.66
CA LEU A 100 10.64 -6.02 9.70
C LEU A 100 9.49 -6.89 9.20
N LEU A 101 8.69 -6.38 8.27
CA LEU A 101 7.64 -7.13 7.60
C LEU A 101 8.23 -8.11 6.59
N GLN A 102 9.29 -7.71 5.89
CA GLN A 102 9.94 -8.54 4.87
C GLN A 102 10.68 -9.70 5.53
N ASP A 103 11.20 -9.46 6.73
CA ASP A 103 11.91 -10.35 7.62
C ASP A 103 11.01 -11.48 8.15
N ILE A 104 9.67 -11.32 8.11
CA ILE A 104 8.73 -12.36 8.42
C ILE A 104 8.32 -13.01 7.09
N ASN A 105 7.72 -12.27 6.15
CA ASN A 105 7.23 -12.82 4.86
C ASN A 105 6.51 -11.83 3.96
N VAL A 106 6.19 -10.66 4.48
CA VAL A 106 5.29 -9.67 3.91
C VAL A 106 5.99 -8.97 2.72
N VAL A 107 5.25 -8.23 1.88
CA VAL A 107 5.79 -7.24 0.96
C VAL A 107 5.09 -5.90 1.19
N ALA A 108 5.89 -4.85 1.42
CA ALA A 108 5.41 -3.48 1.56
C ALA A 108 5.02 -2.92 0.20
N LEU A 109 3.74 -2.62 0.00
CA LEU A 109 3.25 -1.99 -1.21
C LEU A 109 3.42 -0.47 -1.12
N SER A 110 3.13 0.14 0.03
CA SER A 110 3.52 1.51 0.34
C SER A 110 3.88 1.63 1.82
N ILE A 111 4.53 2.73 2.20
CA ILE A 111 4.84 3.06 3.58
C ILE A 111 4.59 4.57 3.73
N ARG A 112 3.90 5.00 4.78
CA ARG A 112 3.56 6.41 5.01
C ARG A 112 4.00 6.81 6.41
N LEU A 113 5.09 7.57 6.51
CA LEU A 113 5.64 8.03 7.78
C LEU A 113 5.04 9.39 8.15
N PRO A 114 4.88 9.68 9.45
CA PRO A 114 4.60 11.01 9.95
C PRO A 114 5.86 11.88 9.87
N SER A 115 5.69 13.18 10.07
CA SER A 115 6.77 14.16 10.08
C SER A 115 6.66 15.07 11.30
N LEU A 116 6.35 14.52 12.47
CA LEU A 116 6.04 15.33 13.65
C LEU A 116 7.25 16.10 14.22
N ARG A 117 8.45 15.98 13.64
CA ARG A 117 9.52 16.92 13.89
C ARG A 117 9.25 18.30 13.27
N PHE A 118 8.42 18.39 12.23
CA PHE A 118 7.95 19.66 11.69
C PHE A 118 6.82 20.24 12.54
N ASN A 119 6.01 19.44 13.24
CA ASN A 119 4.85 19.94 13.99
C ASN A 119 4.44 19.00 15.13
N THR A 120 4.03 19.55 16.27
CA THR A 120 3.42 18.86 17.39
C THR A 120 2.11 18.20 16.94
N SER A 121 2.20 16.98 16.42
CA SER A 121 1.05 16.28 15.84
C SER A 121 0.74 14.96 16.53
N ARG A 122 1.72 14.36 17.23
CA ARG A 122 1.64 13.16 18.08
C ARG A 122 0.68 12.08 17.55
N ARG A 123 0.59 11.91 16.24
CA ARG A 123 -0.41 11.10 15.56
C ARG A 123 0.08 9.64 15.46
N PHE A 124 -0.48 8.86 14.54
CA PHE A 124 -0.07 7.50 14.24
C PHE A 124 0.64 7.48 12.90
N ALA A 125 1.23 6.35 12.55
CA ALA A 125 1.93 6.10 11.28
C ALA A 125 1.20 5.01 10.51
N TYR A 126 1.39 4.89 9.19
CA TYR A 126 0.58 4.00 8.36
C TYR A 126 1.47 3.25 7.38
N ILE A 127 1.19 1.97 7.10
CA ILE A 127 1.91 1.16 6.12
C ILE A 127 0.83 0.41 5.34
N ASP A 128 1.09 0.01 4.10
CA ASP A 128 0.09 -0.63 3.26
C ASP A 128 0.74 -1.87 2.68
N VAL A 129 0.17 -3.06 2.96
CA VAL A 129 0.77 -4.28 2.44
C VAL A 129 -0.29 -5.15 1.79
N THR A 130 0.05 -5.71 0.63
CA THR A 130 -0.80 -6.60 -0.15
C THR A 130 -0.78 -8.02 0.44
N SER A 131 0.27 -8.33 1.22
CA SER A 131 0.47 -9.47 2.11
C SER A 131 -0.52 -9.53 3.28
N LYS A 132 -1.62 -8.78 3.22
CA LYS A 132 -2.56 -8.48 4.29
C LYS A 132 -3.04 -9.68 5.10
N GLU A 133 -2.99 -10.88 4.52
CA GLU A 133 -3.31 -12.11 5.23
C GLU A 133 -2.23 -12.42 6.27
N ASP A 134 -0.96 -12.45 5.86
CA ASP A 134 0.20 -12.61 6.76
C ASP A 134 0.26 -11.47 7.78
N ALA A 135 -0.13 -10.26 7.36
CA ALA A 135 -0.03 -9.08 8.22
C ALA A 135 -0.78 -9.27 9.54
N ARG A 136 -1.88 -10.04 9.55
CA ARG A 136 -2.65 -10.39 10.75
C ARG A 136 -1.85 -11.26 11.71
N TYR A 137 -1.02 -12.18 11.23
CA TYR A 137 -0.11 -12.94 12.07
C TYR A 137 0.97 -11.99 12.63
N CYS A 138 1.61 -11.22 11.75
CA CYS A 138 2.71 -10.34 12.11
C CYS A 138 2.30 -9.34 13.20
N VAL A 139 1.10 -8.77 13.12
CA VAL A 139 0.57 -7.88 14.17
C VAL A 139 0.56 -8.54 15.52
N GLU A 140 -0.07 -9.68 15.53
CA GLU A 140 -0.32 -10.51 16.68
C GLU A 140 0.98 -10.93 17.40
N LYS A 141 2.12 -10.98 16.68
CA LYS A 141 3.44 -11.02 17.29
C LYS A 141 3.84 -9.64 17.77
N LEU A 142 4.02 -8.68 16.86
CA LEU A 142 4.73 -7.42 17.13
C LEU A 142 4.03 -6.53 18.15
N ASN A 143 2.71 -6.42 18.04
CA ASN A 143 1.96 -5.56 18.94
C ASN A 143 2.05 -6.14 20.36
N GLY A 144 2.16 -5.29 21.36
CA GLY A 144 2.32 -5.69 22.75
C GLY A 144 3.78 -6.00 23.11
N LEU A 145 4.71 -5.95 22.16
CA LEU A 145 6.13 -5.94 22.44
C LEU A 145 6.47 -4.71 23.29
N LYS A 146 7.53 -4.78 24.08
CA LYS A 146 8.05 -3.69 24.90
C LYS A 146 9.49 -3.48 24.52
N ILE A 147 9.81 -2.24 24.16
CA ILE A 147 11.07 -1.67 23.75
C ILE A 147 11.07 -0.29 24.42
N GLU A 148 12.16 0.09 25.08
CA GLU A 148 12.38 1.41 25.67
C GLU A 148 11.31 1.78 26.71
N GLY A 149 10.52 0.81 27.20
CA GLY A 149 9.50 1.04 28.21
C GLY A 149 8.17 1.49 27.61
N TYR A 150 8.16 1.85 26.33
CA TYR A 150 6.94 1.97 25.53
C TYR A 150 6.47 0.57 25.17
N THR A 151 5.22 0.42 24.72
CA THR A 151 4.64 -0.85 24.33
C THR A 151 4.16 -0.70 22.89
N LEU A 152 4.90 -1.24 21.91
CA LEU A 152 4.60 -1.00 20.49
C LEU A 152 3.24 -1.58 20.16
N VAL A 153 2.45 -0.88 19.35
CA VAL A 153 1.16 -1.40 18.89
C VAL A 153 1.05 -1.13 17.39
N THR A 154 0.68 -2.17 16.65
CA THR A 154 0.23 -2.13 15.27
C THR A 154 -1.25 -2.55 15.28
N LYS A 155 -2.03 -2.16 14.28
CA LYS A 155 -3.38 -2.65 14.02
C LYS A 155 -3.51 -2.76 12.50
N VAL A 156 -3.97 -3.90 11.97
CA VAL A 156 -4.22 -4.07 10.54
C VAL A 156 -5.73 -3.92 10.40
N SER A 157 -6.20 -2.71 10.11
CA SER A 157 -7.59 -2.38 9.85
C SER A 157 -7.59 -1.09 9.04
N ASN A 158 -8.65 -0.82 8.31
CA ASN A 158 -8.97 0.47 7.71
C ASN A 158 -8.89 1.56 8.79
N PRO A 159 -7.95 2.52 8.66
CA PRO A 159 -7.58 3.49 9.71
C PRO A 159 -8.60 4.58 10.07
N LEU A 160 -9.87 4.33 9.82
CA LEU A 160 -10.99 5.23 9.99
C LEU A 160 -12.21 4.49 10.57
N GLU A 161 -12.12 3.19 10.79
CA GLU A 161 -13.08 2.36 11.47
C GLU A 161 -12.34 1.60 12.57
#